data_6AGB
#
_entry.id   6AGB
#
_cell.length_a   1
_cell.length_b   1
_cell.length_c   1
_cell.angle_alpha   90
_cell.angle_beta   90
_cell.angle_gamma   90
#
_symmetry.space_group_name_H-M   'P 1'
#
loop_
_entity.id
_entity.type
_entity.pdbx_description
1 polymer 'Ribonuclease P RNA'
2 polymer 'Ribonucleases P/MRP protein subunit POP1'
3 polymer 'Ribonucleases P/MRP protein subunit POP3'
4 polymer 'RNases MRP/P 32.9 kDa subunit'
5 polymer 'Ribonuclease P/MRP protein subunit POP5'
6 polymer 'Ribonucleases P/MRP protein subunit POP6'
7 polymer 'Ribonucleases P/MRP protein subunit POP7'
8 polymer 'Ribonucleases P/MRP protein subunit POP8'
9 polymer 'Ribonuclease P/MRP protein subunit RPP1'
10 polymer 'Ribonuclease P protein subunit RPR2'
11 non-polymer 'ZINC ION'
#
loop_
_entity_poly.entity_id
_entity_poly.type
_entity_poly.pdbx_seq_one_letter_code
_entity_poly.pdbx_strand_id
1 'polyribonucleotide'
;GUGGAACAGUGGUAAUUCCUACGAUUAAGAAACCUGUUUACAGAAGGAUCCCCACCUAUGGGCGGGUUAUCAGAUAUUAU
CAGGUGGGAAAUUCGGUGGAACACAGUGGAGCCUUGUCCUCCGGGUUAAUGUCGCUUUUGGCAUUGGCCCCUGCUCCUGA
GAGAAGAAAUAUACUGGGGAACCAGUCUUUACCGACCGUUGUUAUCAGAAAUUCACGGAGUUCGGCCUAGGUCGGACUCC
GAUGGGAACGGCAACGGUUGUUCCGUUUGACUUGUCGCCCGCUACGGCGUGAGCGUCAAGGUCUGUUGAGUGCAAUCGUA
GGACGUCAUUAGUGGCGAACCCGAUACCGAUUACUGCUGCUGUUCCAGC
;
A
2 'polypeptide(L)'
;MSGSLSRGNGGKKVLNKNQLLKRNRIRNARSIRAEAVAASSTKTGTPSDLSESGSKLNVDQFISSRQFEVKQLQLAMHNS
KAASSTRIFQALPRKLRRRTASHNVRRIPKRMRNRALREMRKSDQQDVLKGSSASSRKAHGLNAKQLYKARMSIKLLRLA
SKSTSMKLSMPPEVTSSNCHVRQKIKTLKRMIKESSTANPNIKLLNNRMGSYDCTGVNELAPIPKGRVKYTKRQKHFAWL
PTHIWNAKRSHMMKRWGYQMVWAPTQKCFKLTHRLGGDTCSSDGALCMDSSYIGTIIVKDKSNDSEGDFLKSIIGKLTAE
RANLRKYREGQVLFQGLIYSFNEENGEDSTKPLGPCDVFWVQKDTAIIRLHPSIYTQVFNILLQHKEKLTVQDCRYSLAS
VTLKGAKALESLASCLRSTEYSKSFEQFKMVSMITDHNALPQRCTFAFEAIDPRHLAAPKKLNDSQRKTVNSDDILSLHE
NYPQDEINAVFNELCDPESRTQSYNNQNTLKEISARRYKLLTATPNSINKTTVPFKESDDPSIPLVIIRRLKTRDWIVVL
PWFWLLPLWHLLNRIPRMYHIGLRQFQQIQYENKQLYFPDDYPFTQLGYIENSFYKKEASKTKWDRKPMGKRINFEKIKD
IHNTKLPAYSGEIGDFFSSDWRFLQILRNGIDYLQRNDKTLELMDSKKTGQFNAQGVRDINCVNDVLEFCKDYEAKTKAM
SLSIEENIPVALCKNRKCQFRTPDSISVNSSSFSLTFFPRCIIAVSCTLLERGHPKDNARIYQVPEKDLEHWLQLAKGVY
RPNGRKDHDLKIPLPEVHDLIGFITSGTYHLNCGNGMGIGFIDHHAAIRQPTRYVLIRNVGTNTYRLGEWSKISV
;
B
3 'polypeptide(L)'
;MSGSLKSLDKKIAKRRQVYKPVLDNPFTNEAHMWPRVHDQPLIWQLLQSSIINKLIHIQSKENYPWELYTDFNEIVQYLS
GAHGNSDPVCLFVCNKDPDVPLVLLQQIPLLCYMAPMTVKLVQLPKSAMDTFKSVSKYGMLLLRCDDRVDKKFVSQIQKN
VDLLQFPWLNAIKYRPTSVKLLKTTVPIVSKKRQK
;
C
4 'polypeptide(L)'
;MDRTQTFIKDCLFTKCLEDPEKPFNENRFQDTLLLLPTDGGLTSRLQRQQRKSKLNLDNLQKVSQLESADKQLEKRDYQR
INKNSKIALREYINNCKKNTKKCLKLAYENKITDKEDLLHYIEEKHPTIYESLPQYVDFVPMYKELWINYIKELLNITKN
LKTFNGSLALLKLSMADYNGALLRVTKSKNKTLIGLQGIVIWDSQKFFIMIVKGNIIDEIKCIPKKGTVFQFEIPISDDD
DSALRYSILGDRFKYRSVDRAGRKFKSRRCDDMLYYIQN
;
D
5 'polypeptide(L)'
;MVRLKSRYILFEIIFPPTDTNVEESVSKADILLSHHRASPADVSIKSILQEIRRSLSLNLGDYGSAKCNSLLQLKYFSNK
TSTGIIRCHREDCDLVIMALMLMSKIGDVDGLIVNPVKVSGTIKKIEQFAMRRNSKILNIIKCSQSSHLSDNDFIINDFK
KIGRENENENEDD
;
E
6 'polypeptide(L)'
;MINGVYYNEISRDLDISSSTQCLRFLKETVIPSLANNGNNSTSIQYHGISKNDNIKKSVNKLDKQINMADRSLGLQQVVC
IFSYGPHIQKMLSILEIFKKGYIKNNKKIYQWNKLTSFDIKREGRNELQEERLKVPILVTLVSDSEIIDLNLHSFTKQ
;
F
7 'polypeptide(L)'
;MALKKNTHNKSTKRVTKHPSLKTLTHKQIHTTIFVKSTTPYVSALKRINKFLDSVHKQGSSYVAVLGMGKAVEKTLALGC
HFQDQKNKKIEVYTKTIEVLDEVITEGQADIDMESDVEDDDKETQLKKRAVSGVELRIYV
;
G
8 'polypeptide(L)'
;MGKKTFREWQYFKLSITSFDQDVDDAHAIDQMTWRQWLNNALKRSYGIFGEGVEYSFLHVDDKLAYIRVNHADKDTFSSS
ISTYISTDELVGSPLTVSILQESSSLRLLEVTDDDRLWLKKVMEEEEQDCKCI
;
H
9 'polypeptide(L)'
;MLVDLNVPWPQNSYADKVTSQAVNNLIKTLSTLHMLGYTHIAINFTVNHSEKFPNDVKLLNPIDIKRRFGELMDRTGLKL
YSRITLIIDDPSKGQSLSKISQAFDIVAALPISEKGLTLSTTNLDIDLLTFQYGSRLPTFLKHKSICSCVNRGVKLEIVY
GYALRDVQARRQFVSNVRSVIRSSRSRGIVIGSGAMSPLECRNILGVTSLIKNLGLPSDRCSKAMGDLASLVLLNGRLRN
KSHKQTIVTGGGSGNGDDVVNDVQGIDDVQTIKVVKRSMDAEQLGHASKRHKP
;
I,J
10 'polypeptide(L)'
;MGKKAHGGKMKPEIDENGTLLVPPPRTIANQDHFHRLNYLYQISAYQTRARQKARTDAHTPLARNYIKSMDLISKKTKTS
LLPTIKRTICKKCHRLLWTPKKLEITSDGALSVMCGCGTVKRFNIGADPNYRTYSEREGNLLNS
;
K
#
# COMPACT_ATOMS: atom_id res chain seq x y z
N GLY B 54 -0.34 -28.83 -43.82
CA GLY B 54 -0.08 -27.58 -44.52
C GLY B 54 -0.42 -27.62 -45.99
N SER B 55 -1.29 -26.70 -46.43
CA SER B 55 -1.71 -26.63 -47.81
C SER B 55 -2.11 -25.20 -48.13
N LYS B 56 -1.71 -24.73 -49.32
CA LYS B 56 -1.96 -23.36 -49.74
C LYS B 56 -3.44 -23.13 -50.01
N LEU B 57 -3.93 -21.95 -49.64
CA LEU B 57 -5.33 -21.61 -49.78
C LEU B 57 -5.47 -20.32 -50.60
N ASN B 58 -6.72 -19.99 -50.94
CA ASN B 58 -6.99 -18.81 -51.73
C ASN B 58 -6.95 -17.55 -50.87
N VAL B 59 -7.09 -16.40 -51.53
CA VAL B 59 -7.02 -15.12 -50.83
C VAL B 59 -8.34 -14.81 -50.13
N ASP B 60 -9.45 -15.05 -50.84
CA ASP B 60 -10.77 -14.73 -50.31
C ASP B 60 -11.14 -15.64 -49.15
N GLN B 61 -10.80 -16.93 -49.25
CA GLN B 61 -11.03 -17.86 -48.15
C GLN B 61 -10.18 -17.49 -46.93
N PHE B 62 -8.96 -17.03 -47.16
CA PHE B 62 -8.09 -16.60 -46.06
C PHE B 62 -8.65 -15.38 -45.35
N ILE B 63 -9.05 -14.35 -46.09
CA ILE B 63 -9.54 -13.13 -45.46
C ILE B 63 -10.91 -13.37 -44.81
N SER B 64 -11.70 -14.30 -45.37
CA SER B 64 -12.98 -14.64 -44.77
C SER B 64 -12.79 -15.41 -43.46
N SER B 65 -11.83 -16.34 -43.43
CA SER B 65 -11.57 -17.11 -42.21
C SER B 65 -10.98 -16.22 -41.12
N ARG B 66 -10.07 -15.30 -41.48
CA ARG B 66 -9.49 -14.41 -40.49
C ARG B 66 -10.51 -13.39 -39.99
N GLN B 67 -11.41 -12.92 -40.87
CA GLN B 67 -12.45 -11.99 -40.43
C GLN B 67 -13.47 -12.68 -39.54
N PHE B 68 -13.78 -13.94 -39.84
CA PHE B 68 -14.67 -14.72 -38.97
C PHE B 68 -14.01 -15.00 -37.62
N GLU B 69 -12.68 -15.16 -37.61
CA GLU B 69 -11.96 -15.36 -36.34
C GLU B 69 -11.96 -14.08 -35.52
N VAL B 70 -11.81 -12.92 -36.16
CA VAL B 70 -11.87 -11.64 -35.46
C VAL B 70 -13.27 -11.42 -34.89
N LYS B 71 -14.30 -11.74 -35.67
CA LYS B 71 -15.68 -11.62 -35.19
C LYS B 71 -15.97 -12.58 -34.04
N GLN B 72 -15.40 -13.79 -34.11
CA GLN B 72 -15.58 -14.76 -33.04
C GLN B 72 -14.87 -14.35 -31.76
N LEU B 73 -13.67 -13.77 -31.87
CA LEU B 73 -12.97 -13.27 -30.69
C LEU B 73 -13.68 -12.07 -30.09
N GLN B 74 -14.24 -11.20 -30.93
CA GLN B 74 -14.98 -10.04 -30.42
C GLN B 74 -16.26 -10.48 -29.71
N LEU B 75 -16.96 -11.47 -30.29
CA LEU B 75 -18.17 -12.00 -29.65
C LEU B 75 -17.83 -12.73 -28.36
N ALA B 76 -16.71 -13.44 -28.31
CA ALA B 76 -16.31 -14.13 -27.10
C ALA B 76 -15.90 -13.16 -26.00
N MET B 77 -15.22 -12.06 -26.37
CA MET B 77 -14.87 -11.03 -25.40
C MET B 77 -16.10 -10.32 -24.87
N HIS B 78 -17.08 -10.06 -25.75
CA HIS B 78 -18.32 -9.42 -25.30
C HIS B 78 -19.14 -10.36 -24.42
N ASN B 79 -19.11 -11.67 -24.71
CA ASN B 79 -19.84 -12.63 -23.89
C ASN B 79 -19.16 -12.80 -22.54
N SER B 80 -17.83 -12.75 -22.50
CA SER B 80 -17.12 -12.80 -21.22
C SER B 80 -17.36 -11.54 -20.40
N LYS B 81 -17.47 -10.38 -21.08
CA LYS B 81 -17.77 -9.14 -20.37
C LYS B 81 -19.20 -9.13 -19.85
N ALA B 82 -20.12 -9.78 -20.58
CA ALA B 82 -21.50 -9.86 -20.11
C ALA B 82 -21.64 -10.86 -18.96
N ALA B 83 -20.90 -11.96 -19.01
CA ALA B 83 -21.00 -12.97 -17.95
C ALA B 83 -20.18 -12.57 -16.74
N SER B 84 -19.24 -11.63 -16.90
CA SER B 84 -18.42 -11.21 -15.78
C SER B 84 -19.20 -10.30 -14.83
N SER B 85 -20.14 -9.52 -15.36
CA SER B 85 -20.93 -8.62 -14.51
C SER B 85 -22.01 -9.42 -13.79
N THR B 86 -22.14 -9.19 -12.49
CA THR B 86 -23.12 -9.92 -11.70
C THR B 86 -24.32 -9.04 -11.35
N ARG B 87 -24.15 -7.73 -11.40
CA ARG B 87 -25.22 -6.79 -11.10
C ARG B 87 -25.18 -5.64 -12.09
N ILE B 88 -26.24 -4.81 -12.07
CA ILE B 88 -26.23 -3.60 -12.87
C ILE B 88 -25.61 -2.44 -12.09
N PHE B 89 -25.32 -2.65 -10.80
CA PHE B 89 -24.68 -1.62 -9.98
C PHE B 89 -23.26 -1.33 -10.44
N GLN B 90 -22.61 -2.31 -11.08
CA GLN B 90 -21.30 -2.07 -11.67
C GLN B 90 -21.39 -1.48 -13.07
N ALA B 91 -22.61 -1.25 -13.57
CA ALA B 91 -22.76 -0.69 -14.91
C ALA B 91 -22.58 0.82 -14.91
N LEU B 92 -22.62 1.44 -13.73
CA LEU B 92 -22.49 2.89 -13.63
C LEU B 92 -21.03 3.30 -13.90
N PRO B 93 -20.82 4.52 -14.43
CA PRO B 93 -19.45 5.05 -14.54
C PRO B 93 -18.84 5.35 -13.18
N ARG B 94 -17.52 5.53 -13.13
CA ARG B 94 -16.81 5.66 -11.86
C ARG B 94 -17.14 6.96 -11.15
N LYS B 95 -17.60 7.96 -11.90
CA LYS B 95 -17.95 9.25 -11.29
C LYS B 95 -19.26 9.16 -10.52
N LEU B 96 -20.23 8.42 -11.04
CA LEU B 96 -21.57 8.39 -10.48
C LEU B 96 -21.82 7.21 -9.54
N ARG B 97 -20.80 6.43 -9.21
CA ARG B 97 -20.97 5.30 -8.30
C ARG B 97 -21.26 5.76 -6.87
N ARG B 98 -22.32 5.24 -6.29
CA ARG B 98 -22.75 5.62 -4.95
C ARG B 98 -22.74 4.39 -4.04
N ARG B 99 -22.14 4.55 -2.86
CA ARG B 99 -22.07 3.49 -1.86
C ARG B 99 -23.42 3.29 -1.15
N THR B 100 -24.23 4.34 -1.10
CA THR B 100 -25.55 4.28 -0.48
C THR B 100 -26.53 3.51 -1.36
N ALA B 101 -26.28 3.42 -2.67
CA ALA B 101 -27.20 2.81 -3.64
C ALA B 101 -27.44 1.33 -3.42
N SER B 102 -26.57 0.64 -2.68
CA SER B 102 -26.85 -0.73 -2.28
C SER B 102 -27.97 -0.77 -1.25
N HIS B 103 -28.07 0.26 -0.42
CA HIS B 103 -29.10 0.30 0.62
C HIS B 103 -30.43 0.80 0.07
N ASN B 104 -30.44 2.00 -0.52
CA ASN B 104 -31.67 2.61 -1.02
C ASN B 104 -31.63 2.69 -2.54
N VAL B 105 -32.80 2.83 -3.15
CA VAL B 105 -32.93 2.67 -4.60
C VAL B 105 -32.76 4.02 -5.30
N ARG B 106 -32.85 5.11 -4.55
CA ARG B 106 -33.01 6.44 -5.14
C ARG B 106 -31.75 6.97 -5.81
N ARG B 107 -30.59 6.38 -5.50
CA ARG B 107 -29.35 6.84 -6.13
C ARG B 107 -29.22 6.31 -7.55
N ILE B 108 -29.76 5.15 -7.82
CA ILE B 108 -29.71 4.48 -9.13
C ILE B 108 -30.62 5.24 -10.10
N PRO B 109 -30.21 5.43 -11.39
CA PRO B 109 -31.13 6.02 -12.38
C PRO B 109 -32.39 5.18 -12.60
N LYS B 110 -33.46 5.86 -13.02
CA LYS B 110 -34.81 5.30 -12.97
C LYS B 110 -35.00 4.15 -13.97
N ARG B 111 -34.25 4.20 -15.07
CA ARG B 111 -34.22 3.12 -16.05
C ARG B 111 -33.63 1.85 -15.45
N MET B 112 -32.67 2.03 -14.53
CA MET B 112 -31.92 0.89 -14.00
C MET B 112 -32.46 0.41 -12.67
N ARG B 113 -33.39 1.18 -12.07
CA ARG B 113 -33.89 0.86 -10.73
C ARG B 113 -34.75 -0.40 -10.69
N ASN B 114 -35.43 -0.72 -11.79
CA ASN B 114 -36.29 -1.91 -11.82
C ASN B 114 -35.44 -3.19 -11.78
N ARG B 115 -34.36 -3.23 -12.54
CA ARG B 115 -33.42 -4.33 -12.46
C ARG B 115 -32.70 -4.30 -11.12
N ALA B 116 -32.45 -3.10 -10.59
CA ALA B 116 -31.92 -2.97 -9.24
C ALA B 116 -32.88 -3.48 -8.17
N LEU B 117 -34.18 -3.21 -8.32
CA LEU B 117 -35.17 -3.73 -7.38
C LEU B 117 -35.27 -5.25 -7.43
N ARG B 118 -35.29 -5.82 -8.65
CA ARG B 118 -35.43 -7.27 -8.72
C ARG B 118 -34.15 -8.00 -8.32
N GLU B 119 -32.99 -7.39 -8.53
CA GLU B 119 -31.75 -8.01 -8.05
C GLU B 119 -31.61 -7.85 -6.53
N MET B 120 -32.15 -6.77 -5.97
CA MET B 120 -32.11 -6.61 -4.52
C MET B 120 -33.10 -7.55 -3.84
N ARG B 121 -34.21 -7.86 -4.51
CA ARG B 121 -35.15 -8.84 -3.96
C ARG B 121 -34.65 -10.27 -4.18
N LYS B 122 -33.86 -10.49 -5.22
CA LYS B 122 -33.29 -11.82 -5.45
C LYS B 122 -32.11 -12.07 -4.51
N SER B 123 -31.35 -11.03 -4.17
CA SER B 123 -30.20 -11.21 -3.30
C SER B 123 -30.62 -11.44 -1.85
N ASP B 124 -31.74 -10.86 -1.44
CA ASP B 124 -32.23 -11.04 -0.08
C ASP B 124 -33.03 -12.34 0.04
N ALA B 139 -37.04 9.51 20.64
CA ALA B 139 -37.45 8.12 20.49
C ALA B 139 -36.48 7.19 21.23
N HIS B 140 -35.59 7.77 22.02
CA HIS B 140 -34.58 7.02 22.75
C HIS B 140 -34.58 7.40 24.22
N GLY B 141 -33.73 6.72 24.99
CA GLY B 141 -33.62 6.97 26.41
C GLY B 141 -32.84 8.23 26.73
N LEU B 142 -33.53 9.23 27.27
CA LEU B 142 -32.90 10.50 27.64
C LEU B 142 -33.35 10.89 29.04
N ASN B 143 -32.43 11.44 29.82
CA ASN B 143 -32.70 11.78 31.21
C ASN B 143 -33.56 13.05 31.30
N ALA B 144 -33.77 13.51 32.54
CA ALA B 144 -34.63 14.66 32.76
C ALA B 144 -33.93 15.97 32.41
N LYS B 145 -32.61 15.94 32.21
CA LYS B 145 -31.84 17.15 31.91
C LYS B 145 -31.44 17.23 30.44
N GLN B 146 -30.94 16.13 29.88
CA GLN B 146 -30.49 16.16 28.49
C GLN B 146 -31.66 16.19 27.52
N LEU B 147 -32.84 15.76 27.95
CA LEU B 147 -34.04 15.93 27.13
C LEU B 147 -34.39 17.41 26.97
N TYR B 148 -34.29 18.18 28.06
CA TYR B 148 -34.53 19.62 27.96
C TYR B 148 -33.40 20.32 27.23
N LYS B 149 -32.17 19.80 27.38
CA LYS B 149 -31.03 20.31 26.62
C LYS B 149 -31.19 20.08 25.12
N ALA B 150 -31.82 18.99 24.71
CA ALA B 150 -32.14 18.76 23.30
C ALA B 150 -33.36 19.54 22.83
N ARG B 151 -34.37 19.71 23.68
CA ARG B 151 -35.56 20.48 23.31
C ARG B 151 -35.29 21.97 23.23
N MET B 152 -34.29 22.47 23.97
CA MET B 152 -33.87 23.86 23.83
C MET B 152 -33.38 24.18 22.43
N SER B 153 -32.58 23.28 21.84
CA SER B 153 -32.08 23.48 20.48
C SER B 153 -33.20 23.41 19.46
N ILE B 154 -34.17 22.50 19.67
CA ILE B 154 -35.27 22.34 18.72
C ILE B 154 -36.21 23.54 18.80
N LYS B 155 -36.47 24.05 20.01
CA LYS B 155 -37.27 25.26 20.16
C LYS B 155 -36.54 26.49 19.59
N LEU B 156 -35.22 26.54 19.75
CA LEU B 156 -34.43 27.63 19.16
C LEU B 156 -34.47 27.59 17.64
N LEU B 157 -34.36 26.39 17.05
CA LEU B 157 -34.47 26.25 15.60
C LEU B 157 -35.86 26.61 15.08
N ARG B 158 -36.91 26.23 15.82
CA ARG B 158 -38.27 26.55 15.37
C ARG B 158 -38.56 28.04 15.46
N LEU B 159 -38.15 28.67 16.58
CA LEU B 159 -38.36 30.11 16.74
C LEU B 159 -37.49 30.91 15.78
N ALA B 160 -36.29 30.39 15.46
CA ALA B 160 -35.42 31.04 14.48
C ALA B 160 -36.01 30.95 13.08
N SER B 161 -36.57 29.79 12.73
CA SER B 161 -37.24 29.62 11.44
C SER B 161 -38.43 30.54 11.31
N LYS B 162 -39.27 30.61 12.36
CA LYS B 162 -40.45 31.47 12.33
C LYS B 162 -40.07 32.96 12.29
N SER B 163 -39.01 33.34 13.01
CA SER B 163 -38.57 34.74 13.05
C SER B 163 -37.95 35.17 11.73
N THR B 164 -37.10 34.33 11.14
CA THR B 164 -36.47 34.69 9.86
C THR B 164 -37.45 34.51 8.71
N SER B 165 -38.54 33.77 8.92
CA SER B 165 -39.50 33.57 7.83
C SER B 165 -40.60 34.62 7.80
N MET B 166 -41.18 34.97 8.95
CA MET B 166 -42.37 35.81 8.96
C MET B 166 -42.16 37.25 8.48
N LYS B 167 -41.49 38.09 9.27
CA LYS B 167 -41.32 39.48 8.87
C LYS B 167 -39.93 40.06 9.05
N LEU B 168 -39.26 39.70 10.15
CA LEU B 168 -38.20 40.58 10.68
C LEU B 168 -36.80 40.01 10.58
N SER B 169 -35.80 40.86 10.89
CA SER B 169 -34.38 40.63 10.69
C SER B 169 -33.77 39.99 11.95
N MET B 170 -32.44 39.97 12.03
CA MET B 170 -31.74 39.30 13.12
C MET B 170 -31.28 40.28 14.18
N PRO B 171 -31.49 39.98 15.45
CA PRO B 171 -30.90 40.79 16.52
C PRO B 171 -29.40 40.55 16.61
N PRO B 172 -28.63 41.52 17.14
CA PRO B 172 -27.18 41.32 17.23
C PRO B 172 -26.76 40.38 18.35
N GLU B 173 -27.60 40.24 19.38
CA GLU B 173 -27.27 39.38 20.52
C GLU B 173 -27.36 37.91 20.15
N VAL B 174 -28.23 37.58 19.21
CA VAL B 174 -28.31 36.20 18.71
C VAL B 174 -27.13 35.91 17.80
N THR B 175 -26.64 36.94 17.11
CA THR B 175 -25.51 36.79 16.18
C THR B 175 -24.22 36.49 16.93
N SER B 176 -23.97 37.20 18.04
CA SER B 176 -22.71 37.04 18.76
C SER B 176 -22.61 35.68 19.45
N SER B 177 -23.72 35.23 20.08
CA SER B 177 -23.87 33.89 20.65
C SER B 177 -22.82 33.60 21.73
N ASN B 178 -22.57 34.58 22.59
CA ASN B 178 -21.50 34.49 23.58
C ASN B 178 -22.02 34.84 24.97
N CYS B 179 -23.33 35.02 25.10
CA CYS B 179 -23.88 35.34 26.41
C CYS B 179 -24.78 34.24 26.96
N HIS B 180 -25.87 33.94 26.24
CA HIS B 180 -26.88 32.98 26.70
C HIS B 180 -27.68 32.42 25.53
N VAL B 181 -28.40 31.32 25.77
CA VAL B 181 -29.39 30.85 24.79
C VAL B 181 -30.80 31.18 25.26
N ARG B 182 -30.95 31.38 26.58
CA ARG B 182 -32.25 31.75 27.13
C ARG B 182 -32.60 33.18 26.76
N GLN B 183 -31.59 34.05 26.65
CA GLN B 183 -31.81 35.40 26.16
C GLN B 183 -32.18 35.38 24.67
N LYS B 184 -31.65 34.40 23.92
CA LYS B 184 -32.06 34.24 22.52
C LYS B 184 -33.52 33.82 22.43
N ILE B 185 -33.95 32.89 23.28
CA ILE B 185 -35.35 32.46 23.31
C ILE B 185 -36.26 33.60 23.71
N LYS B 186 -35.83 34.41 24.69
CA LYS B 186 -36.63 35.56 25.14
C LYS B 186 -36.70 36.63 24.06
N THR B 187 -35.61 36.84 23.31
CA THR B 187 -35.62 37.85 22.26
C THR B 187 -36.50 37.41 21.09
N LEU B 188 -36.42 36.13 20.70
CA LEU B 188 -37.26 35.64 19.62
C LEU B 188 -38.72 35.55 20.04
N LYS B 189 -38.99 35.40 21.34
CA LYS B 189 -40.35 35.49 21.84
C LYS B 189 -40.84 36.93 21.83
N ARG B 190 -39.95 37.88 22.13
CA ARG B 190 -40.34 39.28 22.26
C ARG B 190 -40.59 39.92 20.90
N MET B 191 -39.81 39.54 19.89
CA MET B 191 -39.96 40.16 18.57
C MET B 191 -41.29 39.81 17.91
N ILE B 192 -41.74 38.56 18.08
CA ILE B 192 -43.02 38.14 17.51
C ILE B 192 -44.18 38.85 18.21
N LYS B 193 -44.07 39.04 19.53
CA LYS B 193 -45.10 39.75 20.27
C LYS B 193 -45.13 41.23 19.92
N GLU B 194 -43.96 41.83 19.68
CA GLU B 194 -43.91 43.23 19.26
C GLU B 194 -44.44 43.41 17.85
N SER B 195 -44.24 42.41 16.98
CA SER B 195 -44.86 42.47 15.66
C SER B 195 -46.36 42.26 15.73
N SER B 196 -46.82 41.52 16.74
CA SER B 196 -48.25 41.29 16.90
C SER B 196 -48.95 42.52 17.48
N THR B 197 -48.29 43.26 18.37
CA THR B 197 -48.98 44.32 19.08
C THR B 197 -48.84 45.67 18.39
N ALA B 198 -47.85 45.82 17.49
CA ALA B 198 -47.58 47.13 16.91
C ALA B 198 -46.89 46.97 15.57
N ASN B 199 -47.20 47.89 14.66
CA ASN B 199 -46.53 48.01 13.36
C ASN B 199 -45.19 48.75 13.42
N PRO B 200 -45.00 49.89 14.14
CA PRO B 200 -43.66 50.49 14.16
C PRO B 200 -42.69 49.74 15.07
N ASN B 201 -41.49 50.31 15.20
CA ASN B 201 -40.36 49.81 15.97
C ASN B 201 -39.95 48.40 15.55
N ILE B 202 -40.00 48.13 14.24
CA ILE B 202 -39.64 46.82 13.71
C ILE B 202 -38.64 46.99 12.58
N LYS B 203 -37.51 46.28 12.66
CA LYS B 203 -36.58 46.19 11.55
C LYS B 203 -37.09 45.18 10.54
N LEU B 204 -38.14 45.54 9.80
CA LEU B 204 -38.87 44.57 8.99
C LEU B 204 -38.20 44.39 7.64
N LEU B 205 -38.02 43.13 7.24
CA LEU B 205 -37.29 42.79 6.02
C LEU B 205 -38.14 42.94 4.76
N ASN B 206 -37.63 42.46 3.63
CA ASN B 206 -38.30 42.63 2.35
C ASN B 206 -38.65 41.29 1.69
N ASN B 207 -38.45 40.17 2.37
CA ASN B 207 -38.63 38.87 1.75
C ASN B 207 -38.97 37.83 2.82
N ARG B 208 -39.19 36.60 2.36
CA ARG B 208 -39.51 35.50 3.27
C ARG B 208 -38.26 34.77 3.74
N MET B 209 -37.32 34.52 2.82
CA MET B 209 -36.06 33.88 3.17
C MET B 209 -35.18 34.88 3.92
N GLY B 210 -34.39 34.40 4.88
CA GLY B 210 -33.62 35.27 5.74
C GLY B 210 -32.41 35.89 5.08
N SER B 211 -32.64 36.82 4.16
CA SER B 211 -31.57 37.53 3.46
C SER B 211 -31.52 38.97 3.95
N TYR B 212 -30.31 39.46 4.19
CA TYR B 212 -30.11 40.82 4.67
C TYR B 212 -29.00 41.46 3.85
N ASP B 213 -28.61 42.67 4.25
CA ASP B 213 -27.62 43.47 3.54
C ASP B 213 -26.39 43.64 4.43
N CYS B 214 -25.35 42.84 4.19
CA CYS B 214 -24.11 42.94 4.94
C CYS B 214 -23.14 43.81 4.14
N THR B 215 -23.39 45.12 4.20
CA THR B 215 -22.57 46.11 3.50
C THR B 215 -22.05 47.13 4.50
N GLY B 216 -20.73 47.25 4.57
CA GLY B 216 -20.08 48.16 5.50
C GLY B 216 -19.53 49.37 4.79
N VAL B 217 -20.15 50.52 5.04
CA VAL B 217 -19.78 51.79 4.42
C VAL B 217 -18.67 52.42 5.27
N ASN B 218 -17.54 52.72 4.63
CA ASN B 218 -16.32 53.35 5.15
C ASN B 218 -15.57 52.49 6.18
N GLU B 219 -16.02 51.27 6.47
CA GLU B 219 -15.32 50.38 7.38
C GLU B 219 -15.37 48.97 6.80
N LEU B 220 -14.57 48.09 7.39
CA LEU B 220 -14.52 46.71 6.94
C LEU B 220 -15.77 45.95 7.36
N ALA B 221 -16.10 44.92 6.59
CA ALA B 221 -17.29 44.12 6.89
C ALA B 221 -17.02 43.18 8.07
N PRO B 222 -17.91 43.15 9.05
CA PRO B 222 -17.72 42.26 10.20
C PRO B 222 -18.12 40.83 9.87
N ILE B 223 -18.07 40.00 10.91
CA ILE B 223 -18.48 38.59 10.84
C ILE B 223 -19.96 38.52 10.51
N PRO B 224 -20.37 37.77 9.48
CA PRO B 224 -21.78 37.77 9.06
C PRO B 224 -22.66 37.03 10.05
N LYS B 225 -23.96 37.31 9.98
CA LYS B 225 -24.93 36.76 10.92
C LYS B 225 -25.21 35.30 10.62
N GLY B 226 -25.52 34.98 9.36
CA GLY B 226 -25.77 33.61 8.95
C GLY B 226 -27.04 32.99 9.51
N ARG B 227 -26.88 31.88 10.23
CA ARG B 227 -28.02 31.16 10.77
C ARG B 227 -27.80 30.89 12.26
N VAL B 228 -28.87 30.77 13.03
CA VAL B 228 -28.79 30.63 14.48
C VAL B 228 -28.19 29.28 14.89
N LYS B 229 -28.49 28.22 14.13
CA LYS B 229 -27.98 26.88 14.44
C LYS B 229 -26.47 26.80 14.24
N TYR B 230 -25.99 27.19 13.06
CA TYR B 230 -24.58 27.11 12.72
C TYR B 230 -23.95 28.49 12.93
N THR B 231 -23.88 28.89 14.20
CA THR B 231 -23.32 30.17 14.60
C THR B 231 -22.00 29.99 15.34
N LYS B 232 -21.94 29.08 16.31
CA LYS B 232 -20.69 28.80 17.00
C LYS B 232 -19.72 28.03 16.12
N ARG B 233 -20.22 27.42 15.04
CA ARG B 233 -19.35 26.84 14.03
C ARG B 233 -18.75 27.91 13.12
N GLN B 234 -19.26 29.14 13.18
CA GLN B 234 -18.70 30.29 12.46
C GLN B 234 -17.96 31.23 13.40
N LYS B 235 -17.50 30.74 14.55
CA LYS B 235 -16.89 31.59 15.57
C LYS B 235 -15.48 32.04 15.22
N HIS B 236 -14.66 31.16 14.63
CA HIS B 236 -13.27 31.48 14.33
C HIS B 236 -13.17 31.84 12.86
N PHE B 237 -13.60 30.99 11.94
CA PHE B 237 -13.49 31.29 10.52
C PHE B 237 -14.87 31.42 9.90
N ALA B 238 -14.95 32.27 8.88
CA ALA B 238 -16.19 32.46 8.14
C ALA B 238 -16.36 31.37 7.09
N TRP B 239 -17.51 31.39 6.43
CA TRP B 239 -17.88 30.33 5.49
C TRP B 239 -18.16 30.91 4.10
N LEU B 240 -18.12 30.04 3.10
CA LEU B 240 -18.61 30.35 1.78
C LEU B 240 -20.15 30.32 1.80
N PRO B 241 -20.81 30.95 0.81
CA PRO B 241 -22.27 30.74 0.70
C PRO B 241 -22.63 29.32 0.30
N THR B 242 -21.73 28.63 -0.40
CA THR B 242 -21.88 27.22 -0.74
C THR B 242 -21.01 26.32 0.13
N HIS B 243 -20.93 26.62 1.43
CA HIS B 243 -19.96 25.98 2.32
C HIS B 243 -20.24 24.51 2.53
N ILE B 244 -21.48 24.17 2.91
CA ILE B 244 -21.85 22.77 3.13
C ILE B 244 -21.94 22.03 1.80
N TRP B 245 -22.31 22.76 0.74
CA TRP B 245 -22.34 22.19 -0.60
C TRP B 245 -20.95 21.76 -1.04
N ASN B 246 -19.95 22.63 -0.84
CA ASN B 246 -18.57 22.27 -1.16
C ASN B 246 -18.02 21.24 -0.17
N ALA B 247 -18.54 21.24 1.05
CA ALA B 247 -18.05 20.30 2.07
C ALA B 247 -18.51 18.88 1.78
N LYS B 248 -19.67 18.74 1.15
CA LYS B 248 -20.18 17.40 0.83
C LYS B 248 -19.53 16.84 -0.44
N ARG B 249 -18.89 17.70 -1.23
CA ARG B 249 -18.40 17.30 -2.55
C ARG B 249 -16.92 17.59 -2.77
N SER B 250 -16.24 18.23 -1.82
CA SER B 250 -14.85 18.60 -2.05
C SER B 250 -14.11 18.71 -0.71
N HIS B 251 -12.79 18.52 -0.78
CA HIS B 251 -11.88 18.78 0.31
C HIS B 251 -11.56 20.26 0.31
N MET B 252 -11.85 20.92 1.43
CA MET B 252 -11.58 22.34 1.64
C MET B 252 -10.46 22.47 2.67
N MET B 253 -9.86 23.65 2.74
CA MET B 253 -8.81 23.93 3.71
C MET B 253 -9.12 25.23 4.45
N LYS B 254 -8.75 25.28 5.73
CA LYS B 254 -8.87 26.51 6.51
C LYS B 254 -7.51 27.20 6.57
N ARG B 255 -7.30 28.20 5.71
CA ARG B 255 -6.03 28.92 5.71
C ARG B 255 -6.21 30.36 6.16
N TRP B 256 -7.02 31.12 5.43
CA TRP B 256 -7.36 32.47 5.82
C TRP B 256 -8.69 32.46 6.59
N GLY B 257 -9.30 33.63 6.73
CA GLY B 257 -10.55 33.78 7.45
C GLY B 257 -11.76 33.08 6.87
N TYR B 258 -11.68 32.64 5.61
CA TYR B 258 -12.73 31.83 5.01
C TYR B 258 -12.28 30.37 5.06
N GLN B 259 -13.11 29.50 4.50
CA GLN B 259 -12.71 28.13 4.21
C GLN B 259 -12.99 27.84 2.74
N MET B 260 -11.95 27.89 1.93
CA MET B 260 -12.06 27.71 0.49
C MET B 260 -11.67 26.29 0.13
N VAL B 261 -12.11 25.87 -1.07
CA VAL B 261 -11.92 24.49 -1.49
C VAL B 261 -10.46 24.22 -1.82
N TRP B 262 -10.05 22.97 -1.66
CA TRP B 262 -8.71 22.59 -2.12
C TRP B 262 -8.78 21.71 -3.36
N ALA B 263 -9.58 20.65 -3.32
CA ALA B 263 -9.64 19.71 -4.43
C ALA B 263 -10.94 18.92 -4.33
N PRO B 264 -11.50 18.48 -5.45
CA PRO B 264 -12.65 17.58 -5.39
C PRO B 264 -12.28 16.22 -4.81
N THR B 265 -13.30 15.52 -4.29
CA THR B 265 -13.08 14.23 -3.63
C THR B 265 -12.66 13.16 -4.63
N GLN B 266 -13.35 13.07 -5.76
CA GLN B 266 -12.95 12.19 -6.84
C GLN B 266 -11.72 12.77 -7.52
N LYS B 267 -10.87 11.89 -8.05
CA LYS B 267 -9.63 12.33 -8.69
C LYS B 267 -9.92 13.02 -10.01
N CYS B 268 -9.44 14.27 -10.11
CA CYS B 268 -9.73 15.08 -11.28
C CYS B 268 -8.51 15.79 -11.85
N PHE B 269 -7.31 15.22 -11.74
CA PHE B 269 -6.12 15.85 -12.32
C PHE B 269 -6.22 15.90 -13.84
N LYS B 270 -6.24 14.74 -14.48
CA LYS B 270 -6.32 14.68 -15.94
C LYS B 270 -7.69 15.10 -16.44
N LEU B 271 -8.72 14.94 -15.59
CA LEU B 271 -10.08 15.32 -15.97
C LEU B 271 -10.22 16.83 -16.12
N THR B 272 -9.77 17.59 -15.12
CA THR B 272 -9.79 19.04 -15.22
C THR B 272 -8.77 19.52 -16.24
N HIS B 273 -7.67 18.76 -16.40
CA HIS B 273 -6.68 19.08 -17.42
C HIS B 273 -7.26 19.00 -18.83
N ARG B 274 -8.17 18.05 -19.06
CA ARG B 274 -8.70 17.89 -20.41
C ARG B 274 -9.97 18.71 -20.63
N LEU B 275 -10.76 18.94 -19.57
CA LEU B 275 -12.04 19.61 -19.79
C LEU B 275 -11.95 21.11 -19.54
N GLY B 276 -11.14 21.53 -18.56
CA GLY B 276 -10.98 22.94 -18.28
C GLY B 276 -9.69 23.49 -18.85
N GLY B 277 -8.84 22.61 -19.37
CA GLY B 277 -7.53 23.00 -19.84
C GLY B 277 -7.49 23.79 -21.13
N ASP B 278 -6.28 23.93 -21.69
CA ASP B 278 -6.08 24.70 -22.91
C ASP B 278 -6.28 23.79 -24.12
N THR B 279 -6.53 22.51 -23.88
CA THR B 279 -6.75 21.56 -24.96
C THR B 279 -8.07 21.83 -25.66
N CYS B 280 -8.11 21.51 -26.95
CA CYS B 280 -9.29 21.75 -27.77
C CYS B 280 -10.42 20.79 -27.41
N SER B 281 -10.07 19.53 -27.12
CA SER B 281 -11.07 18.56 -26.67
C SER B 281 -11.45 18.84 -25.24
N SER B 282 -12.30 19.85 -25.04
CA SER B 282 -12.66 20.33 -23.71
C SER B 282 -14.17 20.37 -23.57
N ASP B 283 -14.82 19.26 -23.92
CA ASP B 283 -16.28 19.18 -23.96
C ASP B 283 -16.86 19.15 -22.56
N GLY B 284 -16.88 20.30 -21.89
CA GLY B 284 -17.45 20.40 -20.58
C GLY B 284 -17.43 21.82 -20.04
N ALA B 285 -17.50 21.96 -18.73
CA ALA B 285 -17.47 23.26 -18.08
C ALA B 285 -16.98 23.05 -16.66
N LEU B 286 -16.20 24.00 -16.15
CA LEU B 286 -15.61 23.89 -14.82
C LEU B 286 -15.86 25.19 -14.05
N CYS B 287 -16.38 25.06 -12.84
CA CYS B 287 -16.80 26.21 -12.03
C CYS B 287 -16.01 26.25 -10.72
N MET B 288 -15.40 27.41 -10.46
CA MET B 288 -14.61 27.67 -9.27
C MET B 288 -15.34 28.66 -8.39
N ASP B 289 -15.48 28.33 -7.11
CA ASP B 289 -16.05 29.23 -6.12
C ASP B 289 -14.97 30.21 -5.69
N SER B 290 -15.01 31.43 -6.21
CA SER B 290 -13.98 32.43 -5.99
C SER B 290 -14.55 33.58 -5.15
N SER B 291 -15.30 33.20 -4.12
CA SER B 291 -15.86 34.19 -3.20
C SER B 291 -14.81 34.74 -2.25
N TYR B 292 -13.64 34.09 -2.17
CA TYR B 292 -12.58 34.56 -1.29
C TYR B 292 -11.92 35.82 -1.84
N ILE B 293 -11.96 36.02 -3.15
CA ILE B 293 -11.33 37.19 -3.76
C ILE B 293 -12.10 38.45 -3.37
N GLY B 294 -11.43 39.33 -2.63
CA GLY B 294 -12.06 40.50 -2.05
C GLY B 294 -11.92 41.71 -2.96
N THR B 295 -12.97 42.52 -2.99
CA THR B 295 -13.05 43.72 -3.83
C THR B 295 -13.37 44.94 -2.97
N ILE B 296 -12.86 46.09 -3.38
CA ILE B 296 -13.23 47.39 -2.82
C ILE B 296 -13.73 48.29 -3.94
N ILE B 297 -14.72 49.13 -3.62
CA ILE B 297 -15.32 50.06 -4.55
C ILE B 297 -14.97 51.47 -4.09
N VAL B 298 -14.33 52.25 -4.95
CA VAL B 298 -13.93 53.61 -4.63
C VAL B 298 -14.64 54.57 -5.58
N LYS B 299 -15.13 55.68 -5.03
CA LYS B 299 -15.84 56.70 -5.78
C LYS B 299 -15.38 58.07 -5.28
N ASP B 300 -15.32 59.04 -6.20
CA ASP B 300 -14.84 60.37 -5.83
C ASP B 300 -15.98 61.22 -5.29
N LYS B 301 -15.92 61.53 -3.99
CA LYS B 301 -16.92 62.34 -3.32
C LYS B 301 -16.66 63.83 -3.48
N SER B 302 -15.41 64.23 -3.76
CA SER B 302 -15.01 65.63 -3.83
C SER B 302 -15.68 66.38 -4.98
N ASN B 303 -15.68 65.79 -6.16
CA ASN B 303 -16.25 66.47 -7.32
C ASN B 303 -17.23 65.56 -8.05
N ASP B 304 -18.34 66.17 -8.49
CA ASP B 304 -19.32 65.49 -9.33
C ASP B 304 -18.89 65.44 -10.79
N SER B 305 -17.89 66.25 -11.15
CA SER B 305 -17.30 66.27 -12.48
C SER B 305 -16.28 65.16 -12.65
N GLU B 306 -15.43 65.30 -13.67
CA GLU B 306 -14.38 64.35 -14.04
C GLU B 306 -13.47 63.98 -12.86
N GLY B 307 -13.01 62.73 -12.83
CA GLY B 307 -12.24 62.24 -11.70
C GLY B 307 -10.76 62.62 -11.77
N ASP B 308 -10.36 63.59 -10.93
CA ASP B 308 -8.99 64.05 -10.95
C ASP B 308 -8.10 63.19 -10.04
N PHE B 309 -8.64 62.76 -8.89
CA PHE B 309 -7.82 62.07 -7.91
C PHE B 309 -7.79 60.57 -8.17
N LEU B 310 -8.70 60.07 -9.02
CA LEU B 310 -8.74 58.64 -9.32
C LEU B 310 -7.51 58.17 -10.10
N LYS B 311 -7.14 58.93 -11.13
CA LYS B 311 -5.94 58.61 -11.91
C LYS B 311 -4.69 58.71 -11.05
N SER B 312 -4.66 59.66 -10.11
CA SER B 312 -3.53 59.80 -9.21
C SER B 312 -3.44 58.64 -8.23
N ILE B 313 -4.57 58.18 -7.70
CA ILE B 313 -4.51 57.11 -6.70
C ILE B 313 -4.29 55.76 -7.38
N ILE B 314 -4.68 55.64 -8.66
CA ILE B 314 -4.31 54.44 -9.42
C ILE B 314 -2.83 54.46 -9.76
N GLY B 315 -2.28 55.62 -10.09
CA GLY B 315 -0.85 55.73 -10.31
C GLY B 315 -0.01 55.63 -9.06
N LYS B 316 -0.63 55.78 -7.88
CA LYS B 316 0.08 55.56 -6.63
C LYS B 316 -0.02 54.10 -6.17
N LEU B 317 -1.20 53.49 -6.31
CA LEU B 317 -1.36 52.08 -5.93
C LEU B 317 -0.59 51.16 -6.86
N THR B 318 -0.72 51.36 -8.17
CA THR B 318 -0.01 50.58 -9.17
C THR B 318 1.05 51.43 -9.83
N ALA B 319 1.69 50.86 -10.84
CA ALA B 319 2.67 51.58 -11.65
C ALA B 319 1.97 52.39 -12.73
N GLU B 320 2.74 52.88 -13.72
CA GLU B 320 2.18 53.58 -14.86
C GLU B 320 1.80 52.60 -15.98
N ARG B 321 1.68 51.33 -15.63
CA ARG B 321 1.31 50.23 -16.51
C ARG B 321 -0.18 49.95 -16.51
N ALA B 322 -0.87 50.23 -15.40
CA ALA B 322 -2.30 49.97 -15.32
C ALA B 322 -3.12 51.25 -15.21
N ASN B 323 -2.56 52.40 -15.54
CA ASN B 323 -3.26 53.68 -15.46
C ASN B 323 -3.32 54.37 -16.82
N LEU B 324 -3.66 53.64 -17.89
CA LEU B 324 -3.54 54.17 -19.24
C LEU B 324 -4.85 54.74 -19.74
N ARG B 325 -4.77 55.46 -20.86
CA ARG B 325 -5.96 56.07 -21.46
C ARG B 325 -6.82 55.02 -22.16
N LYS B 326 -6.20 53.96 -22.67
CA LYS B 326 -6.93 52.88 -23.33
C LYS B 326 -7.83 52.15 -22.34
N TYR B 327 -7.37 51.98 -21.10
CA TYR B 327 -8.17 51.31 -20.09
C TYR B 327 -9.28 52.22 -19.58
N ARG B 328 -9.12 53.53 -19.75
CA ARG B 328 -10.19 54.47 -19.44
C ARG B 328 -11.25 54.47 -20.54
N GLU B 329 -10.83 54.36 -21.80
CA GLU B 329 -11.76 54.44 -22.92
C GLU B 329 -12.51 53.12 -23.13
N GLY B 330 -11.77 52.02 -23.22
CA GLY B 330 -12.41 50.75 -23.54
C GLY B 330 -12.94 50.02 -22.32
N GLN B 331 -12.70 50.57 -21.13
CA GLN B 331 -13.12 50.14 -19.77
C GLN B 331 -12.99 48.65 -19.48
N VAL B 332 -12.02 47.96 -20.07
CA VAL B 332 -11.83 46.53 -19.83
C VAL B 332 -11.13 46.33 -18.49
N LEU B 333 -11.47 45.26 -17.77
CA LEU B 333 -10.76 44.87 -16.57
C LEU B 333 -9.34 44.45 -16.92
N PHE B 334 -8.38 44.89 -16.13
CA PHE B 334 -7.00 44.46 -16.31
C PHE B 334 -6.48 43.85 -15.02
N GLN B 335 -5.82 42.70 -15.15
CA GLN B 335 -5.15 42.05 -14.04
C GLN B 335 -3.65 42.24 -14.20
N GLY B 336 -3.00 42.69 -13.14
CA GLY B 336 -1.58 42.98 -13.20
C GLY B 336 -0.93 42.91 -11.83
N LEU B 337 0.25 43.51 -11.75
CA LEU B 337 1.04 43.45 -10.53
C LEU B 337 0.93 44.76 -9.76
N ILE B 338 0.50 44.66 -8.51
CA ILE B 338 0.41 45.80 -7.60
C ILE B 338 1.58 45.71 -6.62
N TYR B 339 2.13 46.87 -6.27
CA TYR B 339 3.20 46.99 -5.29
C TYR B 339 2.81 48.00 -4.23
N SER B 340 3.12 47.68 -2.98
CA SER B 340 2.69 48.48 -1.84
C SER B 340 3.59 49.70 -1.69
N PHE B 341 3.00 50.89 -1.77
CA PHE B 341 3.76 52.11 -1.58
C PHE B 341 3.69 52.56 -0.12
N ASN B 342 4.67 53.36 0.27
CA ASN B 342 4.72 53.91 1.63
C ASN B 342 5.47 55.23 1.60
N GLU B 343 4.74 56.32 1.86
CA GLU B 343 5.31 57.66 1.90
C GLU B 343 5.01 58.30 3.24
N GLU B 344 6.04 58.46 4.07
CA GLU B 344 5.86 59.02 5.40
C GLU B 344 6.23 60.48 5.35
N ASN B 345 7.47 60.84 5.00
CA ASN B 345 7.88 62.25 4.91
C ASN B 345 9.05 62.32 3.93
N GLY B 346 8.76 62.67 2.68
CA GLY B 346 9.78 62.89 1.69
C GLY B 346 10.49 61.66 1.17
N GLU B 347 10.07 60.46 1.59
CA GLU B 347 10.72 59.23 1.14
C GLU B 347 9.64 58.26 0.69
N ASP B 348 9.95 57.49 -0.35
CA ASP B 348 9.01 56.53 -0.91
C ASP B 348 9.69 55.16 -0.96
N SER B 349 9.09 54.18 -0.29
CA SER B 349 9.59 52.82 -0.26
C SER B 349 8.58 51.89 -0.94
N THR B 350 9.02 51.20 -1.97
CA THR B 350 8.16 50.33 -2.77
C THR B 350 8.57 48.88 -2.57
N LYS B 351 7.62 48.05 -2.21
CA LYS B 351 7.80 46.61 -2.03
C LYS B 351 6.83 45.86 -2.92
N PRO B 352 7.26 44.73 -3.51
CA PRO B 352 6.34 43.94 -4.36
C PRO B 352 5.21 43.31 -3.55
N LEU B 353 3.97 43.60 -3.94
CA LEU B 353 2.84 43.24 -3.09
C LEU B 353 2.11 42.01 -3.61
N GLY B 354 1.71 42.02 -4.89
CA GLY B 354 1.07 40.84 -5.45
C GLY B 354 0.22 41.09 -6.68
N PRO B 355 -0.82 40.27 -6.86
CA PRO B 355 -1.72 40.46 -8.00
C PRO B 355 -2.82 41.48 -7.72
N CYS B 356 -3.44 41.99 -8.78
CA CYS B 356 -4.51 42.98 -8.66
C CYS B 356 -5.42 42.91 -9.88
N ASP B 357 -6.71 43.14 -9.66
CA ASP B 357 -7.67 43.26 -10.75
C ASP B 357 -8.37 44.61 -10.65
N VAL B 358 -8.23 45.43 -11.70
CA VAL B 358 -8.75 46.79 -11.73
C VAL B 358 -9.84 46.86 -12.79
N PHE B 359 -10.99 47.46 -12.42
CA PHE B 359 -12.09 47.67 -13.35
C PHE B 359 -12.74 49.03 -13.07
N TRP B 360 -13.19 49.70 -14.12
CA TRP B 360 -13.66 51.08 -14.07
C TRP B 360 -15.04 51.20 -14.68
N VAL B 361 -15.82 52.19 -14.24
CA VAL B 361 -17.14 52.46 -14.81
C VAL B 361 -17.08 53.83 -15.46
N GLN B 362 -16.65 53.84 -16.72
CA GLN B 362 -16.67 54.89 -17.76
C GLN B 362 -15.72 56.05 -17.45
N LYS B 363 -15.59 56.51 -16.20
CA LYS B 363 -14.51 57.43 -15.81
C LYS B 363 -14.04 57.32 -14.36
N ASP B 364 -14.92 56.98 -13.41
CA ASP B 364 -14.75 57.55 -12.07
C ASP B 364 -14.81 56.52 -10.96
N THR B 365 -15.69 55.53 -11.08
CA THR B 365 -15.81 54.56 -9.99
C THR B 365 -15.05 53.31 -10.38
N ALA B 366 -14.43 52.69 -9.38
CA ALA B 366 -13.48 51.62 -9.60
C ALA B 366 -13.71 50.50 -8.62
N ILE B 367 -13.68 49.26 -9.12
CA ILE B 367 -13.62 48.08 -8.28
C ILE B 367 -12.25 47.44 -8.43
N ILE B 368 -11.66 47.07 -7.30
CA ILE B 368 -10.34 46.46 -7.25
C ILE B 368 -10.44 45.19 -6.41
N ARG B 369 -10.08 44.07 -7.02
CA ARG B 369 -10.22 42.77 -6.35
C ARG B 369 -8.94 41.94 -6.47
N LEU B 370 -8.59 41.29 -5.36
CA LEU B 370 -7.32 40.58 -5.19
C LEU B 370 -7.33 39.72 -3.94
N HIS B 371 -6.14 39.23 -3.58
CA HIS B 371 -5.93 38.21 -2.55
C HIS B 371 -6.31 38.73 -1.16
N PRO B 372 -6.91 37.88 -0.30
CA PRO B 372 -7.51 38.38 0.97
C PRO B 372 -6.55 39.01 1.98
N SER B 373 -5.36 38.47 2.19
CA SER B 373 -4.41 39.15 3.06
C SER B 373 -3.89 40.43 2.41
N ILE B 374 -3.66 40.36 1.10
CA ILE B 374 -3.34 41.55 0.32
C ILE B 374 -4.54 42.51 0.31
N TYR B 375 -5.76 41.97 0.38
CA TYR B 375 -6.96 42.80 0.51
C TYR B 375 -6.99 43.56 1.83
N THR B 376 -6.60 42.89 2.92
CA THR B 376 -6.53 43.57 4.22
C THR B 376 -5.45 44.64 4.22
N GLN B 377 -4.30 44.36 3.59
CA GLN B 377 -3.22 45.33 3.55
C GLN B 377 -3.57 46.54 2.66
N VAL B 378 -4.19 46.30 1.50
CA VAL B 378 -4.61 47.38 0.62
C VAL B 378 -5.72 48.20 1.27
N PHE B 379 -6.62 47.53 2.02
CA PHE B 379 -7.67 48.25 2.73
C PHE B 379 -7.10 49.11 3.86
N ASN B 380 -6.03 48.62 4.50
CA ASN B 380 -5.38 49.43 5.55
C ASN B 380 -4.67 50.64 4.96
N ILE B 381 -3.97 50.46 3.83
CA ILE B 381 -3.31 51.59 3.16
C ILE B 381 -4.33 52.58 2.62
N LEU B 382 -5.48 52.09 2.14
CA LEU B 382 -6.50 52.98 1.60
C LEU B 382 -7.26 53.69 2.72
N LEU B 383 -7.37 53.05 3.88
CA LEU B 383 -7.99 53.69 5.02
C LEU B 383 -7.03 54.65 5.71
N GLN B 384 -5.73 54.50 5.43
CA GLN B 384 -4.76 55.50 5.88
C GLN B 384 -4.99 56.84 5.19
N HIS B 385 -5.11 56.82 3.87
CA HIS B 385 -5.42 58.03 3.11
C HIS B 385 -6.85 57.93 2.56
N LYS B 386 -7.80 58.36 3.40
CA LYS B 386 -9.23 58.28 3.05
C LYS B 386 -9.91 59.64 3.15
N GLU B 387 -9.17 60.72 2.89
CA GLU B 387 -9.56 62.12 3.16
C GLU B 387 -10.81 62.49 2.36
N LYS B 388 -10.84 62.31 1.04
CA LYS B 388 -11.96 62.83 0.26
C LYS B 388 -12.85 61.70 -0.25
N LEU B 389 -12.26 60.66 -0.83
CA LEU B 389 -13.05 59.63 -1.50
C LEU B 389 -13.67 58.67 -0.48
N THR B 390 -14.86 58.19 -0.80
CA THR B 390 -15.57 57.23 0.04
C THR B 390 -15.26 55.81 -0.42
N VAL B 391 -14.79 54.99 0.53
CA VAL B 391 -14.42 53.60 0.26
C VAL B 391 -15.64 52.72 0.53
N GLN B 392 -15.65 51.53 -0.06
CA GLN B 392 -16.74 50.58 0.10
C GLN B 392 -16.16 49.17 0.19
N ASP B 393 -16.23 48.59 1.38
CA ASP B 393 -15.74 47.24 1.62
C ASP B 393 -16.84 46.24 1.28
N CYS B 394 -16.51 45.25 0.43
CA CYS B 394 -17.49 44.26 0.01
C CYS B 394 -16.87 42.88 0.19
N ARG B 395 -17.06 42.32 1.39
CA ARG B 395 -16.62 40.96 1.69
C ARG B 395 -17.76 39.97 1.78
N TYR B 396 -18.95 40.43 2.14
CA TYR B 396 -20.09 39.54 2.32
C TYR B 396 -21.34 40.03 1.61
N SER B 397 -21.18 40.85 0.56
CA SER B 397 -22.30 41.36 -0.22
C SER B 397 -22.08 41.24 -1.73
N LEU B 398 -20.91 40.77 -2.16
CA LEU B 398 -20.59 40.64 -3.57
C LEU B 398 -19.46 39.62 -3.73
N ALA B 399 -19.65 38.67 -4.65
CA ALA B 399 -18.67 37.62 -4.91
C ALA B 399 -18.82 37.13 -6.35
N SER B 400 -17.74 36.59 -6.91
CA SER B 400 -17.75 36.09 -8.28
C SER B 400 -17.40 34.61 -8.27
N VAL B 401 -17.86 33.90 -9.29
CA VAL B 401 -17.47 32.52 -9.55
C VAL B 401 -16.91 32.43 -10.95
N THR B 402 -15.98 31.51 -11.16
CA THR B 402 -15.15 31.46 -12.36
C THR B 402 -15.48 30.23 -13.20
N LEU B 403 -15.95 30.44 -14.41
CA LEU B 403 -16.23 29.37 -15.36
C LEU B 403 -15.08 29.26 -16.35
N LYS B 404 -14.76 28.01 -16.71
CA LYS B 404 -13.62 27.72 -17.57
C LYS B 404 -13.92 26.49 -18.42
N GLY B 405 -13.59 26.57 -19.69
CA GLY B 405 -13.75 25.45 -20.60
C GLY B 405 -14.25 25.96 -21.95
N ALA B 406 -14.77 25.02 -22.73
CA ALA B 406 -15.37 25.33 -24.02
C ALA B 406 -16.88 25.52 -23.95
N LYS B 407 -17.57 24.68 -23.18
CA LYS B 407 -19.02 24.77 -23.05
C LYS B 407 -19.43 25.48 -21.74
N ALA B 408 -18.55 26.33 -21.21
CA ALA B 408 -18.90 27.09 -20.02
C ALA B 408 -19.89 28.19 -20.34
N LEU B 409 -19.73 28.83 -21.51
CA LEU B 409 -20.65 29.88 -21.93
C LEU B 409 -22.03 29.31 -22.24
N GLU B 410 -22.08 28.10 -22.80
CA GLU B 410 -23.36 27.47 -23.11
C GLU B 410 -24.10 27.07 -21.85
N SER B 411 -23.39 26.53 -20.86
CA SER B 411 -24.02 26.17 -19.59
C SER B 411 -24.43 27.41 -18.81
N LEU B 412 -23.65 28.49 -18.93
CA LEU B 412 -23.97 29.73 -18.24
C LEU B 412 -25.19 30.40 -18.84
N ALA B 413 -25.32 30.36 -20.18
CA ALA B 413 -26.52 30.86 -20.82
C ALA B 413 -27.70 29.92 -20.61
N SER B 414 -27.42 28.65 -20.33
CA SER B 414 -28.48 27.71 -19.97
C SER B 414 -29.00 27.98 -18.57
N CYS B 415 -28.14 28.49 -17.68
CA CYS B 415 -28.54 28.67 -16.30
C CYS B 415 -29.41 29.92 -16.12
N LEU B 416 -29.29 30.90 -17.01
CA LEU B 416 -30.00 32.17 -16.88
C LEU B 416 -31.01 32.32 -18.02
N ARG B 417 -32.04 33.12 -17.78
CA ARG B 417 -33.02 33.49 -18.80
C ARG B 417 -33.20 35.01 -18.79
N SER B 418 -33.94 35.51 -19.78
CA SER B 418 -34.14 36.94 -19.94
C SER B 418 -35.46 37.39 -19.31
N THR B 419 -35.49 38.65 -18.88
CA THR B 419 -36.69 39.29 -18.36
C THR B 419 -37.11 40.48 -19.23
N GLU B 420 -36.24 40.88 -20.16
CA GLU B 420 -36.50 42.02 -21.04
C GLU B 420 -35.67 41.87 -22.31
N TYR B 421 -36.22 42.24 -23.46
CA TYR B 421 -35.51 42.20 -24.73
C TYR B 421 -34.53 43.38 -24.77
N SER B 422 -33.25 43.07 -24.65
CA SER B 422 -32.19 44.08 -24.64
C SER B 422 -31.03 43.61 -25.51
N LYS B 423 -30.07 44.51 -25.72
CA LYS B 423 -28.91 44.22 -26.56
C LYS B 423 -27.90 43.29 -25.90
N SER B 424 -27.76 43.34 -24.57
CA SER B 424 -26.76 42.54 -23.89
C SER B 424 -27.12 41.06 -23.95
N PHE B 425 -28.42 40.75 -23.94
CA PHE B 425 -28.88 39.37 -24.10
C PHE B 425 -28.54 38.84 -25.48
N GLU B 426 -28.69 39.66 -26.52
CA GLU B 426 -28.38 39.26 -27.88
C GLU B 426 -26.87 39.05 -28.05
N GLN B 427 -26.06 39.98 -27.52
CA GLN B 427 -24.61 39.84 -27.58
C GLN B 427 -24.13 38.61 -26.81
N PHE B 428 -24.72 38.35 -25.63
CA PHE B 428 -24.26 37.21 -24.83
C PHE B 428 -24.70 35.88 -25.44
N LYS B 429 -25.90 35.84 -26.05
CA LYS B 429 -26.34 34.62 -26.71
C LYS B 429 -25.57 34.37 -28.00
N MET B 430 -25.10 35.44 -28.66
CA MET B 430 -24.24 35.25 -29.81
C MET B 430 -22.83 34.81 -29.42
N VAL B 431 -22.34 35.28 -28.26
CA VAL B 431 -21.07 34.80 -27.73
C VAL B 431 -21.18 33.33 -27.33
N SER B 432 -22.33 32.93 -26.76
CA SER B 432 -22.47 31.62 -26.16
C SER B 432 -22.55 30.47 -27.17
N MET B 433 -22.67 30.78 -28.45
CA MET B 433 -22.88 29.71 -29.44
C MET B 433 -21.60 29.34 -30.19
N ILE B 434 -20.57 30.18 -30.10
CA ILE B 434 -19.39 29.98 -30.94
C ILE B 434 -18.50 28.88 -30.37
N THR B 435 -18.64 28.59 -29.06
CA THR B 435 -17.85 27.61 -28.30
C THR B 435 -16.35 27.86 -28.46
N ASP B 436 -15.90 29.05 -28.08
CA ASP B 436 -14.52 29.47 -28.23
C ASP B 436 -14.23 30.62 -27.27
N HIS B 437 -12.96 30.82 -26.94
CA HIS B 437 -12.58 31.88 -26.01
C HIS B 437 -11.72 32.95 -26.68
N ASN B 438 -10.63 32.55 -27.33
CA ASN B 438 -9.59 33.50 -27.67
C ASN B 438 -9.88 34.23 -28.99
N ALA B 439 -10.89 33.76 -29.73
CA ALA B 439 -11.26 34.45 -30.97
C ALA B 439 -12.02 35.74 -30.65
N LEU B 440 -12.62 35.82 -29.48
CA LEU B 440 -13.26 37.04 -29.02
C LEU B 440 -12.20 38.08 -28.67
N PRO B 441 -12.54 39.38 -28.74
CA PRO B 441 -11.54 40.41 -28.40
C PRO B 441 -11.25 40.49 -26.92
N GLN B 442 -10.43 41.48 -26.57
CA GLN B 442 -9.95 41.63 -25.19
C GLN B 442 -11.08 42.06 -24.26
N ARG B 443 -11.97 42.92 -24.74
CA ARG B 443 -13.08 43.42 -23.92
C ARG B 443 -14.34 42.62 -24.22
N CYS B 444 -14.83 41.93 -23.19
CA CYS B 444 -16.16 41.34 -23.20
C CYS B 444 -16.71 41.42 -21.79
N THR B 445 -17.44 42.51 -21.50
CA THR B 445 -17.99 42.77 -20.17
C THR B 445 -19.48 43.01 -20.32
N PHE B 446 -20.28 41.97 -20.13
CA PHE B 446 -21.72 42.05 -20.35
C PHE B 446 -22.43 42.12 -19.01
N ALA B 447 -23.56 42.82 -18.98
CA ALA B 447 -24.33 42.99 -17.76
C ALA B 447 -25.78 43.22 -18.13
N PHE B 448 -26.68 42.72 -17.28
CA PHE B 448 -28.11 42.75 -17.57
C PHE B 448 -28.89 42.49 -16.29
N GLU B 449 -30.22 42.51 -16.41
CA GLU B 449 -31.11 42.16 -15.33
C GLU B 449 -31.79 40.83 -15.67
N ALA B 450 -31.79 39.90 -14.74
CA ALA B 450 -32.25 38.54 -15.00
C ALA B 450 -33.17 38.06 -13.89
N ILE B 451 -33.69 36.85 -14.07
CA ILE B 451 -34.61 36.27 -13.11
C ILE B 451 -33.84 35.44 -12.08
N ASP B 452 -34.48 35.17 -10.95
CA ASP B 452 -33.94 34.24 -9.97
C ASP B 452 -33.89 32.84 -10.58
N PRO B 453 -32.72 32.17 -10.58
CA PRO B 453 -32.64 30.85 -11.22
C PRO B 453 -33.36 29.72 -10.50
N ARG B 454 -33.99 29.99 -9.34
CA ARG B 454 -34.87 29.00 -8.71
C ARG B 454 -36.20 28.83 -9.44
N HIS B 455 -36.51 29.70 -10.41
CA HIS B 455 -37.72 29.52 -11.20
C HIS B 455 -37.60 28.32 -12.13
N LEU B 456 -36.39 27.99 -12.56
CA LEU B 456 -36.22 26.91 -13.53
C LEU B 456 -36.09 25.55 -12.84
N ALA B 457 -35.03 25.37 -12.05
CA ALA B 457 -34.71 24.15 -11.30
C ALA B 457 -34.63 22.90 -12.18
N ALA B 458 -34.19 23.04 -13.43
CA ALA B 458 -34.08 21.92 -14.36
C ALA B 458 -33.00 22.21 -15.41
N PRO B 459 -32.25 21.19 -15.86
CA PRO B 459 -31.25 21.45 -16.90
C PRO B 459 -31.86 21.66 -18.27
N LYS B 460 -31.91 22.93 -18.71
CA LYS B 460 -32.50 23.30 -19.98
C LYS B 460 -31.61 24.33 -20.66
N LYS B 461 -31.41 24.17 -21.96
CA LYS B 461 -30.69 25.15 -22.76
C LYS B 461 -31.65 25.76 -23.78
N LEU B 462 -31.44 27.03 -24.08
CA LEU B 462 -32.28 27.79 -25.02
C LEU B 462 -31.40 28.27 -26.17
N ASN B 463 -31.72 27.84 -27.38
CA ASN B 463 -30.97 28.19 -28.58
C ASN B 463 -31.94 28.51 -29.70
N ASP B 464 -31.70 29.62 -30.40
CA ASP B 464 -32.52 30.02 -31.54
C ASP B 464 -32.03 29.31 -32.79
N SER B 465 -32.72 29.54 -33.91
CA SER B 465 -32.42 28.93 -35.21
C SER B 465 -31.06 29.42 -35.68
N GLN B 466 -30.89 30.72 -35.96
CA GLN B 466 -29.66 31.43 -36.36
C GLN B 466 -29.06 30.95 -37.69
N ARG B 467 -29.73 30.06 -38.43
CA ARG B 467 -29.40 29.68 -39.82
C ARG B 467 -28.05 28.95 -39.95
N LYS B 468 -27.48 28.54 -38.80
CA LYS B 468 -26.21 27.82 -38.67
C LYS B 468 -25.07 28.55 -39.37
N THR B 469 -24.73 29.74 -38.88
CA THR B 469 -23.64 30.53 -39.44
C THR B 469 -22.90 31.28 -38.33
N VAL B 470 -21.57 31.14 -38.33
CA VAL B 470 -20.70 31.80 -37.37
C VAL B 470 -19.50 32.35 -38.13
N ASN B 471 -19.30 33.66 -38.04
CA ASN B 471 -18.23 34.33 -38.77
C ASN B 471 -17.62 35.42 -37.89
N SER B 472 -16.51 35.97 -38.36
CA SER B 472 -15.81 37.01 -37.60
C SER B 472 -16.42 38.38 -37.83
N ASP B 473 -17.33 38.49 -38.81
CA ASP B 473 -18.01 39.76 -39.07
C ASP B 473 -18.97 40.09 -37.94
N ASP B 474 -19.54 39.07 -37.29
CA ASP B 474 -20.34 39.30 -36.10
C ASP B 474 -19.46 39.67 -34.92
N ILE B 475 -18.21 39.19 -34.92
CA ILE B 475 -17.29 39.52 -33.83
C ILE B 475 -16.83 40.97 -33.97
N LEU B 476 -16.74 41.45 -35.21
CA LEU B 476 -16.46 42.87 -35.45
C LEU B 476 -17.58 43.78 -34.97
N SER B 477 -18.81 43.26 -34.86
CA SER B 477 -19.90 44.03 -34.27
C SER B 477 -19.84 44.07 -32.75
N LEU B 478 -19.04 43.20 -32.13
CA LEU B 478 -18.87 43.20 -30.68
C LEU B 478 -17.95 44.31 -30.21
N HIS B 479 -16.99 44.73 -31.04
CA HIS B 479 -16.02 45.75 -30.67
C HIS B 479 -16.57 47.16 -30.87
N GLU B 480 -17.54 47.35 -31.75
CA GLU B 480 -18.08 48.67 -32.06
C GLU B 480 -19.39 48.93 -31.34
N ASN B 481 -20.38 48.03 -31.46
CA ASN B 481 -21.69 48.22 -30.84
C ASN B 481 -21.67 47.61 -29.45
N TYR B 482 -21.34 48.45 -28.47
CA TYR B 482 -21.30 48.02 -27.07
C TYR B 482 -22.29 48.83 -26.27
N PRO B 483 -23.30 48.20 -25.64
CA PRO B 483 -24.28 48.96 -24.85
C PRO B 483 -23.73 49.45 -23.51
N GLN B 484 -23.08 50.62 -23.53
CA GLN B 484 -22.42 51.12 -22.33
C GLN B 484 -23.43 51.50 -21.24
N ASP B 485 -24.59 52.01 -21.64
CA ASP B 485 -25.51 52.65 -20.69
C ASP B 485 -26.15 51.63 -19.75
N GLU B 486 -26.72 50.56 -20.31
CA GLU B 486 -27.42 49.57 -19.48
C GLU B 486 -26.44 48.74 -18.65
N ILE B 487 -25.30 48.39 -19.25
CA ILE B 487 -24.27 47.62 -18.54
C ILE B 487 -23.68 48.43 -17.38
N ASN B 488 -23.43 49.72 -17.61
CA ASN B 488 -22.90 50.56 -16.55
C ASN B 488 -23.98 50.92 -15.53
N ALA B 489 -25.26 50.85 -15.93
CA ALA B 489 -26.34 51.01 -14.98
C ALA B 489 -26.44 49.79 -14.05
N VAL B 490 -26.20 48.60 -14.60
CA VAL B 490 -26.13 47.39 -13.76
C VAL B 490 -24.93 47.46 -12.83
N PHE B 491 -23.81 48.03 -13.31
CA PHE B 491 -22.65 48.28 -12.46
C PHE B 491 -22.99 49.24 -11.32
N ASN B 492 -23.74 50.30 -11.62
CA ASN B 492 -24.14 51.26 -10.61
C ASN B 492 -25.15 50.66 -9.64
N GLU B 493 -25.94 49.68 -10.10
CA GLU B 493 -26.84 48.97 -9.20
C GLU B 493 -26.07 48.07 -8.24
N LEU B 494 -25.03 47.40 -8.73
CA LEU B 494 -24.29 46.49 -7.86
C LEU B 494 -23.34 47.23 -6.92
N CYS B 495 -22.88 48.42 -7.31
CA CYS B 495 -21.93 49.13 -6.44
C CYS B 495 -22.67 49.76 -5.26
N ASP B 496 -23.87 50.28 -5.49
CA ASP B 496 -24.64 50.96 -4.45
C ASP B 496 -25.28 49.96 -3.50
N PRO B 497 -25.35 50.27 -2.20
CA PRO B 497 -25.96 49.32 -1.25
C PRO B 497 -27.48 49.36 -1.28
N GLU B 498 -28.05 50.43 -1.83
CA GLU B 498 -29.51 50.57 -1.83
C GLU B 498 -30.15 49.67 -2.89
N SER B 499 -29.51 49.52 -4.06
CA SER B 499 -30.11 48.73 -5.11
C SER B 499 -29.99 47.23 -4.83
N ARG B 500 -28.89 46.80 -4.20
CA ARG B 500 -28.77 45.39 -3.84
C ARG B 500 -29.73 45.04 -2.70
N THR B 501 -30.07 46.03 -1.86
CA THR B 501 -31.09 45.82 -0.84
C THR B 501 -32.48 45.77 -1.47
N GLN B 502 -32.70 46.60 -2.50
CA GLN B 502 -33.99 46.59 -3.21
C GLN B 502 -34.16 45.31 -4.03
N SER B 503 -33.06 44.64 -4.38
CA SER B 503 -33.14 43.40 -5.14
C SER B 503 -33.81 42.27 -4.35
N TYR B 504 -33.74 42.32 -3.02
CA TYR B 504 -34.33 41.28 -2.19
C TYR B 504 -35.79 41.58 -1.82
N ASN B 505 -36.48 42.37 -2.63
CA ASN B 505 -37.85 42.77 -2.31
C ASN B 505 -38.87 41.68 -2.63
N ASN B 506 -38.51 40.65 -3.38
CA ASN B 506 -39.47 39.62 -3.77
C ASN B 506 -38.86 38.22 -3.71
N GLN B 507 -37.83 38.03 -2.89
CA GLN B 507 -37.23 36.71 -2.72
C GLN B 507 -38.19 35.76 -2.02
N ASN B 508 -38.41 34.61 -2.63
CA ASN B 508 -39.36 33.61 -2.16
C ASN B 508 -38.64 32.40 -1.59
N THR B 509 -39.39 31.58 -0.85
CA THR B 509 -38.86 30.35 -0.29
C THR B 509 -38.95 29.25 -1.36
N LEU B 510 -38.30 28.11 -1.11
CA LEU B 510 -38.39 26.97 -2.02
C LEU B 510 -39.82 26.40 -2.02
N LYS B 511 -40.50 26.49 -0.88
CA LYS B 511 -41.91 26.09 -0.83
C LYS B 511 -42.77 27.01 -1.68
N GLU B 512 -42.42 28.30 -1.74
CA GLU B 512 -43.20 29.26 -2.51
C GLU B 512 -43.02 29.04 -4.01
N ILE B 513 -41.79 28.77 -4.44
CA ILE B 513 -41.55 28.55 -5.87
C ILE B 513 -42.07 27.17 -6.29
N SER B 514 -42.12 26.23 -5.34
CA SER B 514 -42.76 24.95 -5.62
C SER B 514 -44.27 25.12 -5.74
N ALA B 515 -44.85 26.00 -4.94
CA ALA B 515 -46.28 26.29 -5.03
C ALA B 515 -46.61 27.02 -6.33
N ARG B 516 -45.72 27.91 -6.79
CA ARG B 516 -45.93 28.59 -8.06
C ARG B 516 -45.81 27.62 -9.23
N ARG B 517 -44.89 26.66 -9.13
CA ARG B 517 -44.76 25.62 -10.16
C ARG B 517 -45.99 24.72 -10.16
N TYR B 518 -46.57 24.46 -8.98
CA TYR B 518 -47.80 23.69 -8.91
C TYR B 518 -48.99 24.47 -9.48
N LYS B 519 -48.98 25.80 -9.30
CA LYS B 519 -50.03 26.64 -9.88
C LYS B 519 -49.93 26.66 -11.40
N LEU B 520 -48.72 26.67 -11.94
CA LEU B 520 -48.57 26.60 -13.39
C LEU B 520 -48.93 25.21 -13.91
N LEU B 521 -48.64 24.16 -13.13
CA LEU B 521 -49.01 22.81 -13.54
C LEU B 521 -50.52 22.61 -13.50
N THR B 522 -51.21 23.29 -12.58
CA THR B 522 -52.66 23.20 -12.49
C THR B 522 -53.34 24.06 -13.55
N ALA B 523 -52.89 25.29 -13.76
CA ALA B 523 -53.53 26.18 -14.74
C ALA B 523 -53.20 25.76 -16.17
N THR B 524 -51.92 25.77 -16.51
CA THR B 524 -51.49 25.40 -17.86
C THR B 524 -51.28 23.89 -17.97
N LYS B 530 -45.15 22.34 -20.12
CA LYS B 530 -44.12 23.35 -19.94
C LYS B 530 -43.54 23.30 -18.53
N THR B 531 -42.25 23.57 -18.40
CA THR B 531 -41.56 23.53 -17.11
C THR B 531 -40.88 24.89 -16.92
N THR B 532 -41.63 25.84 -16.38
CA THR B 532 -41.15 27.19 -16.16
C THR B 532 -42.00 27.92 -15.11
N VAL B 533 -41.54 29.07 -14.65
CA VAL B 533 -42.34 29.97 -13.83
C VAL B 533 -42.24 31.35 -14.48
N PRO B 534 -43.38 31.97 -14.81
CA PRO B 534 -43.34 33.22 -15.57
C PRO B 534 -42.88 34.42 -14.74
N PHE B 535 -42.47 35.45 -15.46
CA PHE B 535 -41.95 36.67 -14.86
C PHE B 535 -43.06 37.71 -14.70
N LYS B 536 -43.04 38.38 -13.54
CA LYS B 536 -43.98 39.47 -13.26
C LYS B 536 -43.15 40.67 -12.84
N GLU B 537 -43.43 41.83 -13.44
CA GLU B 537 -42.66 43.04 -13.18
C GLU B 537 -42.92 43.60 -11.78
N SER B 538 -44.01 43.20 -11.14
CA SER B 538 -44.36 43.72 -9.83
C SER B 538 -43.82 42.88 -8.69
N ASP B 539 -43.88 41.56 -8.77
CA ASP B 539 -43.61 40.68 -7.64
C ASP B 539 -42.63 39.55 -7.98
N ASP B 540 -41.55 39.88 -8.70
CA ASP B 540 -40.47 38.93 -8.94
C ASP B 540 -39.14 39.62 -8.72
N PRO B 541 -38.16 38.96 -8.09
CA PRO B 541 -36.91 39.65 -7.73
C PRO B 541 -35.89 39.74 -8.87
N SER B 542 -36.02 40.77 -9.70
CA SER B 542 -35.07 40.99 -10.79
C SER B 542 -33.69 41.36 -10.22
N ILE B 543 -32.70 40.53 -10.52
CA ILE B 543 -31.36 40.65 -9.96
C ILE B 543 -30.48 41.38 -10.97
N PRO B 544 -29.37 41.97 -10.54
CA PRO B 544 -28.35 42.40 -11.51
C PRO B 544 -27.34 41.29 -11.73
N LEU B 545 -26.96 41.05 -12.99
CA LEU B 545 -26.04 39.97 -13.30
C LEU B 545 -24.96 40.47 -14.26
N VAL B 546 -23.71 40.19 -13.90
CA VAL B 546 -22.53 40.69 -14.62
C VAL B 546 -21.62 39.52 -14.95
N ILE B 547 -21.32 39.34 -16.24
CA ILE B 547 -20.42 38.30 -16.74
C ILE B 547 -19.32 38.98 -17.54
N ILE B 548 -18.07 38.85 -17.09
CA ILE B 548 -16.94 39.51 -17.74
C ILE B 548 -15.87 38.48 -18.07
N ARG B 549 -15.03 38.82 -19.05
CA ARG B 549 -13.91 37.98 -19.44
C ARG B 549 -12.66 38.43 -18.68
N ARG B 550 -11.88 37.46 -18.20
CA ARG B 550 -10.58 37.73 -17.58
C ARG B 550 -9.50 37.23 -18.55
N LEU B 551 -8.54 38.11 -18.87
CA LEU B 551 -7.75 37.94 -20.09
C LEU B 551 -6.68 36.87 -19.95
N LYS B 552 -5.71 37.08 -19.05
CA LYS B 552 -4.51 36.25 -19.02
C LYS B 552 -4.81 34.86 -18.44
N THR B 553 -5.80 34.77 -17.56
CA THR B 553 -6.12 33.48 -16.96
C THR B 553 -7.15 32.72 -17.81
N ARG B 554 -7.57 33.31 -18.93
CA ARG B 554 -8.37 32.71 -20.01
C ARG B 554 -9.73 32.20 -19.55
N ASP B 555 -10.37 32.83 -18.57
CA ASP B 555 -11.55 32.28 -17.93
C ASP B 555 -12.61 33.37 -17.72
N TRP B 556 -13.88 32.97 -17.76
CA TRP B 556 -15.00 33.92 -17.66
C TRP B 556 -15.42 33.99 -16.20
N ILE B 557 -15.40 35.18 -15.58
CA ILE B 557 -15.84 35.29 -14.19
C ILE B 557 -17.15 36.05 -14.17
N VAL B 558 -18.09 35.57 -13.34
CA VAL B 558 -19.42 36.15 -13.22
C VAL B 558 -19.65 36.53 -11.76
N VAL B 559 -20.02 37.80 -11.54
CA VAL B 559 -20.09 38.35 -10.19
C VAL B 559 -21.55 38.61 -9.86
N LEU B 560 -21.90 38.53 -8.58
CA LEU B 560 -23.28 38.56 -8.10
C LEU B 560 -23.25 38.79 -6.59
N PRO B 561 -24.35 39.31 -6.01
CA PRO B 561 -24.41 39.42 -4.55
C PRO B 561 -24.35 38.08 -3.82
N TRP B 562 -24.01 38.16 -2.53
CA TRP B 562 -23.65 37.03 -1.68
C TRP B 562 -24.76 35.99 -1.53
N PHE B 563 -25.95 36.45 -1.15
CA PHE B 563 -27.08 35.54 -0.96
C PHE B 563 -27.74 35.16 -2.28
N TRP B 564 -27.39 35.83 -3.38
CA TRP B 564 -27.90 35.45 -4.69
C TRP B 564 -27.06 34.40 -5.39
N LEU B 565 -25.87 34.09 -4.88
CA LEU B 565 -24.93 33.25 -5.61
C LEU B 565 -25.39 31.79 -5.63
N LEU B 566 -25.94 31.32 -4.52
CA LEU B 566 -26.39 29.94 -4.35
C LEU B 566 -27.56 29.53 -5.26
N PRO B 567 -28.62 30.35 -5.49
CA PRO B 567 -29.59 29.95 -6.54
C PRO B 567 -29.00 29.91 -7.94
N LEU B 568 -27.97 30.70 -8.21
CA LEU B 568 -27.24 30.57 -9.46
C LEU B 568 -26.32 29.35 -9.45
N TRP B 569 -25.57 29.12 -8.37
CA TRP B 569 -24.59 28.05 -8.27
C TRP B 569 -25.22 26.65 -8.28
N HIS B 570 -26.42 26.50 -7.70
CA HIS B 570 -27.02 25.16 -7.62
C HIS B 570 -27.50 24.68 -8.98
N LEU B 571 -27.83 25.61 -9.88
CA LEU B 571 -28.36 25.22 -11.18
C LEU B 571 -27.24 25.03 -12.20
N LEU B 572 -26.00 25.38 -11.81
CA LEU B 572 -24.88 25.32 -12.75
C LEU B 572 -24.51 23.88 -13.12
N ASN B 573 -24.09 23.08 -12.14
CA ASN B 573 -23.62 21.74 -12.48
C ASN B 573 -24.72 20.71 -12.62
N ARG B 574 -25.99 21.12 -12.56
CA ARG B 574 -27.07 20.19 -12.85
C ARG B 574 -27.21 20.06 -14.36
N ILE B 575 -26.62 21.00 -15.10
CA ILE B 575 -26.22 20.77 -16.48
C ILE B 575 -25.20 19.64 -16.43
N PRO B 576 -25.41 18.54 -17.16
CA PRO B 576 -24.61 17.32 -16.90
C PRO B 576 -23.20 17.32 -17.49
N ARG B 577 -22.70 18.47 -17.94
CA ARG B 577 -21.33 18.60 -18.43
C ARG B 577 -20.64 19.77 -17.73
N MET B 578 -20.77 19.81 -16.40
CA MET B 578 -20.19 20.88 -15.62
C MET B 578 -19.79 20.34 -14.25
N TYR B 579 -18.53 20.56 -13.90
CA TYR B 579 -17.91 20.04 -12.69
C TYR B 579 -17.34 21.21 -11.91
N HIS B 580 -16.95 20.96 -10.66
CA HIS B 580 -16.45 22.00 -9.77
C HIS B 580 -14.94 21.91 -9.63
N ILE B 581 -14.33 23.04 -9.28
CA ILE B 581 -12.87 23.20 -9.26
C ILE B 581 -12.41 23.34 -7.82
N GLY B 582 -11.27 22.73 -7.50
CA GLY B 582 -10.54 23.04 -6.29
C GLY B 582 -9.38 23.99 -6.57
N LEU B 583 -8.82 24.54 -5.50
CA LEU B 583 -7.75 25.53 -5.67
C LEU B 583 -6.45 24.84 -6.09
N ARG B 584 -6.30 23.56 -5.75
CA ARG B 584 -5.25 22.74 -6.35
C ARG B 584 -5.48 22.58 -7.85
N GLN B 585 -6.74 22.37 -8.24
CA GLN B 585 -7.05 22.27 -9.66
C GLN B 585 -6.92 23.62 -10.35
N PHE B 586 -7.20 24.71 -9.63
CA PHE B 586 -6.97 26.04 -10.18
C PHE B 586 -5.48 26.31 -10.36
N GLN B 587 -4.65 25.80 -9.44
CA GLN B 587 -3.21 25.89 -9.60
C GLN B 587 -2.73 25.06 -10.80
N GLN B 588 -3.38 23.92 -11.03
CA GLN B 588 -3.08 23.12 -12.22
C GLN B 588 -3.46 23.86 -13.51
N ILE B 589 -4.59 24.57 -13.50
CA ILE B 589 -5.02 25.34 -14.66
C ILE B 589 -4.06 26.51 -14.90
N GLN B 590 -3.62 27.18 -13.83
CA GLN B 590 -2.64 28.25 -13.99
C GLN B 590 -1.27 27.72 -14.42
N TYR B 591 -0.96 26.47 -14.06
CA TYR B 591 0.28 25.86 -14.51
C TYR B 591 0.20 25.43 -15.98
N GLU B 592 -1.01 25.09 -16.44
CA GLU B 592 -1.17 24.60 -17.80
C GLU B 592 -1.11 25.73 -18.82
N ASN B 593 -1.69 26.88 -18.49
CA ASN B 593 -1.78 28.01 -19.41
C ASN B 593 -0.54 28.91 -19.38
N LYS B 594 0.59 28.41 -18.86
CA LYS B 594 1.84 29.13 -18.64
C LYS B 594 1.66 30.37 -17.78
N GLN B 595 0.69 30.37 -16.87
CA GLN B 595 0.40 31.52 -16.03
C GLN B 595 1.03 31.38 -14.66
N LEU B 596 0.68 32.28 -13.74
CA LEU B 596 1.34 32.34 -12.44
C LEU B 596 0.31 32.31 -11.33
N TYR B 597 0.77 31.95 -10.13
CA TYR B 597 -0.06 31.71 -8.96
C TYR B 597 0.59 32.36 -7.75
N PHE B 598 -0.23 33.00 -6.92
CA PHE B 598 0.33 33.85 -5.86
C PHE B 598 0.92 33.11 -4.66
N PRO B 599 0.26 32.07 -4.03
CA PRO B 599 0.91 31.42 -2.87
C PRO B 599 2.14 30.58 -3.21
N ASP B 600 2.28 30.18 -4.47
CA ASP B 600 3.34 29.26 -4.87
C ASP B 600 4.29 29.87 -5.90
N ASP B 601 3.77 30.39 -7.02
CA ASP B 601 4.63 30.82 -8.11
C ASP B 601 5.02 32.28 -7.99
N TYR B 602 4.71 32.93 -6.86
CA TYR B 602 5.20 34.28 -6.58
C TYR B 602 6.16 34.31 -5.41
N PRO B 603 7.47 34.05 -5.63
CA PRO B 603 8.42 34.09 -4.52
C PRO B 603 9.03 35.47 -4.30
N PHE B 604 8.88 36.37 -5.26
CA PHE B 604 9.53 37.67 -5.18
C PHE B 604 8.86 38.60 -4.18
N THR B 605 7.54 38.48 -4.04
CA THR B 605 6.79 39.37 -3.15
C THR B 605 7.03 39.01 -1.69
N GLN B 606 6.64 39.90 -0.78
CA GLN B 606 6.90 39.69 0.64
C GLN B 606 6.08 38.53 1.20
N LEU B 607 4.75 38.61 1.05
CA LEU B 607 3.86 37.61 1.64
C LEU B 607 4.05 36.23 1.01
N GLY B 608 4.30 36.20 -0.31
CA GLY B 608 4.54 34.94 -0.99
C GLY B 608 5.81 34.25 -0.52
N TYR B 609 6.89 35.02 -0.38
CA TYR B 609 8.16 34.52 0.14
C TYR B 609 8.01 34.00 1.56
N ILE B 610 7.36 34.79 2.44
CA ILE B 610 7.18 34.41 3.84
C ILE B 610 6.35 33.13 3.96
N GLU B 611 5.15 33.12 3.37
CA GLU B 611 4.26 31.96 3.39
C GLU B 611 4.92 30.72 2.81
N ASN B 612 5.39 30.79 1.56
CA ASN B 612 5.96 29.65 0.85
C ASN B 612 7.19 29.11 1.58
N SER B 613 8.17 29.99 1.86
CA SER B 613 9.43 29.57 2.47
C SER B 613 9.22 28.98 3.87
N PHE B 614 8.49 29.70 4.74
CA PHE B 614 8.32 29.25 6.11
C PHE B 614 7.50 27.96 6.20
N TYR B 615 6.34 27.93 5.53
CA TYR B 615 5.46 26.76 5.67
C TYR B 615 6.04 25.53 4.98
N LYS B 616 6.58 25.67 3.76
CA LYS B 616 7.13 24.50 3.08
C LYS B 616 8.44 24.05 3.74
N LYS B 617 9.21 24.98 4.31
CA LYS B 617 10.45 24.60 5.00
C LYS B 617 10.14 23.82 6.27
N GLU B 618 9.19 24.31 7.08
CA GLU B 618 8.81 23.62 8.31
C GLU B 618 8.15 22.27 8.02
N ALA B 619 7.30 22.21 7.00
CA ALA B 619 6.63 20.97 6.61
C ALA B 619 7.63 19.91 6.12
N SER B 620 8.54 20.32 5.22
CA SER B 620 9.51 19.37 4.69
C SER B 620 10.54 18.97 5.74
N LYS B 621 10.86 19.88 6.67
CA LYS B 621 11.80 19.55 7.73
C LYS B 621 11.19 18.57 8.73
N THR B 622 9.90 18.74 9.03
CA THR B 622 9.21 17.80 9.90
C THR B 622 9.06 16.44 9.21
N LYS B 623 8.81 16.45 7.90
CA LYS B 623 8.68 15.20 7.16
C LYS B 623 10.01 14.47 7.05
N TRP B 624 11.11 15.22 6.94
CA TRP B 624 12.43 14.59 6.83
C TRP B 624 12.91 14.08 8.17
N ASP B 625 12.72 14.86 9.24
CA ASP B 625 13.11 14.41 10.57
C ASP B 625 12.18 13.34 11.13
N ARG B 626 10.99 13.18 10.54
CA ARG B 626 10.05 12.17 10.99
C ARG B 626 10.39 10.78 10.49
N LYS B 627 10.95 10.66 9.28
CA LYS B 627 11.32 9.38 8.68
C LYS B 627 12.50 8.74 9.41
N PRO B 628 12.52 7.41 9.54
CA PRO B 628 13.67 6.76 10.17
C PRO B 628 14.89 6.74 9.26
N MET B 629 16.06 6.45 9.83
CA MET B 629 17.32 6.54 9.09
C MET B 629 17.45 5.34 8.15
N GLY B 630 17.69 5.62 6.87
CA GLY B 630 17.96 4.57 5.90
C GLY B 630 16.80 4.23 5.00
N LYS B 631 15.78 5.10 4.96
CA LYS B 631 14.64 4.88 4.09
C LYS B 631 14.37 6.10 3.23
N ARG B 632 14.70 7.28 3.75
CA ARG B 632 14.56 8.53 3.01
C ARG B 632 15.87 8.84 2.29
N ILE B 633 15.80 9.79 1.36
CA ILE B 633 16.99 10.26 0.67
C ILE B 633 17.83 11.08 1.65
N ASN B 634 19.14 10.82 1.67
CA ASN B 634 20.04 11.46 2.63
C ASN B 634 20.71 12.64 1.96
N PHE B 635 20.38 13.84 2.45
CA PHE B 635 20.89 15.06 1.83
C PHE B 635 22.33 15.36 2.25
N GLU B 636 22.80 14.72 3.32
CA GLU B 636 24.13 15.01 3.84
C GLU B 636 25.25 14.39 3.01
N LYS B 637 25.09 13.15 2.54
CA LYS B 637 26.19 12.45 1.88
C LYS B 637 25.76 12.10 0.46
N ILE B 638 25.99 13.03 -0.47
CA ILE B 638 25.77 12.79 -1.89
C ILE B 638 27.06 13.08 -2.64
N LYS B 639 27.67 12.04 -3.21
CA LYS B 639 28.93 12.21 -3.92
C LYS B 639 28.71 12.62 -5.36
N ASP B 640 29.74 13.23 -5.98
CA ASP B 640 29.78 13.66 -7.38
C ASP B 640 28.63 14.62 -7.74
N ILE B 641 28.61 15.80 -7.13
CA ILE B 641 27.59 16.79 -7.42
C ILE B 641 28.13 17.81 -8.40
N HIS B 642 29.27 18.42 -8.07
CA HIS B 642 29.92 19.40 -8.93
C HIS B 642 31.36 18.98 -9.17
N ASN B 643 31.95 19.49 -10.24
CA ASN B 643 33.37 19.29 -10.50
C ASN B 643 34.19 20.10 -9.50
N THR B 644 35.35 19.55 -9.11
CA THR B 644 36.27 20.11 -8.11
C THR B 644 35.57 20.39 -6.80
N LYS B 645 35.14 19.33 -6.10
CA LYS B 645 34.36 19.40 -4.86
C LYS B 645 35.04 20.23 -3.77
N LEU B 646 34.37 21.30 -3.35
CA LEU B 646 34.92 22.33 -2.49
C LEU B 646 35.01 21.83 -1.05
N PRO B 647 36.03 22.26 -0.28
CA PRO B 647 36.17 21.75 1.10
C PRO B 647 35.14 22.30 2.06
N ALA B 648 34.87 21.55 3.13
CA ALA B 648 33.84 21.83 4.14
C ALA B 648 32.45 22.01 3.52
N TYR B 649 32.18 21.31 2.42
CA TYR B 649 30.92 21.43 1.71
C TYR B 649 30.64 20.18 0.89
N SER B 650 29.76 19.32 1.39
CA SER B 650 29.44 18.06 0.73
C SER B 650 27.97 17.94 0.35
N GLY B 651 27.19 19.01 0.49
CA GLY B 651 25.77 18.98 0.25
C GLY B 651 25.36 19.63 -1.05
N GLU B 652 24.07 19.93 -1.15
CA GLU B 652 23.48 20.52 -2.34
C GLU B 652 23.35 22.03 -2.16
N ILE B 653 23.26 22.75 -3.30
CA ILE B 653 23.11 24.20 -3.39
C ILE B 653 21.94 24.71 -2.54
N GLY B 654 22.25 25.65 -1.64
CA GLY B 654 21.33 26.28 -0.73
C GLY B 654 20.72 25.27 0.23
N ASP B 655 19.53 25.61 0.71
CA ASP B 655 18.74 24.65 1.45
C ASP B 655 18.21 23.57 0.50
N PHE B 656 18.16 22.34 1.00
CA PHE B 656 17.69 21.19 0.23
C PHE B 656 16.20 21.31 -0.07
N PHE B 657 15.48 21.96 0.84
CA PHE B 657 14.04 22.16 0.73
C PHE B 657 13.74 23.44 -0.01
N SER B 658 12.51 23.96 0.20
CA SER B 658 11.93 25.17 -0.39
C SER B 658 12.91 26.32 -0.61
N SER B 659 12.83 26.92 -1.81
CA SER B 659 13.91 27.66 -2.46
C SER B 659 14.42 28.83 -1.64
N ASP B 660 15.65 28.69 -1.14
CA ASP B 660 16.33 29.72 -0.38
C ASP B 660 16.97 30.68 -1.38
N TRP B 661 16.28 31.80 -1.62
CA TRP B 661 16.79 32.80 -2.56
C TRP B 661 17.95 33.58 -1.96
N ARG B 662 18.11 33.51 -0.63
CA ARG B 662 19.22 34.17 0.06
C ARG B 662 20.57 33.62 -0.39
N PHE B 663 20.68 32.29 -0.51
CA PHE B 663 21.91 31.65 -0.99
C PHE B 663 22.24 32.10 -2.40
N LEU B 664 21.23 32.14 -3.27
CA LEU B 664 21.42 32.52 -4.67
C LEU B 664 21.84 33.98 -4.79
N GLN B 665 21.25 34.88 -3.98
CA GLN B 665 21.58 36.29 -4.13
C GLN B 665 22.92 36.63 -3.49
N ILE B 666 23.29 35.94 -2.40
CA ILE B 666 24.63 36.14 -1.83
C ILE B 666 25.70 35.59 -2.77
N LEU B 667 25.43 34.45 -3.41
CA LEU B 667 26.39 33.89 -4.37
C LEU B 667 26.50 34.78 -5.60
N ARG B 668 25.39 35.38 -6.03
CA ARG B 668 25.43 36.28 -7.19
C ARG B 668 26.20 37.56 -6.87
N ASN B 669 26.01 38.13 -5.68
CA ASN B 669 26.78 39.31 -5.29
C ASN B 669 28.25 38.96 -5.04
N GLY B 670 28.53 37.71 -4.62
CA GLY B 670 29.91 37.29 -4.47
C GLY B 670 30.64 37.16 -5.80
N ILE B 671 29.95 36.60 -6.81
CA ILE B 671 30.54 36.52 -8.15
C ILE B 671 30.66 37.91 -8.77
N ASP B 672 29.71 38.80 -8.45
CA ASP B 672 29.82 40.19 -8.90
C ASP B 672 31.00 40.90 -8.26
N TYR B 673 31.25 40.62 -6.97
CA TYR B 673 32.41 41.20 -6.29
C TYR B 673 33.71 40.62 -6.83
N LEU B 674 33.70 39.36 -7.24
CA LEU B 674 34.88 38.77 -7.85
C LEU B 674 35.15 39.35 -9.25
N GLN B 675 34.08 39.66 -9.99
CA GLN B 675 34.26 40.28 -11.30
C GLN B 675 34.68 41.74 -11.17
N ARG B 676 34.25 42.42 -10.10
CA ARG B 676 34.71 43.77 -9.86
C ARG B 676 36.13 43.79 -9.29
N ASN B 677 36.55 42.68 -8.66
CA ASN B 677 37.88 42.63 -8.09
C ASN B 677 38.93 42.27 -9.14
N ASP B 678 38.59 41.39 -10.08
CA ASP B 678 39.54 40.95 -11.09
C ASP B 678 38.74 40.55 -12.34
N LYS B 679 39.43 40.52 -13.48
CA LYS B 679 38.80 40.17 -14.74
C LYS B 679 38.38 38.70 -14.79
N THR B 680 39.08 37.82 -14.07
CA THR B 680 38.70 36.42 -13.95
C THR B 680 38.35 36.11 -12.51
N LEU B 681 37.93 34.88 -12.27
CA LEU B 681 37.52 34.43 -10.94
C LEU B 681 38.35 33.19 -10.57
N GLU B 682 38.85 33.16 -9.34
CA GLU B 682 39.60 32.01 -8.85
C GLU B 682 38.65 30.89 -8.45
N LEU B 683 39.10 29.64 -8.57
CA LEU B 683 38.25 28.50 -8.26
C LEU B 683 38.14 28.28 -6.74
N MET B 684 39.27 28.01 -6.11
CA MET B 684 39.30 27.72 -4.67
C MET B 684 40.55 28.33 -4.06
N ASP B 685 40.85 27.95 -2.82
CA ASP B 685 42.02 28.46 -2.12
C ASP B 685 43.32 27.91 -2.68
N GLY B 696 35.32 42.24 9.84
CA GLY B 696 35.28 40.89 10.36
C GLY B 696 35.19 39.83 9.28
N VAL B 697 34.70 40.24 8.10
CA VAL B 697 34.57 39.32 6.98
C VAL B 697 35.95 39.08 6.35
N ARG B 698 36.26 37.82 6.09
CA ARG B 698 37.53 37.45 5.49
C ARG B 698 37.61 37.92 4.04
N ASP B 699 38.83 37.95 3.51
CA ASP B 699 39.10 38.47 2.17
C ASP B 699 38.52 37.54 1.12
N ILE B 700 37.48 38.00 0.42
CA ILE B 700 36.81 37.19 -0.60
C ILE B 700 37.69 37.15 -1.85
N ASN B 701 38.13 35.93 -2.21
CA ASN B 701 38.91 35.73 -3.42
C ASN B 701 38.43 34.57 -4.27
N CYS B 702 37.48 33.77 -3.79
CA CYS B 702 36.96 32.62 -4.52
C CYS B 702 35.60 32.22 -3.95
N VAL B 703 35.18 31.00 -4.29
CA VAL B 703 33.77 30.63 -4.11
C VAL B 703 33.48 30.22 -2.67
N ASN B 704 34.39 29.45 -2.04
CA ASN B 704 34.08 28.82 -0.76
C ASN B 704 34.05 29.83 0.38
N ASP B 705 34.73 30.97 0.22
CA ASP B 705 34.63 32.03 1.21
C ASP B 705 33.24 32.67 1.18
N VAL B 706 32.61 32.69 0.01
CA VAL B 706 31.23 33.14 -0.08
C VAL B 706 30.29 32.07 0.47
N LEU B 707 30.61 30.80 0.23
CA LEU B 707 29.72 29.72 0.65
C LEU B 707 29.74 29.53 2.16
N GLU B 708 30.89 29.76 2.80
CA GLU B 708 30.94 29.71 4.26
C GLU B 708 30.19 30.87 4.89
N PHE B 709 30.20 32.04 4.22
CA PHE B 709 29.39 33.16 4.68
C PHE B 709 27.91 32.85 4.54
N CYS B 710 27.53 32.14 3.47
CA CYS B 710 26.16 31.67 3.31
C CYS B 710 25.76 30.71 4.42
N LYS B 711 26.63 29.76 4.75
CA LYS B 711 26.33 28.79 5.81
C LYS B 711 26.27 29.46 7.17
N ASP B 712 27.12 30.48 7.40
CA ASP B 712 27.09 31.20 8.66
C ASP B 712 25.83 32.06 8.78
N TYR B 713 25.39 32.68 7.68
CA TYR B 713 24.16 33.46 7.74
C TYR B 713 22.94 32.57 7.92
N GLU B 714 22.97 31.36 7.33
CA GLU B 714 21.89 30.40 7.57
C GLU B 714 21.88 29.92 9.02
N ALA B 715 23.06 29.68 9.59
CA ALA B 715 23.14 29.26 11.00
C ALA B 715 22.73 30.38 11.94
N LYS B 716 22.92 31.63 11.53
CA LYS B 716 22.47 32.75 12.36
C LYS B 716 20.96 32.96 12.21
N THR B 717 20.40 32.72 11.02
CA THR B 717 18.97 32.98 10.83
C THR B 717 18.12 31.79 11.27
N LYS B 718 18.75 30.65 11.55
CA LYS B 718 18.01 29.57 12.20
C LYS B 718 17.69 29.90 13.65
N ALA B 719 18.45 30.80 14.28
CA ALA B 719 18.15 31.19 15.66
C ALA B 719 17.10 32.30 15.72
N MET B 720 17.23 33.31 14.86
CA MET B 720 16.30 34.42 14.82
C MET B 720 15.75 34.54 13.40
N SER B 721 14.43 34.61 13.29
CA SER B 721 13.79 34.67 11.98
C SER B 721 14.01 36.03 11.32
N LEU B 722 14.01 36.05 9.99
CA LEU B 722 14.28 37.25 9.22
C LEU B 722 12.93 37.84 8.77
N SER B 723 12.71 39.10 9.13
CA SER B 723 11.51 39.82 8.71
C SER B 723 11.85 41.28 8.39
N ILE B 724 13.08 41.53 7.92
CA ILE B 724 13.55 42.90 7.74
C ILE B 724 13.24 43.37 6.32
N GLU B 725 13.83 42.72 5.32
CA GLU B 725 13.65 43.12 3.93
C GLU B 725 13.59 41.88 3.05
N GLU B 726 13.28 42.11 1.78
CA GLU B 726 13.29 41.04 0.80
C GLU B 726 14.71 40.84 0.26
N ASN B 727 14.83 39.89 -0.66
CA ASN B 727 16.12 39.61 -1.29
C ASN B 727 16.08 39.52 -2.81
N ILE B 728 14.96 39.15 -3.42
CA ILE B 728 14.87 38.96 -4.87
C ILE B 728 13.60 39.65 -5.38
N PRO B 729 13.70 40.84 -5.98
CA PRO B 729 12.55 41.41 -6.70
C PRO B 729 12.52 41.00 -8.17
N VAL B 730 11.55 41.50 -8.92
CA VAL B 730 11.46 41.24 -10.35
C VAL B 730 12.28 42.27 -11.12
N ALA B 731 12.54 41.98 -12.40
CA ALA B 731 13.30 42.85 -13.29
C ALA B 731 12.48 43.42 -14.43
N LEU B 732 11.33 42.81 -14.73
CA LEU B 732 10.55 43.20 -15.91
C LEU B 732 9.94 44.59 -15.78
N CYS B 733 9.78 45.08 -14.55
CA CYS B 733 9.41 46.48 -14.36
C CYS B 733 10.65 47.36 -14.27
N LYS B 734 11.82 46.75 -14.13
CA LYS B 734 13.04 47.53 -13.92
C LYS B 734 13.85 47.64 -15.22
N ASN B 735 13.71 46.66 -16.11
CA ASN B 735 14.53 46.64 -17.33
C ASN B 735 14.10 47.72 -18.31
N ARG B 736 12.82 48.09 -18.30
CA ARG B 736 12.30 48.98 -19.34
C ARG B 736 12.70 50.43 -19.08
N LYS B 737 12.66 50.85 -17.81
CA LYS B 737 12.85 52.26 -17.46
C LYS B 737 14.06 52.50 -16.57
N CYS B 738 14.25 51.67 -15.54
CA CYS B 738 15.28 51.96 -14.53
C CYS B 738 16.66 51.50 -15.00
N GLN B 739 16.71 50.78 -16.13
CA GLN B 739 17.91 50.30 -16.84
C GLN B 739 18.67 49.30 -15.98
N PHE B 740 17.96 48.59 -15.09
CA PHE B 740 18.43 47.51 -14.19
C PHE B 740 19.76 47.77 -13.49
N ARG B 741 20.02 49.02 -13.10
CA ARG B 741 21.29 49.37 -12.47
C ARG B 741 21.33 48.86 -11.03
N THR B 742 22.46 48.26 -10.66
CA THR B 742 22.64 47.72 -9.31
C THR B 742 22.91 48.82 -8.30
N SER B 752 32.14 51.00 0.89
CA SER B 752 31.28 50.18 1.72
C SER B 752 31.60 48.70 1.57
N PHE B 753 31.70 48.00 2.70
CA PHE B 753 31.98 46.56 2.72
C PHE B 753 30.63 45.85 2.72
N SER B 754 30.11 45.62 1.51
CA SER B 754 28.77 45.07 1.36
C SER B 754 28.85 43.68 0.74
N LEU B 755 28.00 42.80 1.25
CA LEU B 755 27.81 41.48 0.64
C LEU B 755 26.35 41.26 0.26
N THR B 756 25.41 41.72 1.09
CA THR B 756 24.00 41.70 0.72
C THR B 756 23.23 42.88 1.31
N PHE B 757 23.16 43.97 0.54
CA PHE B 757 22.28 45.10 0.87
C PHE B 757 21.40 45.43 -0.33
N PHE B 758 21.99 45.51 -1.51
CA PHE B 758 21.27 45.80 -2.75
C PHE B 758 20.79 44.49 -3.36
N PRO B 759 19.47 44.30 -3.49
CA PRO B 759 18.94 43.01 -3.94
C PRO B 759 19.16 42.72 -5.43
N ARG B 760 18.81 41.52 -5.86
CA ARG B 760 19.00 41.09 -7.24
C ARG B 760 17.67 40.84 -7.92
N CYS B 761 17.53 41.35 -9.14
CA CYS B 761 16.26 41.34 -9.87
C CYS B 761 16.27 40.19 -10.88
N ILE B 762 15.08 39.61 -11.14
CA ILE B 762 14.92 38.44 -11.99
C ILE B 762 13.81 38.67 -13.00
N ILE B 763 13.84 37.90 -14.09
CA ILE B 763 12.75 37.78 -15.03
C ILE B 763 12.17 36.37 -14.91
N ALA B 764 10.87 36.26 -15.19
CA ALA B 764 10.15 35.00 -15.08
C ALA B 764 10.15 34.28 -16.42
N VAL B 765 10.55 33.00 -16.42
CA VAL B 765 10.70 32.21 -17.63
C VAL B 765 9.92 30.91 -17.48
N SER B 766 9.59 30.29 -18.61
CA SER B 766 8.98 28.98 -18.65
C SER B 766 9.79 28.10 -19.60
N CYS B 767 10.47 27.11 -19.03
CA CYS B 767 11.39 26.26 -19.80
C CYS B 767 10.77 24.89 -20.00
N THR B 768 10.84 24.40 -21.23
CA THR B 768 10.28 23.11 -21.61
C THR B 768 11.42 22.14 -21.89
N LEU B 769 11.30 20.91 -21.38
CA LEU B 769 12.34 19.90 -21.52
C LEU B 769 12.46 19.39 -22.95
N LEU B 770 13.69 19.38 -23.47
CA LEU B 770 13.99 18.76 -24.75
C LEU B 770 14.67 17.41 -24.57
N GLU B 771 15.22 17.16 -23.39
CA GLU B 771 15.91 15.91 -23.09
C GLU B 771 14.95 15.03 -22.27
N ARG B 772 15.29 13.77 -22.05
CA ARG B 772 14.47 12.83 -21.29
C ARG B 772 14.42 13.25 -19.82
N GLY B 773 13.26 13.08 -19.19
CA GLY B 773 13.10 13.42 -17.78
C GLY B 773 12.01 14.43 -17.52
N HIS B 774 11.68 14.60 -16.25
CA HIS B 774 10.68 15.57 -15.80
C HIS B 774 11.24 16.40 -14.65
N PRO B 775 10.80 17.63 -14.50
CA PRO B 775 11.22 18.43 -13.34
C PRO B 775 10.33 18.18 -12.13
N LYS B 776 10.82 18.59 -10.97
CA LYS B 776 10.05 18.54 -9.74
C LYS B 776 10.09 19.91 -9.07
N ASP B 777 9.44 20.04 -7.92
CA ASP B 777 9.45 21.28 -7.17
C ASP B 777 10.85 21.53 -6.59
N ASN B 778 11.19 22.81 -6.43
CA ASN B 778 12.46 23.31 -5.90
C ASN B 778 13.65 22.80 -6.71
N ALA B 779 13.65 23.08 -8.01
CA ALA B 779 14.65 22.55 -8.94
C ALA B 779 15.69 23.63 -9.21
N ARG B 780 16.92 23.20 -9.48
CA ARG B 780 18.01 24.15 -9.71
C ARG B 780 18.21 24.39 -11.20
N ILE B 781 18.29 25.67 -11.58
CA ILE B 781 18.53 26.11 -12.95
C ILE B 781 19.97 26.57 -13.07
N TYR B 782 20.73 25.91 -13.94
CA TYR B 782 22.12 26.29 -14.16
C TYR B 782 22.27 27.02 -15.48
N GLN B 783 23.51 27.38 -15.83
CA GLN B 783 23.80 27.98 -17.12
C GLN B 783 24.82 27.10 -17.83
N VAL B 784 24.84 27.17 -19.16
CA VAL B 784 25.81 26.43 -19.96
C VAL B 784 27.12 27.22 -19.93
N PRO B 785 28.25 26.59 -19.61
CA PRO B 785 29.51 27.34 -19.52
C PRO B 785 30.06 27.74 -20.88
N GLU B 786 31.23 28.38 -20.87
CA GLU B 786 31.88 28.81 -22.10
C GLU B 786 32.42 27.63 -22.89
N LYS B 787 32.67 26.51 -22.21
CA LYS B 787 33.11 25.29 -22.87
C LYS B 787 31.93 24.34 -23.08
N ASP B 788 32.09 23.44 -24.05
CA ASP B 788 31.14 22.37 -24.40
C ASP B 788 29.76 22.89 -24.80
N LEU B 789 29.69 24.12 -25.31
CA LEU B 789 28.44 24.67 -25.83
C LEU B 789 28.04 23.94 -27.10
N GLU B 790 29.02 23.58 -27.92
CA GLU B 790 28.75 22.85 -29.15
C GLU B 790 28.28 21.42 -28.85
N HIS B 791 28.66 20.88 -27.69
CA HIS B 791 28.14 19.57 -27.30
C HIS B 791 26.66 19.63 -26.97
N TRP B 792 26.22 20.70 -26.29
CA TRP B 792 24.79 20.85 -26.01
C TRP B 792 24.02 21.22 -27.28
N LEU B 793 24.66 21.94 -28.20
CA LEU B 793 24.04 22.20 -29.50
C LEU B 793 23.88 20.92 -30.31
N GLN B 794 24.86 20.02 -30.23
CA GLN B 794 24.74 18.73 -30.93
C GLN B 794 23.71 17.84 -30.27
N LEU B 795 23.58 17.92 -28.93
CA LEU B 795 22.55 17.16 -28.24
C LEU B 795 21.16 17.72 -28.55
N ALA B 796 21.06 19.03 -28.78
CA ALA B 796 19.80 19.61 -29.22
C ALA B 796 19.48 19.25 -30.67
N LYS B 797 20.49 19.16 -31.53
CA LYS B 797 20.25 18.71 -32.90
C LYS B 797 20.01 17.21 -32.94
N GLY B 798 20.98 16.43 -32.48
CA GLY B 798 20.79 15.00 -32.39
C GLY B 798 21.99 14.23 -31.90
N VAL B 799 21.76 13.32 -30.95
CA VAL B 799 22.78 12.38 -30.49
C VAL B 799 22.09 11.03 -30.31
N TYR B 800 22.76 9.96 -30.73
CA TYR B 800 22.09 8.68 -30.84
C TYR B 800 23.09 7.54 -30.72
N ARG B 801 22.62 6.41 -30.21
CA ARG B 801 23.35 5.17 -30.27
C ARG B 801 22.98 4.56 -31.62
N PRO B 802 23.79 3.63 -32.19
CA PRO B 802 23.48 3.14 -33.55
C PRO B 802 22.25 2.25 -33.68
N ASN B 803 21.56 1.96 -32.57
CA ASN B 803 20.33 1.18 -32.61
C ASN B 803 19.19 1.93 -33.29
N GLY B 804 19.27 3.25 -33.38
CA GLY B 804 18.24 4.06 -34.01
C GLY B 804 17.48 4.97 -33.08
N ARG B 805 17.70 4.86 -31.77
CA ARG B 805 17.01 5.66 -30.79
C ARG B 805 17.95 6.69 -30.17
N LYS B 806 17.43 7.50 -29.26
CA LYS B 806 18.24 8.53 -28.62
C LYS B 806 19.15 7.93 -27.56
N ASP B 807 20.33 8.52 -27.36
CA ASP B 807 21.29 8.05 -26.38
C ASP B 807 21.66 9.20 -25.45
N HIS B 808 21.61 8.94 -24.14
CA HIS B 808 22.06 9.89 -23.14
C HIS B 808 22.87 9.24 -22.03
N ASP B 809 23.36 8.01 -22.25
CA ASP B 809 24.26 7.36 -21.30
C ASP B 809 25.70 7.69 -21.69
N LEU B 810 26.06 8.97 -21.49
CA LEU B 810 27.36 9.49 -21.86
C LEU B 810 27.94 10.26 -20.68
N LYS B 811 29.23 10.57 -20.78
CA LYS B 811 29.90 11.36 -19.75
C LYS B 811 29.46 12.82 -19.84
N ILE B 812 28.51 13.21 -19.01
CA ILE B 812 27.99 14.58 -18.99
C ILE B 812 29.02 15.48 -18.33
N PRO B 813 29.42 16.59 -18.97
CA PRO B 813 30.37 17.51 -18.33
C PRO B 813 29.74 18.29 -17.18
N LEU B 814 30.41 18.31 -16.03
CA LEU B 814 29.84 18.97 -14.86
C LEU B 814 30.31 20.42 -14.80
N PRO B 815 29.38 21.39 -14.78
CA PRO B 815 29.79 22.79 -14.54
C PRO B 815 30.11 23.04 -13.08
N GLU B 816 30.57 24.25 -12.77
CA GLU B 816 30.98 24.57 -11.42
C GLU B 816 29.77 24.96 -10.57
N VAL B 817 30.05 25.30 -9.30
CA VAL B 817 28.99 25.63 -8.36
C VAL B 817 28.34 26.97 -8.69
N HIS B 818 29.13 27.97 -9.07
CA HIS B 818 28.63 29.32 -9.31
C HIS B 818 27.93 29.48 -10.66
N ASP B 819 27.70 28.39 -11.40
CA ASP B 819 26.98 28.50 -12.67
C ASP B 819 25.47 28.40 -12.47
N LEU B 820 25.00 28.46 -11.23
CA LEU B 820 23.57 28.49 -10.97
C LEU B 820 23.00 29.85 -11.37
N ILE B 821 21.86 29.84 -12.07
CA ILE B 821 21.20 31.07 -12.47
C ILE B 821 19.72 31.11 -12.12
N GLY B 822 19.17 30.09 -11.45
CA GLY B 822 17.78 30.24 -11.07
C GLY B 822 17.19 29.08 -10.30
N PHE B 823 15.91 29.25 -9.94
CA PHE B 823 15.12 28.29 -9.19
C PHE B 823 13.81 28.03 -9.90
N ILE B 824 13.38 26.77 -9.92
CA ILE B 824 12.05 26.37 -10.33
C ILE B 824 11.24 26.04 -9.08
N THR B 825 10.13 26.75 -8.89
CA THR B 825 9.25 26.51 -7.76
C THR B 825 8.28 25.37 -8.06
N SER B 826 7.65 25.41 -9.23
CA SER B 826 6.66 24.41 -9.59
C SER B 826 7.19 23.52 -10.70
N GLY B 827 7.41 22.24 -10.40
CA GLY B 827 7.84 21.30 -11.41
C GLY B 827 6.89 20.12 -11.55
N THR B 828 6.21 20.03 -12.69
CA THR B 828 5.25 18.97 -12.96
C THR B 828 5.34 18.64 -14.44
N TYR B 829 5.22 17.35 -14.75
CA TYR B 829 5.21 16.88 -16.13
C TYR B 829 4.03 17.47 -16.90
N HIS B 830 4.32 18.33 -17.87
CA HIS B 830 3.29 19.11 -18.53
C HIS B 830 2.62 18.24 -19.60
N LEU B 831 1.36 17.86 -19.34
CA LEU B 831 0.65 16.93 -20.21
C LEU B 831 0.17 17.56 -21.50
N ASN B 832 0.05 18.89 -21.56
CA ASN B 832 -0.39 19.54 -22.78
C ASN B 832 0.76 19.79 -23.75
N CYS B 833 2.00 19.61 -23.31
CA CYS B 833 3.17 19.74 -24.17
C CYS B 833 3.80 18.40 -24.50
N GLY B 834 3.61 17.38 -23.65
CA GLY B 834 4.24 16.09 -23.86
C GLY B 834 5.62 16.02 -23.27
N ASN B 835 6.01 17.09 -22.56
CA ASN B 835 7.33 17.18 -21.95
C ASN B 835 7.20 17.80 -20.56
N GLY B 836 8.32 18.22 -19.98
CA GLY B 836 8.30 18.82 -18.66
C GLY B 836 8.39 20.33 -18.67
N MET B 837 7.56 20.99 -17.87
CA MET B 837 7.56 22.44 -17.73
C MET B 837 8.08 22.84 -16.36
N GLY B 838 9.00 23.79 -16.35
CA GLY B 838 9.47 24.37 -15.10
C GLY B 838 9.37 25.88 -15.09
N ILE B 839 8.54 26.42 -14.19
CA ILE B 839 8.40 27.86 -14.06
C ILE B 839 9.60 28.40 -13.29
N GLY B 840 10.53 29.02 -14.01
CA GLY B 840 11.76 29.47 -13.39
C GLY B 840 11.89 30.98 -13.31
N PHE B 841 12.87 31.45 -12.56
CA PHE B 841 13.12 32.87 -12.37
C PHE B 841 14.61 33.14 -12.45
N ILE B 842 15.06 33.71 -13.58
CA ILE B 842 16.49 33.80 -13.87
C ILE B 842 16.91 35.26 -13.84
N ASP B 843 18.21 35.47 -13.61
CA ASP B 843 18.74 36.83 -13.54
C ASP B 843 18.79 37.44 -14.93
N HIS B 844 18.48 38.74 -15.01
CA HIS B 844 18.48 39.43 -16.30
C HIS B 844 19.89 39.65 -16.81
N HIS B 845 20.84 39.87 -15.89
CA HIS B 845 22.24 39.95 -16.28
C HIS B 845 22.74 38.61 -16.80
N ALA B 846 22.34 37.51 -16.16
CA ALA B 846 22.66 36.19 -16.67
C ALA B 846 21.89 35.89 -17.95
N ALA B 847 20.72 36.52 -18.12
CA ALA B 847 19.99 36.36 -19.38
C ALA B 847 20.70 37.08 -20.52
N ILE B 848 21.38 38.19 -20.23
CA ILE B 848 22.05 38.94 -21.29
C ILE B 848 23.48 38.45 -21.46
N ARG B 849 23.94 37.57 -20.55
CA ARG B 849 25.25 36.95 -20.73
C ARG B 849 25.26 35.97 -21.90
N GLN B 850 24.44 34.91 -21.83
CA GLN B 850 24.42 33.94 -22.92
C GLN B 850 23.60 34.46 -24.10
N PRO B 851 24.09 34.29 -25.32
CA PRO B 851 23.31 34.67 -26.51
C PRO B 851 22.26 33.66 -26.94
N THR B 852 22.13 32.53 -26.24
CA THR B 852 21.21 31.47 -26.62
C THR B 852 20.33 31.19 -25.41
N ARG B 853 19.12 30.67 -25.64
CA ARG B 853 18.12 30.48 -24.60
C ARG B 853 18.11 29.06 -24.06
N TYR B 854 19.28 28.42 -23.94
CA TYR B 854 19.36 27.03 -23.53
C TYR B 854 19.71 26.95 -22.05
N VAL B 855 18.93 26.18 -21.31
CA VAL B 855 18.92 26.17 -19.85
C VAL B 855 18.86 24.73 -19.38
N LEU B 856 19.77 24.36 -18.47
CA LEU B 856 19.81 23.00 -17.95
C LEU B 856 19.30 22.98 -16.51
N ILE B 857 18.62 21.89 -16.17
CA ILE B 857 17.82 21.77 -14.96
C ILE B 857 18.34 20.57 -14.18
N ARG B 858 18.33 20.65 -12.85
CA ARG B 858 18.70 19.54 -11.99
C ARG B 858 17.70 19.42 -10.84
N ASN B 859 17.23 18.19 -10.61
CA ASN B 859 16.15 17.91 -9.67
C ASN B 859 16.65 17.84 -8.23
N VAL B 860 15.76 17.41 -7.34
CA VAL B 860 16.10 17.31 -5.92
C VAL B 860 16.70 15.94 -5.62
N GLY B 861 17.95 15.95 -5.17
CA GLY B 861 18.64 14.72 -4.79
C GLY B 861 19.01 13.82 -5.96
N THR B 862 18.95 14.37 -7.18
CA THR B 862 19.29 13.65 -8.39
C THR B 862 20.44 14.37 -9.07
N ASN B 863 21.47 13.62 -9.47
CA ASN B 863 22.70 14.19 -10.00
C ASN B 863 22.77 14.18 -11.52
N THR B 864 21.66 14.40 -12.22
CA THR B 864 21.66 14.48 -13.67
C THR B 864 21.28 15.89 -14.11
N TYR B 865 21.71 16.25 -15.31
CA TYR B 865 21.53 17.60 -15.86
C TYR B 865 20.76 17.49 -17.17
N ARG B 866 19.65 18.22 -17.29
CA ARG B 866 18.75 18.06 -18.43
C ARG B 866 18.53 19.39 -19.14
N LEU B 867 18.76 19.40 -20.46
CA LEU B 867 18.72 20.62 -21.26
C LEU B 867 17.31 20.92 -21.72
N GLY B 868 16.99 22.21 -21.86
CA GLY B 868 15.72 22.67 -22.40
C GLY B 868 15.84 24.10 -22.86
N GLU B 869 14.71 24.66 -23.30
CA GLU B 869 14.63 26.00 -23.83
C GLU B 869 13.51 26.76 -23.15
N TRP B 870 13.72 28.04 -22.87
CA TRP B 870 12.75 28.85 -22.13
C TRP B 870 12.09 29.87 -23.04
N SER B 871 10.88 30.30 -22.64
CA SER B 871 10.19 31.43 -23.22
C SER B 871 9.83 32.40 -22.11
N LYS B 872 9.81 33.70 -22.41
CA LYS B 872 9.59 34.71 -21.40
C LYS B 872 8.12 34.79 -21.00
N ILE B 873 7.87 34.84 -19.70
CA ILE B 873 6.53 35.00 -19.15
C ILE B 873 6.35 36.49 -18.90
N SER B 874 5.43 37.11 -19.64
CA SER B 874 5.15 38.54 -19.49
C SER B 874 3.96 38.72 -18.56
N VAL B 875 4.05 38.18 -17.34
CA VAL B 875 2.99 38.34 -16.36
C VAL B 875 3.55 39.01 -15.11
N LYS C 14 -46.70 -31.51 41.88
CA LYS C 14 -46.12 -32.56 42.73
C LYS C 14 -44.84 -32.06 43.38
N ARG C 15 -44.62 -32.47 44.62
CA ARG C 15 -43.45 -32.04 45.40
C ARG C 15 -42.38 -33.11 45.34
N ARG C 16 -41.13 -32.68 45.13
CA ARG C 16 -39.98 -33.58 45.12
C ARG C 16 -38.90 -33.01 46.03
N GLN C 17 -38.28 -33.88 46.83
CA GLN C 17 -37.28 -33.45 47.80
C GLN C 17 -35.88 -33.65 47.23
N VAL C 18 -35.08 -32.58 47.25
CA VAL C 18 -33.73 -32.55 46.71
C VAL C 18 -32.78 -32.17 47.84
N TYR C 19 -31.68 -32.90 47.94
CA TYR C 19 -30.64 -32.60 48.92
C TYR C 19 -29.56 -31.75 48.27
N LYS C 20 -29.36 -30.54 48.82
CA LYS C 20 -28.39 -29.59 48.29
C LYS C 20 -27.15 -29.53 49.15
N PRO C 21 -25.95 -29.63 48.55
CA PRO C 21 -24.71 -29.56 49.33
C PRO C 21 -24.34 -28.13 49.72
N VAL C 22 -24.12 -27.92 51.02
CA VAL C 22 -23.82 -26.61 51.59
C VAL C 22 -22.57 -26.74 52.43
N LEU C 23 -21.63 -25.80 52.28
CA LEU C 23 -20.36 -25.81 53.00
C LEU C 23 -20.60 -25.44 54.46
N ASP C 24 -20.06 -26.25 55.37
CA ASP C 24 -20.13 -25.95 56.78
C ASP C 24 -18.87 -25.24 57.24
N ASN C 25 -19.01 -24.45 58.30
CA ASN C 25 -17.88 -23.95 59.10
C ASN C 25 -17.19 -25.18 59.68
N PRO C 26 -15.94 -25.48 59.27
CA PRO C 26 -15.36 -26.78 59.65
C PRO C 26 -14.89 -26.86 61.10
N PHE C 27 -14.86 -25.73 61.79
CA PHE C 27 -14.35 -25.73 63.16
C PHE C 27 -15.34 -25.18 64.17
N THR C 28 -16.60 -24.95 63.75
CA THR C 28 -17.58 -24.38 64.68
C THR C 28 -18.00 -25.40 65.73
N ASN C 29 -17.92 -26.69 65.40
CA ASN C 29 -18.17 -27.74 66.39
C ASN C 29 -17.06 -27.78 67.42
N GLU C 30 -15.82 -27.56 66.98
CA GLU C 30 -14.70 -27.57 67.90
C GLU C 30 -14.57 -26.22 68.61
N ALA C 31 -15.02 -25.14 67.97
CA ALA C 31 -15.05 -23.85 68.65
C ALA C 31 -16.18 -23.78 69.67
N HIS C 32 -17.21 -24.62 69.52
CA HIS C 32 -18.27 -24.72 70.51
C HIS C 32 -18.22 -26.03 71.28
N MET C 33 -17.03 -26.60 71.45
CA MET C 33 -16.87 -27.66 72.45
C MET C 33 -16.87 -27.12 73.84
N TRP C 34 -18.06 -27.00 74.44
CA TRP C 34 -18.27 -26.52 75.80
C TRP C 34 -17.46 -27.37 76.78
N PRO C 35 -16.86 -26.76 77.82
CA PRO C 35 -15.86 -27.48 78.64
C PRO C 35 -16.43 -28.61 79.47
N ARG C 36 -15.56 -29.55 79.85
CA ARG C 36 -15.94 -30.78 80.53
C ARG C 36 -16.28 -30.45 81.97
N VAL C 37 -17.53 -30.69 82.34
CA VAL C 37 -18.00 -30.45 83.71
C VAL C 37 -18.59 -31.72 84.26
N HIS C 38 -18.16 -32.07 85.48
CA HIS C 38 -18.65 -33.25 86.18
C HIS C 38 -18.67 -32.93 87.67
N ASP C 39 -19.45 -33.72 88.42
CA ASP C 39 -19.70 -33.58 89.86
C ASP C 39 -20.25 -32.19 90.20
N GLN C 40 -21.11 -31.73 89.30
CA GLN C 40 -21.81 -30.44 89.31
C GLN C 40 -22.94 -30.22 90.33
N PRO C 41 -23.73 -31.23 90.77
CA PRO C 41 -24.69 -30.94 91.86
C PRO C 41 -24.07 -30.54 93.21
N LEU C 42 -22.76 -30.70 93.40
CA LEU C 42 -22.14 -30.16 94.61
C LEU C 42 -21.96 -28.64 94.51
N ILE C 43 -22.12 -28.07 93.31
CA ILE C 43 -21.82 -26.66 93.09
C ILE C 43 -23.08 -25.81 93.10
N TRP C 44 -24.18 -26.33 92.54
CA TRP C 44 -25.42 -25.54 92.44
C TRP C 44 -26.04 -25.26 93.79
N GLN C 45 -25.77 -26.10 94.79
CA GLN C 45 -26.25 -25.85 96.15
C GLN C 45 -25.70 -24.54 96.70
N LEU C 46 -24.38 -24.41 96.70
CA LEU C 46 -23.73 -23.19 97.17
C LEU C 46 -24.06 -21.99 96.30
N LEU C 47 -24.08 -22.19 94.97
CA LEU C 47 -24.37 -21.08 94.06
C LEU C 47 -25.80 -20.56 94.21
N GLN C 48 -26.78 -21.46 94.25
CA GLN C 48 -28.17 -21.07 94.34
C GLN C 48 -28.49 -20.51 95.71
N SER C 49 -27.88 -21.06 96.77
CA SER C 49 -28.07 -20.51 98.12
C SER C 49 -27.52 -19.10 98.22
N SER C 50 -26.33 -18.86 97.64
CA SER C 50 -25.74 -17.52 97.64
C SER C 50 -26.58 -16.54 96.83
N ILE C 51 -27.07 -16.96 95.65
CA ILE C 51 -27.83 -16.07 94.79
C ILE C 51 -29.18 -15.72 95.42
N ILE C 52 -29.82 -16.70 96.07
CA ILE C 52 -31.09 -16.44 96.75
C ILE C 52 -30.89 -15.51 97.94
N ASN C 53 -29.82 -15.73 98.72
CA ASN C 53 -29.51 -14.86 99.86
C ASN C 53 -29.15 -13.44 99.42
N LYS C 54 -28.63 -13.29 98.20
CA LYS C 54 -28.54 -11.97 97.60
C LYS C 54 -29.91 -11.40 97.29
N LEU C 55 -30.74 -12.18 96.60
CA LEU C 55 -31.98 -11.67 96.00
C LEU C 55 -33.12 -11.46 96.99
N ILE C 56 -32.98 -11.90 98.24
CA ILE C 56 -34.05 -11.75 99.22
C ILE C 56 -34.26 -10.31 99.68
N HIS C 57 -33.22 -9.64 100.20
CA HIS C 57 -33.43 -8.48 101.07
C HIS C 57 -33.79 -7.21 100.31
N ILE C 58 -32.85 -6.66 99.53
CA ILE C 58 -32.95 -5.34 98.91
C ILE C 58 -32.18 -5.40 97.60
N GLN C 59 -32.73 -4.79 96.53
CA GLN C 59 -32.11 -4.83 95.21
C GLN C 59 -30.77 -4.08 95.17
N SER C 60 -30.59 -3.12 96.06
CA SER C 60 -29.28 -2.49 96.22
C SER C 60 -28.36 -3.38 97.05
N LYS C 61 -28.95 -4.13 98.00
CA LYS C 61 -28.15 -5.06 98.79
C LYS C 61 -27.87 -6.35 98.03
N GLU C 62 -28.43 -6.50 96.83
CA GLU C 62 -28.01 -7.55 95.92
C GLU C 62 -26.61 -7.27 95.41
N ASN C 63 -26.29 -5.99 95.21
CA ASN C 63 -25.05 -5.59 94.55
C ASN C 63 -24.08 -4.82 95.44
N TYR C 64 -24.44 -4.52 96.69
CA TYR C 64 -23.45 -3.91 97.58
C TYR C 64 -22.39 -4.89 98.10
N PRO C 65 -22.70 -6.10 98.68
CA PRO C 65 -21.59 -6.94 99.14
C PRO C 65 -20.90 -7.72 98.02
N TRP C 66 -21.66 -8.13 97.01
CA TRP C 66 -21.11 -8.89 95.89
C TRP C 66 -21.36 -8.11 94.60
N GLU C 67 -20.30 -7.84 93.85
CA GLU C 67 -20.40 -7.11 92.58
C GLU C 67 -20.53 -8.13 91.45
N LEU C 68 -21.74 -8.22 90.89
CA LEU C 68 -22.02 -9.10 89.76
C LEU C 68 -22.81 -8.35 88.70
N TYR C 69 -22.54 -8.66 87.43
CA TYR C 69 -23.23 -8.06 86.30
C TYR C 69 -24.03 -9.12 85.58
N THR C 70 -25.32 -8.85 85.37
CA THR C 70 -26.25 -9.79 84.74
C THR C 70 -26.99 -9.16 83.57
N ASP C 71 -26.32 -8.24 82.87
CA ASP C 71 -26.85 -7.67 81.63
C ASP C 71 -25.72 -7.69 80.62
N PHE C 72 -26.00 -8.20 79.41
CA PHE C 72 -24.96 -8.55 78.45
C PHE C 72 -24.22 -7.32 77.94
N ASN C 73 -24.90 -6.17 77.90
CA ASN C 73 -24.24 -4.91 77.55
C ASN C 73 -23.20 -4.54 78.60
N GLU C 74 -23.51 -4.79 79.87
CA GLU C 74 -22.54 -4.56 80.93
C GLU C 74 -21.44 -5.61 80.90
N ILE C 75 -21.72 -6.80 80.35
CA ILE C 75 -20.69 -7.82 80.21
C ILE C 75 -19.70 -7.40 79.13
N VAL C 76 -20.19 -6.82 78.04
CA VAL C 76 -19.31 -6.34 76.98
C VAL C 76 -18.53 -5.12 77.43
N GLN C 77 -19.19 -4.19 78.14
CA GLN C 77 -18.51 -2.98 78.61
C GLN C 77 -17.53 -3.29 79.74
N TYR C 78 -17.75 -4.39 80.47
CA TYR C 78 -16.81 -4.77 81.52
C TYR C 78 -15.59 -5.49 80.96
N LEU C 79 -15.78 -6.28 79.91
CA LEU C 79 -14.69 -7.01 79.29
C LEU C 79 -14.01 -6.23 78.17
N SER C 80 -14.41 -4.99 77.94
CA SER C 80 -13.80 -4.20 76.86
C SER C 80 -12.42 -3.70 77.26
N GLY C 81 -12.22 -3.45 78.56
CA GLY C 81 -10.94 -2.96 79.03
C GLY C 81 -11.06 -1.75 79.94
N ALA C 82 -12.27 -1.47 80.41
CA ALA C 82 -12.49 -0.34 81.30
C ALA C 82 -11.92 -0.61 82.70
N HIS C 83 -12.15 -1.81 83.22
CA HIS C 83 -11.64 -2.23 84.52
C HIS C 83 -10.59 -3.31 84.30
N GLY C 84 -9.35 -3.02 84.66
CA GLY C 84 -8.26 -3.95 84.45
C GLY C 84 -7.62 -4.46 85.73
N ASN C 85 -8.10 -3.98 86.88
CA ASN C 85 -7.55 -4.36 88.17
C ASN C 85 -7.89 -5.80 88.52
N SER C 86 -9.18 -6.15 88.47
CA SER C 86 -9.63 -7.49 88.83
C SER C 86 -9.27 -8.50 87.75
N ASP C 87 -8.19 -9.26 87.96
CA ASP C 87 -7.80 -10.26 86.97
C ASP C 87 -8.61 -11.56 87.07
N PRO C 88 -8.83 -12.20 88.27
CA PRO C 88 -9.72 -13.37 88.26
C PRO C 88 -11.20 -13.00 88.26
N VAL C 89 -11.85 -13.19 87.11
CA VAL C 89 -13.28 -12.90 86.94
C VAL C 89 -13.94 -14.16 86.40
N CYS C 90 -15.03 -14.58 87.02
CA CYS C 90 -15.65 -15.86 86.71
C CYS C 90 -17.02 -15.66 86.06
N LEU C 91 -17.36 -16.56 85.13
CA LEU C 91 -18.60 -16.53 84.38
C LEU C 91 -19.29 -17.88 84.46
N PHE C 92 -20.61 -17.85 84.52
CA PHE C 92 -21.45 -19.04 84.56
C PHE C 92 -22.53 -18.90 83.48
N VAL C 93 -22.54 -19.82 82.53
CA VAL C 93 -23.46 -19.81 81.40
C VAL C 93 -24.13 -21.17 81.29
N CYS C 94 -25.45 -21.16 81.15
CA CYS C 94 -26.26 -22.37 81.04
C CYS C 94 -26.39 -22.76 79.57
N ASN C 95 -25.99 -23.98 79.24
CA ASN C 95 -26.30 -24.60 77.96
C ASN C 95 -27.21 -25.79 78.20
N LYS C 96 -27.63 -26.43 77.10
CA LYS C 96 -28.58 -27.55 77.04
C LYS C 96 -29.93 -27.17 77.65
N ASP C 97 -30.26 -25.88 77.60
CA ASP C 97 -31.46 -25.38 78.23
C ASP C 97 -32.33 -24.67 77.20
N PRO C 98 -33.60 -25.10 77.04
CA PRO C 98 -34.51 -24.37 76.15
C PRO C 98 -34.88 -22.98 76.67
N ASP C 99 -35.53 -22.19 75.80
CA ASP C 99 -35.84 -20.77 75.98
C ASP C 99 -34.60 -19.92 76.19
N VAL C 100 -33.46 -20.28 75.63
CA VAL C 100 -32.23 -19.52 75.73
C VAL C 100 -31.82 -19.06 74.33
N PRO C 101 -31.53 -17.76 74.12
CA PRO C 101 -31.16 -17.28 72.78
C PRO C 101 -29.83 -17.84 72.28
N LEU C 102 -29.75 -18.12 70.97
CA LEU C 102 -28.57 -18.77 70.43
C LEU C 102 -27.58 -17.76 69.85
N VAL C 103 -28.03 -16.54 69.57
CA VAL C 103 -27.14 -15.53 68.99
C VAL C 103 -26.13 -15.05 70.04
N LEU C 104 -26.60 -14.84 71.28
CA LEU C 104 -25.69 -14.55 72.38
C LEU C 104 -24.82 -15.75 72.71
N LEU C 105 -25.42 -16.94 72.71
CA LEU C 105 -24.73 -18.16 73.13
C LEU C 105 -23.61 -18.57 72.18
N GLN C 106 -23.71 -18.19 70.90
CA GLN C 106 -22.61 -18.42 69.98
C GLN C 106 -21.54 -17.33 70.04
N GLN C 107 -21.70 -16.34 70.91
CA GLN C 107 -20.75 -15.24 71.03
C GLN C 107 -20.24 -14.99 72.44
N ILE C 108 -20.82 -15.62 73.46
CA ILE C 108 -20.31 -15.52 74.83
C ILE C 108 -18.95 -16.20 75.01
N PRO C 109 -18.71 -17.50 74.58
CA PRO C 109 -17.36 -18.05 74.78
C PRO C 109 -16.31 -17.46 73.85
N LEU C 110 -16.75 -16.74 72.81
CA LEU C 110 -15.84 -16.09 71.88
C LEU C 110 -15.31 -14.76 72.40
N LEU C 111 -16.17 -13.95 73.05
CA LEU C 111 -15.76 -12.62 73.47
C LEU C 111 -14.88 -12.68 74.72
N CYS C 112 -14.99 -13.78 75.49
CA CYS C 112 -14.16 -13.92 76.68
C CYS C 112 -12.75 -14.37 76.34
N TYR C 113 -12.53 -14.88 75.12
CA TYR C 113 -11.21 -15.33 74.71
C TYR C 113 -10.28 -14.16 74.44
N MET C 114 -10.81 -13.11 73.82
CA MET C 114 -9.99 -11.92 73.52
C MET C 114 -9.84 -11.01 74.72
N ALA C 115 -10.53 -11.29 75.83
CA ALA C 115 -10.39 -10.52 77.06
C ALA C 115 -9.02 -10.79 77.69
N PRO C 116 -8.28 -9.75 78.07
CA PRO C 116 -6.94 -9.98 78.66
C PRO C 116 -7.01 -10.47 80.09
N MET C 117 -8.14 -10.24 80.76
CA MET C 117 -8.34 -10.68 82.12
C MET C 117 -8.57 -12.19 82.18
N THR C 118 -8.24 -12.79 83.32
CA THR C 118 -8.42 -14.22 83.52
C THR C 118 -9.91 -14.46 83.76
N VAL C 119 -10.61 -14.76 82.66
CA VAL C 119 -12.06 -14.98 82.69
C VAL C 119 -12.30 -16.49 82.64
N LYS C 120 -13.06 -16.99 83.61
CA LYS C 120 -13.24 -18.43 83.76
C LYS C 120 -14.70 -18.80 83.50
N LEU C 121 -14.96 -19.24 82.27
CA LEU C 121 -16.29 -19.69 81.87
C LEU C 121 -16.60 -21.08 82.40
N VAL C 122 -17.78 -21.25 82.98
CA VAL C 122 -18.27 -22.54 83.45
C VAL C 122 -19.63 -22.78 82.78
N GLN C 123 -19.72 -23.90 82.07
CA GLN C 123 -20.94 -24.29 81.39
C GLN C 123 -21.76 -25.21 82.29
N LEU C 124 -22.97 -24.77 82.64
CA LEU C 124 -23.83 -25.58 83.48
C LEU C 124 -24.59 -26.59 82.63
N PRO C 125 -24.44 -27.89 82.89
CA PRO C 125 -24.93 -28.92 81.96
C PRO C 125 -26.36 -29.41 82.17
N LYS C 126 -27.04 -29.03 83.24
CA LYS C 126 -28.33 -29.60 83.56
C LYS C 126 -29.42 -28.90 82.77
N SER C 127 -30.31 -29.69 82.17
CA SER C 127 -31.39 -29.13 81.35
C SER C 127 -32.53 -28.60 82.23
N ALA C 128 -32.67 -29.15 83.44
CA ALA C 128 -33.79 -28.76 84.29
C ALA C 128 -33.55 -27.44 85.01
N MET C 129 -32.32 -26.92 84.95
CA MET C 129 -32.00 -25.65 85.61
C MET C 129 -32.54 -24.45 84.83
N ASP C 130 -33.85 -24.29 84.82
CA ASP C 130 -34.48 -23.11 84.25
C ASP C 130 -34.77 -22.04 85.31
N THR C 131 -34.30 -22.26 86.54
CA THR C 131 -34.61 -21.36 87.65
C THR C 131 -33.84 -20.06 87.54
N PHE C 132 -32.53 -20.13 87.26
CA PHE C 132 -31.68 -18.95 87.25
C PHE C 132 -32.00 -18.02 86.08
N LYS C 133 -32.53 -18.58 84.99
CA LYS C 133 -32.99 -17.73 83.90
C LYS C 133 -34.34 -17.09 84.22
N SER C 134 -35.26 -17.85 84.82
CA SER C 134 -36.60 -17.33 85.08
C SER C 134 -36.63 -16.39 86.29
N VAL C 135 -35.59 -16.39 87.10
CA VAL C 135 -35.57 -15.58 88.32
C VAL C 135 -34.70 -14.34 88.21
N SER C 136 -33.40 -14.45 87.91
CA SER C 136 -32.56 -13.28 88.13
C SER C 136 -32.61 -12.26 87.00
N LYS C 137 -31.93 -12.51 85.88
CA LYS C 137 -32.18 -11.71 84.68
C LYS C 137 -32.39 -12.53 83.41
N TYR C 138 -31.34 -13.26 83.00
CA TYR C 138 -31.22 -13.80 81.65
C TYR C 138 -30.67 -15.22 81.63
N GLY C 139 -30.12 -15.69 82.75
CA GLY C 139 -29.50 -17.00 82.79
C GLY C 139 -27.99 -17.04 82.69
N MET C 140 -27.31 -15.93 82.95
CA MET C 140 -25.85 -15.87 82.95
C MET C 140 -25.37 -15.03 84.13
N LEU C 141 -24.15 -15.31 84.61
CA LEU C 141 -23.65 -14.64 85.80
C LEU C 141 -22.15 -14.38 85.67
N LEU C 142 -21.76 -13.10 85.77
CA LEU C 142 -20.35 -12.71 85.74
C LEU C 142 -20.06 -11.98 87.04
N LEU C 143 -19.07 -12.46 87.81
CA LEU C 143 -18.71 -11.80 89.05
C LEU C 143 -17.20 -11.87 89.26
N ARG C 144 -16.74 -11.19 90.31
CA ARG C 144 -15.31 -11.07 90.58
C ARG C 144 -14.92 -11.83 91.85
N CYS C 145 -13.87 -12.63 91.75
CA CYS C 145 -13.25 -13.26 92.91
C CYS C 145 -11.95 -12.53 93.27
N ASP C 146 -12.11 -11.36 93.88
CA ASP C 146 -10.93 -10.59 94.28
C ASP C 146 -10.55 -10.88 95.73
N ASP C 147 -11.46 -10.57 96.65
CA ASP C 147 -11.23 -10.80 98.08
C ASP C 147 -12.40 -11.47 98.78
N ARG C 148 -13.38 -11.96 98.02
CA ARG C 148 -14.58 -12.54 98.59
C ARG C 148 -14.32 -13.91 99.17
N VAL C 149 -15.27 -14.41 99.96
CA VAL C 149 -15.17 -15.68 100.65
C VAL C 149 -15.37 -16.81 99.64
N ASP C 150 -16.14 -16.52 98.58
CA ASP C 150 -16.57 -17.54 97.63
C ASP C 150 -15.40 -18.16 96.87
N LYS C 151 -14.36 -17.36 96.60
CA LYS C 151 -13.15 -17.84 95.93
C LYS C 151 -12.47 -18.95 96.72
N LYS C 152 -12.67 -18.96 98.05
CA LYS C 152 -12.09 -19.97 98.93
C LYS C 152 -12.62 -21.37 98.64
N PHE C 153 -13.73 -21.48 97.90
CA PHE C 153 -14.03 -22.78 97.31
C PHE C 153 -13.97 -22.77 95.80
N VAL C 154 -14.04 -21.60 95.16
CA VAL C 154 -14.02 -21.53 93.69
C VAL C 154 -12.66 -21.94 93.16
N SER C 155 -11.59 -21.55 93.86
CA SER C 155 -10.26 -22.01 93.48
C SER C 155 -10.02 -23.47 93.82
N GLN C 156 -10.92 -24.08 94.60
CA GLN C 156 -10.73 -25.48 94.99
C GLN C 156 -11.09 -26.42 93.84
N ILE C 157 -12.22 -26.18 93.19
CA ILE C 157 -12.77 -27.19 92.28
C ILE C 157 -12.41 -26.88 90.82
N GLN C 158 -11.98 -25.63 90.55
CA GLN C 158 -11.75 -25.20 89.17
C GLN C 158 -10.52 -25.86 88.58
N LYS C 159 -9.62 -26.34 89.42
CA LYS C 159 -8.46 -27.09 88.93
C LYS C 159 -8.81 -28.56 88.76
N ASN C 160 -9.86 -29.04 89.43
CA ASN C 160 -10.15 -30.46 89.45
C ASN C 160 -10.76 -30.96 88.14
N VAL C 161 -11.94 -30.46 87.80
CA VAL C 161 -12.68 -30.96 86.63
C VAL C 161 -12.99 -29.79 85.71
N ASP C 162 -13.12 -28.60 86.29
CA ASP C 162 -13.68 -27.46 85.58
C ASP C 162 -12.61 -26.62 84.87
N LEU C 163 -11.55 -27.26 84.40
CA LEU C 163 -10.50 -26.57 83.66
C LEU C 163 -11.02 -26.08 82.31
N LEU C 164 -10.63 -24.85 81.94
CA LEU C 164 -10.96 -24.26 80.66
C LEU C 164 -9.68 -23.86 79.94
N GLN C 165 -9.34 -24.58 78.87
CA GLN C 165 -8.19 -24.27 78.05
C GLN C 165 -8.60 -24.37 76.59
N PHE C 166 -7.76 -23.80 75.72
CA PHE C 166 -8.04 -23.79 74.28
C PHE C 166 -7.05 -24.70 73.54
N PRO C 167 -7.53 -25.77 72.90
CA PRO C 167 -6.64 -26.59 72.07
C PRO C 167 -6.62 -26.17 70.60
N TRP C 168 -7.63 -25.40 70.20
CA TRP C 168 -7.92 -25.22 68.78
C TRP C 168 -7.05 -24.14 68.15
N LEU C 169 -6.68 -23.12 68.91
CA LEU C 169 -5.82 -22.06 68.40
C LEU C 169 -4.40 -22.16 68.96
N ASN C 170 -4.14 -23.10 69.84
CA ASN C 170 -2.86 -23.15 70.55
C ASN C 170 -1.74 -23.66 69.64
N ALA C 171 -2.01 -24.70 68.87
CA ALA C 171 -1.00 -25.30 68.00
C ALA C 171 -1.34 -25.04 66.54
N ILE C 172 -0.43 -25.43 65.66
CA ILE C 172 -0.65 -25.29 64.22
C ILE C 172 -1.13 -26.62 63.64
N LYS C 173 -2.32 -26.58 63.04
CA LYS C 173 -2.93 -27.80 62.52
C LYS C 173 -3.89 -27.49 61.38
N TYR C 174 -3.75 -28.23 60.27
CA TYR C 174 -4.70 -28.11 59.17
C TYR C 174 -6.02 -28.78 59.55
N ARG C 175 -7.12 -28.19 59.10
CA ARG C 175 -8.45 -28.66 59.48
C ARG C 175 -9.14 -29.26 58.27
N PRO C 176 -9.70 -30.47 58.38
CA PRO C 176 -10.42 -31.07 57.25
C PRO C 176 -11.72 -30.34 56.95
N THR C 177 -12.08 -30.31 55.67
CA THR C 177 -13.29 -29.63 55.22
C THR C 177 -14.54 -30.40 55.64
N SER C 178 -15.65 -29.67 55.82
CA SER C 178 -16.93 -30.27 56.18
C SER C 178 -18.00 -29.71 55.26
N VAL C 179 -18.59 -30.57 54.43
CA VAL C 179 -19.65 -30.19 53.51
C VAL C 179 -20.89 -30.99 53.87
N LYS C 180 -21.91 -30.30 54.39
CA LYS C 180 -23.15 -30.95 54.76
C LYS C 180 -24.16 -30.80 53.62
N LEU C 181 -25.40 -31.21 53.88
CA LEU C 181 -26.43 -31.16 52.85
C LEU C 181 -27.79 -30.94 53.48
N LEU C 182 -28.56 -30.01 52.91
CA LEU C 182 -29.85 -29.60 53.44
C LEU C 182 -31.00 -30.09 52.57
N LYS C 183 -32.19 -30.14 53.15
CA LYS C 183 -33.39 -30.58 52.46
C LYS C 183 -34.02 -29.40 51.74
N THR C 184 -34.54 -29.62 50.53
CA THR C 184 -35.27 -28.59 49.81
C THR C 184 -36.44 -29.23 49.06
N THR C 185 -37.63 -28.64 49.22
CA THR C 185 -38.81 -29.09 48.50
C THR C 185 -38.91 -28.31 47.19
N VAL C 186 -39.31 -29.00 46.12
CA VAL C 186 -39.48 -28.40 44.81
C VAL C 186 -40.88 -28.79 44.31
N PRO C 187 -41.82 -27.86 44.20
CA PRO C 187 -43.10 -28.16 43.56
C PRO C 187 -43.04 -27.95 42.04
N ILE C 188 -43.59 -28.90 41.29
CA ILE C 188 -43.64 -28.80 39.84
C ILE C 188 -45.09 -28.80 39.37
N MET D 1 5.26 21.64 -7.68
CA MET D 1 3.86 21.31 -7.54
C MET D 1 3.70 19.78 -7.52
N ASP D 2 3.82 19.19 -6.34
CA ASP D 2 3.86 17.75 -6.16
C ASP D 2 2.60 17.28 -5.44
N ARG D 3 2.30 15.99 -5.58
CA ARG D 3 1.10 15.43 -4.95
C ARG D 3 1.27 15.34 -3.44
N THR D 4 2.48 15.05 -2.97
CA THR D 4 2.76 14.90 -1.54
C THR D 4 2.78 16.28 -0.90
N GLN D 5 1.62 16.74 -0.44
CA GLN D 5 1.49 18.03 0.24
C GLN D 5 1.47 17.78 1.75
N THR D 6 2.59 18.13 2.39
CA THR D 6 2.72 17.88 3.82
C THR D 6 1.92 18.88 4.63
N PHE D 7 2.05 20.18 4.33
CA PHE D 7 1.39 21.22 5.12
C PHE D 7 -0.10 21.27 4.82
N ILE D 8 -0.49 20.88 3.61
CA ILE D 8 -1.86 21.13 3.16
C ILE D 8 -2.80 20.04 3.68
N LYS D 9 -2.36 18.79 3.65
CA LYS D 9 -3.28 17.67 3.86
C LYS D 9 -3.54 17.42 5.35
N ASP D 10 -2.65 17.87 6.22
CA ASP D 10 -2.78 17.62 7.65
C ASP D 10 -2.94 18.88 8.48
N CYS D 11 -2.05 19.85 8.32
CA CYS D 11 -2.05 21.01 9.22
C CYS D 11 -3.14 22.00 8.83
N LEU D 12 -3.50 22.05 7.55
CA LEU D 12 -4.30 23.19 7.08
C LEU D 12 -5.77 22.79 6.88
N PHE D 13 -6.07 21.49 6.85
CA PHE D 13 -7.45 21.05 6.71
C PHE D 13 -8.22 21.18 8.02
N THR D 14 -9.53 20.93 7.94
CA THR D 14 -10.38 21.02 9.13
C THR D 14 -10.58 19.65 9.78
N LYS D 15 -10.25 18.58 9.07
CA LYS D 15 -10.43 17.25 9.64
C LYS D 15 -9.22 16.82 10.46
N CYS D 16 -8.02 17.17 10.01
CA CYS D 16 -6.80 16.84 10.74
C CYS D 16 -6.23 18.04 11.49
N LEU D 17 -7.04 19.06 11.76
CA LEU D 17 -6.58 20.20 12.55
C LEU D 17 -6.45 19.83 14.02
N GLU D 18 -7.23 18.83 14.47
CA GLU D 18 -7.16 18.39 15.85
C GLU D 18 -5.88 17.60 16.12
N ASP D 19 -5.30 17.02 15.06
CA ASP D 19 -4.00 16.36 15.10
C ASP D 19 -2.91 17.38 15.37
N PRO D 20 -1.74 16.99 15.93
CA PRO D 20 -0.65 17.96 16.11
C PRO D 20 -0.08 18.46 14.80
N GLU D 21 0.20 19.77 14.74
CA GLU D 21 0.51 20.45 13.50
C GLU D 21 1.90 20.11 12.99
N LYS D 22 2.07 20.21 11.67
CA LYS D 22 3.35 19.98 10.99
C LYS D 22 4.46 20.99 11.34
N PRO D 23 4.19 22.28 11.60
CA PRO D 23 5.27 23.09 12.21
C PRO D 23 5.63 22.65 13.63
N PHE D 24 4.71 22.06 14.36
CA PHE D 24 5.01 21.53 15.69
C PHE D 24 5.49 20.09 15.60
N ASP D 77 -9.76 8.33 59.48
CA ASP D 77 -8.50 7.91 58.87
C ASP D 77 -8.51 6.42 58.55
N TYR D 78 -8.87 5.61 59.54
CA TYR D 78 -8.90 4.16 59.33
C TYR D 78 -10.12 3.74 58.51
N GLN D 79 -11.21 4.52 58.59
CA GLN D 79 -12.41 4.18 57.85
C GLN D 79 -12.25 4.50 56.37
N ARG D 80 -11.47 5.52 56.05
CA ARG D 80 -11.32 5.93 54.66
C ARG D 80 -10.39 5.00 53.89
N ILE D 81 -9.55 4.26 54.60
CA ILE D 81 -8.63 3.34 53.93
C ILE D 81 -9.37 2.09 53.49
N ASN D 82 -10.13 1.46 54.40
CA ASN D 82 -10.79 0.19 54.13
C ASN D 82 -12.19 0.35 53.54
N LYS D 83 -12.47 1.47 52.86
CA LYS D 83 -13.72 1.60 52.12
C LYS D 83 -13.75 0.63 50.94
N ASN D 84 -12.63 0.50 50.24
CA ASN D 84 -12.46 -0.50 49.21
C ASN D 84 -11.27 -1.36 49.60
N SER D 85 -11.45 -2.68 49.54
CA SER D 85 -10.40 -3.60 49.98
C SER D 85 -9.25 -3.64 48.99
N LYS D 86 -9.55 -3.40 47.72
CA LYS D 86 -8.53 -3.40 46.68
C LYS D 86 -7.58 -2.21 46.83
N ILE D 87 -8.13 -1.02 47.07
CA ILE D 87 -7.30 0.18 47.22
C ILE D 87 -6.49 0.12 48.50
N ALA D 88 -7.06 -0.47 49.55
CA ALA D 88 -6.32 -0.66 50.79
C ALA D 88 -5.22 -1.71 50.64
N LEU D 89 -5.46 -2.73 49.81
CA LEU D 89 -4.42 -3.70 49.50
C LEU D 89 -3.29 -3.07 48.70
N ARG D 90 -3.65 -2.17 47.77
CA ARG D 90 -2.64 -1.42 47.02
C ARG D 90 -1.82 -0.51 47.94
N GLU D 91 -2.49 0.15 48.89
CA GLU D 91 -1.79 0.99 49.85
C GLU D 91 -0.89 0.15 50.76
N TYR D 92 -1.31 -1.07 51.10
CA TYR D 92 -0.48 -1.94 51.92
C TYR D 92 0.76 -2.42 51.16
N ILE D 93 0.60 -2.79 49.88
CA ILE D 93 1.75 -3.29 49.14
C ILE D 93 2.68 -2.15 48.73
N ASN D 94 2.15 -0.93 48.69
CA ASN D 94 3.04 0.23 48.52
C ASN D 94 3.78 0.56 49.80
N ASN D 95 3.09 0.44 50.95
CA ASN D 95 3.71 0.75 52.24
C ASN D 95 4.78 -0.27 52.60
N CYS D 96 4.59 -1.53 52.20
CA CYS D 96 5.61 -2.54 52.43
C CYS D 96 6.87 -2.28 51.61
N LYS D 97 6.70 -1.82 50.36
CA LYS D 97 7.87 -1.50 49.53
C LYS D 97 8.59 -0.26 50.04
N LYS D 98 7.84 0.75 50.49
CA LYS D 98 8.46 1.95 51.07
C LYS D 98 9.17 1.64 52.38
N ASN D 99 8.59 0.75 53.19
CA ASN D 99 9.23 0.36 54.44
C ASN D 99 10.45 -0.51 54.17
N THR D 100 10.44 -1.28 53.08
CA THR D 100 11.61 -2.07 52.72
C THR D 100 12.75 -1.17 52.24
N LYS D 101 12.42 -0.11 51.49
CA LYS D 101 13.45 0.85 51.06
C LYS D 101 14.02 1.61 52.25
N LYS D 102 13.16 1.99 53.20
CA LYS D 102 13.64 2.62 54.42
C LYS D 102 14.45 1.65 55.28
N CYS D 103 14.11 0.36 55.22
CA CYS D 103 14.88 -0.65 55.94
C CYS D 103 16.25 -0.84 55.31
N LEU D 104 16.35 -0.75 53.98
CA LEU D 104 17.65 -0.82 53.32
C LEU D 104 18.51 0.39 53.66
N LYS D 105 17.89 1.58 53.73
CA LYS D 105 18.63 2.77 54.11
C LYS D 105 19.12 2.70 55.56
N LEU D 106 18.26 2.25 56.47
CA LEU D 106 18.67 2.11 57.87
C LEU D 106 19.62 0.94 58.06
N ALA D 107 19.62 -0.01 57.13
CA ALA D 107 20.57 -1.12 57.21
C ALA D 107 21.95 -0.70 56.74
N TYR D 108 22.01 0.19 55.74
CA TYR D 108 23.30 0.74 55.36
C TYR D 108 23.81 1.71 56.43
N GLU D 109 22.88 2.38 57.12
CA GLU D 109 23.28 3.23 58.25
C GLU D 109 23.75 2.39 59.42
N ASN D 110 23.21 1.17 59.56
CA ASN D 110 23.59 0.29 60.66
C ASN D 110 24.98 -0.30 60.43
N LYS D 111 25.34 -0.55 59.17
CA LYS D 111 26.58 -1.21 58.69
C LYS D 111 26.74 -2.61 59.27
N ILE D 112 25.65 -3.32 59.54
CA ILE D 112 25.69 -4.70 60.02
C ILE D 112 24.98 -5.57 58.99
N THR D 113 25.66 -6.60 58.50
CA THR D 113 25.11 -7.41 57.42
C THR D 113 24.14 -8.46 57.94
N ASP D 114 24.20 -8.77 59.23
CA ASP D 114 23.32 -9.78 59.80
C ASP D 114 21.89 -9.25 59.93
N LYS D 115 20.92 -10.04 59.46
CA LYS D 115 19.54 -9.59 59.50
C LYS D 115 18.91 -9.79 60.87
N GLU D 116 19.40 -10.77 61.64
CA GLU D 116 18.87 -11.00 62.97
C GLU D 116 19.31 -9.92 63.93
N ASP D 117 20.50 -9.34 63.70
CA ASP D 117 20.91 -8.16 64.44
C ASP D 117 20.20 -6.92 63.91
N LEU D 118 19.87 -6.92 62.62
CA LEU D 118 19.21 -5.77 62.01
C LEU D 118 17.79 -5.58 62.52
N LEU D 119 17.06 -6.69 62.70
CA LEU D 119 15.69 -6.61 63.22
C LEU D 119 15.67 -6.10 64.65
N HIS D 120 16.64 -6.53 65.47
CA HIS D 120 16.72 -6.03 66.84
C HIS D 120 17.20 -4.59 66.88
N TYR D 121 18.02 -4.19 65.90
CA TYR D 121 18.43 -2.79 65.78
C TYR D 121 17.25 -1.89 65.46
N ILE D 122 16.38 -2.35 64.55
CA ILE D 122 15.17 -1.59 64.22
C ILE D 122 14.20 -1.57 65.40
N GLU D 123 14.12 -2.68 66.14
CA GLU D 123 13.28 -2.72 67.34
C GLU D 123 13.79 -1.78 68.42
N GLU D 124 15.11 -1.59 68.51
CA GLU D 124 15.65 -0.70 69.53
C GLU D 124 15.52 0.77 69.12
N LYS D 125 15.83 1.10 67.87
CA LYS D 125 15.96 2.51 67.51
C LYS D 125 14.81 3.05 66.65
N HIS D 126 13.98 2.21 66.05
CA HIS D 126 12.92 2.70 65.15
C HIS D 126 11.64 1.92 65.40
N PRO D 127 10.83 2.34 66.39
CA PRO D 127 9.62 1.57 66.72
C PRO D 127 8.51 1.68 65.68
N THR D 128 8.26 2.88 65.15
CA THR D 128 7.16 3.06 64.21
C THR D 128 7.50 2.47 62.84
N ILE D 129 8.79 2.39 62.51
CA ILE D 129 9.21 1.83 61.24
C ILE D 129 9.10 0.31 61.27
N TYR D 130 9.24 -0.29 62.46
CA TYR D 130 9.20 -1.74 62.59
C TYR D 130 7.78 -2.30 62.46
N GLU D 131 6.77 -1.44 62.60
CA GLU D 131 5.39 -1.91 62.73
C GLU D 131 4.85 -2.47 61.41
N SER D 132 5.32 -1.97 60.27
CA SER D 132 4.80 -2.44 58.99
C SER D 132 5.73 -3.41 58.29
N LEU D 133 6.76 -3.91 58.97
CA LEU D 133 7.70 -4.84 58.33
C LEU D 133 7.09 -6.24 58.28
N PRO D 134 7.27 -6.97 57.18
CA PRO D 134 6.78 -8.35 57.11
C PRO D 134 7.64 -9.28 57.98
N GLN D 135 7.09 -10.46 58.24
CA GLN D 135 7.74 -11.48 59.04
C GLN D 135 7.71 -12.80 58.27
N TYR D 136 8.75 -13.03 57.47
CA TYR D 136 8.85 -14.20 56.59
C TYR D 136 9.00 -15.49 57.40
N VAL D 137 9.71 -15.39 58.53
CA VAL D 137 9.88 -16.52 59.44
C VAL D 137 8.53 -16.95 60.00
N ASP D 138 7.63 -15.99 60.22
CA ASP D 138 6.25 -16.33 60.56
C ASP D 138 5.47 -16.77 59.32
N PHE D 139 5.84 -16.26 58.14
CA PHE D 139 5.03 -16.48 56.95
C PHE D 139 5.17 -17.91 56.42
N VAL D 140 6.32 -18.56 56.65
CA VAL D 140 6.53 -19.90 56.08
C VAL D 140 5.65 -20.98 56.73
N PRO D 141 5.59 -21.15 58.07
CA PRO D 141 4.75 -22.25 58.58
C PRO D 141 3.26 -21.95 58.54
N MET D 142 2.87 -20.68 58.47
CA MET D 142 1.45 -20.36 58.48
C MET D 142 0.81 -20.60 57.12
N TYR D 143 1.63 -20.80 56.08
CA TYR D 143 1.17 -20.94 54.71
C TYR D 143 1.52 -22.31 54.12
N LYS D 144 2.76 -22.77 54.30
CA LYS D 144 3.24 -23.97 53.60
C LYS D 144 2.54 -25.23 54.09
N GLU D 145 2.34 -25.37 55.40
CA GLU D 145 1.72 -26.57 55.95
C GLU D 145 0.26 -26.67 55.52
N LEU D 146 -0.47 -25.55 55.56
CA LEU D 146 -1.87 -25.52 55.13
C LEU D 146 -1.99 -25.79 53.64
N TRP D 147 -1.06 -25.25 52.85
CA TRP D 147 -1.11 -25.43 51.39
C TRP D 147 -0.81 -26.88 51.01
N ILE D 148 0.21 -27.49 51.63
CA ILE D 148 0.57 -28.87 51.33
C ILE D 148 -0.51 -29.83 51.81
N ASN D 149 -1.09 -29.57 52.98
CA ASN D 149 -2.14 -30.46 53.48
C ASN D 149 -3.43 -30.32 52.68
N TYR D 150 -3.72 -29.10 52.19
CA TYR D 150 -4.89 -28.91 51.33
C TYR D 150 -4.71 -29.61 49.99
N ILE D 151 -3.50 -29.60 49.45
CA ILE D 151 -3.28 -30.31 48.18
C ILE D 151 -3.27 -31.82 48.39
N LYS D 152 -2.78 -32.29 49.55
CA LYS D 152 -2.84 -33.72 49.86
C LYS D 152 -4.28 -34.19 50.09
N GLU D 153 -5.16 -33.31 50.57
CA GLU D 153 -6.56 -33.71 50.71
C GLU D 153 -7.32 -33.61 49.39
N LEU D 154 -7.05 -32.56 48.61
CA LEU D 154 -7.86 -32.27 47.43
C LEU D 154 -7.54 -33.21 46.28
N LEU D 155 -6.26 -33.42 46.00
CA LEU D 155 -5.87 -34.26 44.86
C LEU D 155 -5.82 -35.73 45.20
N ASN D 156 -6.34 -36.12 46.38
CA ASN D 156 -6.40 -37.49 46.90
C ASN D 156 -5.02 -38.14 46.96
N ILE D 157 -4.01 -37.35 47.30
CA ILE D 157 -2.64 -37.83 47.41
C ILE D 157 -2.50 -38.49 48.78
N THR D 158 -2.44 -39.83 48.78
CA THR D 158 -2.38 -40.61 50.00
C THR D 158 -1.14 -41.51 49.93
N LYS D 159 -1.08 -42.47 50.86
CA LYS D 159 0.01 -43.43 50.87
C LYS D 159 -0.06 -44.36 49.66
N ASN D 160 -1.27 -44.63 49.17
CA ASN D 160 -1.47 -45.42 47.96
C ASN D 160 -1.38 -44.49 46.76
N LEU D 161 -0.27 -44.57 46.03
CA LEU D 161 -0.02 -43.70 44.89
C LEU D 161 -0.32 -44.39 43.55
N LYS D 162 -0.48 -45.71 43.55
CA LYS D 162 -0.68 -46.47 42.32
C LYS D 162 -2.13 -46.43 41.83
N THR D 163 -3.01 -45.74 42.54
CA THR D 163 -4.36 -45.50 42.04
C THR D 163 -4.58 -44.06 41.60
N PHE D 164 -3.54 -43.35 41.18
CA PHE D 164 -3.61 -41.94 40.84
C PHE D 164 -4.29 -41.74 39.49
N ASN D 165 -4.87 -40.56 39.27
CA ASN D 165 -5.49 -40.24 37.98
C ASN D 165 -5.09 -38.81 37.65
N GLY D 166 -4.22 -38.66 36.64
CA GLY D 166 -3.60 -37.38 36.35
C GLY D 166 -4.48 -36.33 35.70
N SER D 167 -5.40 -36.73 34.82
CA SER D 167 -6.23 -35.77 34.10
C SER D 167 -7.21 -35.07 35.02
N LEU D 168 -7.86 -35.83 35.90
CA LEU D 168 -8.76 -35.24 36.89
C LEU D 168 -8.00 -34.41 37.91
N ALA D 169 -6.75 -34.79 38.18
CA ALA D 169 -5.92 -34.00 39.10
C ALA D 169 -5.55 -32.65 38.49
N LEU D 170 -5.22 -32.64 37.20
CA LEU D 170 -4.94 -31.37 36.52
C LEU D 170 -6.22 -30.54 36.36
N LEU D 171 -7.37 -31.20 36.22
CA LEU D 171 -8.64 -30.46 36.19
C LEU D 171 -8.94 -29.84 37.56
N LYS D 172 -8.63 -30.57 38.64
CA LYS D 172 -8.80 -30.01 39.98
C LYS D 172 -7.86 -28.84 40.23
N LEU D 173 -6.62 -28.94 39.73
CA LEU D 173 -5.69 -27.82 39.85
C LEU D 173 -6.13 -26.64 39.00
N SER D 174 -6.82 -26.90 37.89
CA SER D 174 -7.44 -25.82 37.12
C SER D 174 -8.63 -25.23 37.87
N MET D 175 -9.27 -26.02 38.74
CA MET D 175 -10.37 -25.54 39.56
C MET D 175 -9.95 -25.03 40.92
N ALA D 176 -8.75 -25.39 41.40
CA ALA D 176 -8.29 -24.93 42.71
C ALA D 176 -7.69 -23.54 42.63
N ASP D 177 -7.76 -22.80 43.74
CA ASP D 177 -7.19 -21.45 43.79
C ASP D 177 -5.71 -21.53 44.14
N TYR D 178 -4.94 -20.55 43.66
CA TYR D 178 -3.52 -20.45 43.94
C TYR D 178 -3.21 -19.43 45.03
N ASN D 179 -4.22 -18.97 45.77
CA ASN D 179 -4.01 -18.01 46.85
C ASN D 179 -3.39 -18.74 48.04
N GLY D 180 -2.12 -18.44 48.32
CA GLY D 180 -1.39 -19.08 49.39
C GLY D 180 -0.39 -20.13 48.95
N ALA D 181 0.00 -20.12 47.68
CA ALA D 181 0.86 -21.13 47.12
C ALA D 181 2.33 -20.69 47.14
N LEU D 182 3.23 -21.66 47.32
CA LEU D 182 4.63 -21.42 47.06
C LEU D 182 4.93 -21.74 45.60
N LEU D 183 5.51 -20.78 44.89
CA LEU D 183 5.68 -20.88 43.46
C LEU D 183 7.01 -20.25 43.07
N ARG D 184 7.62 -20.79 42.02
CA ARG D 184 8.98 -20.45 41.63
C ARG D 184 9.03 -20.09 40.15
N VAL D 185 9.66 -18.97 39.84
CA VAL D 185 9.85 -18.53 38.46
C VAL D 185 11.03 -19.31 37.89
N THR D 186 10.76 -20.31 37.04
CA THR D 186 11.84 -21.14 36.54
C THR D 186 12.33 -20.69 35.16
N LYS D 187 11.43 -20.16 34.33
CA LYS D 187 11.80 -19.64 33.03
C LYS D 187 11.02 -18.36 32.76
N SER D 188 11.67 -17.41 32.09
CA SER D 188 11.08 -16.10 31.87
C SER D 188 11.72 -15.46 30.64
N LYS D 189 11.01 -14.47 30.09
CA LYS D 189 11.61 -13.64 29.03
C LYS D 189 12.69 -12.74 29.60
N ASN D 190 12.51 -12.28 30.84
CA ASN D 190 13.52 -11.50 31.53
C ASN D 190 14.47 -12.46 32.25
N LYS D 191 15.78 -12.22 32.11
CA LYS D 191 16.76 -13.10 32.73
C LYS D 191 16.90 -12.86 34.23
N THR D 192 16.32 -11.77 34.75
CA THR D 192 16.45 -11.46 36.17
C THR D 192 15.28 -11.99 37.00
N LEU D 193 14.19 -12.40 36.37
CA LEU D 193 13.03 -12.87 37.12
C LEU D 193 13.20 -14.30 37.60
N ILE D 194 14.07 -15.07 36.94
CA ILE D 194 14.18 -16.50 37.24
C ILE D 194 14.92 -16.70 38.56
N GLY D 195 14.59 -17.78 39.26
CA GLY D 195 15.24 -18.10 40.52
C GLY D 195 14.51 -17.58 41.74
N LEU D 196 13.33 -17.00 41.52
CA LEU D 196 12.55 -16.41 42.60
C LEU D 196 11.47 -17.38 43.08
N GLN D 197 11.52 -17.71 44.37
CA GLN D 197 10.47 -18.47 45.03
C GLN D 197 9.67 -17.50 45.89
N GLY D 198 8.39 -17.80 46.07
CA GLY D 198 7.59 -16.94 46.91
C GLY D 198 6.18 -17.47 47.12
N ILE D 199 5.55 -16.96 48.16
CA ILE D 199 4.23 -17.42 48.61
C ILE D 199 3.22 -16.33 48.26
N VAL D 200 2.09 -16.75 47.68
CA VAL D 200 1.06 -15.85 47.17
C VAL D 200 0.31 -15.18 48.31
N ILE D 201 0.21 -13.84 48.26
CA ILE D 201 -0.68 -13.16 49.17
C ILE D 201 -1.96 -12.72 48.44
N TRP D 202 -1.89 -12.59 47.12
CA TRP D 202 -3.02 -12.19 46.28
C TRP D 202 -2.73 -12.54 44.83
N ASP D 203 -3.77 -13.01 44.14
CA ASP D 203 -3.71 -13.32 42.72
C ASP D 203 -4.29 -12.16 41.92
N SER D 204 -3.52 -11.66 40.96
CA SER D 204 -3.98 -10.63 40.06
C SER D 204 -4.46 -11.25 38.75
N GLN D 205 -4.77 -10.39 37.77
CA GLN D 205 -5.18 -10.88 36.47
C GLN D 205 -3.98 -11.31 35.63
N LYS D 206 -3.02 -10.41 35.42
CA LYS D 206 -1.90 -10.66 34.53
C LYS D 206 -0.54 -10.50 35.21
N PHE D 207 -0.50 -10.01 36.45
CA PHE D 207 0.73 -10.06 37.23
C PHE D 207 0.61 -11.10 38.34
N PHE D 208 1.68 -11.21 39.13
CA PHE D 208 1.80 -12.19 40.19
C PHE D 208 2.53 -11.56 41.36
N ILE D 209 2.07 -11.82 42.58
CA ILE D 209 2.61 -11.17 43.77
C ILE D 209 3.15 -12.27 44.68
N MET D 210 4.45 -12.21 44.96
CA MET D 210 5.10 -13.11 45.91
C MET D 210 5.90 -12.31 46.92
N ILE D 211 6.56 -13.01 47.83
CA ILE D 211 7.48 -12.42 48.80
C ILE D 211 8.69 -13.33 48.94
N VAL D 212 9.89 -12.74 48.89
CA VAL D 212 11.14 -13.49 48.99
C VAL D 212 12.08 -12.70 49.90
N LYS D 213 12.98 -13.41 50.57
CA LYS D 213 13.99 -12.80 51.43
C LYS D 213 15.33 -12.83 50.72
N GLY D 214 16.17 -11.84 51.02
CA GLY D 214 17.56 -11.87 50.60
C GLY D 214 18.45 -11.97 51.81
N ASN D 215 19.57 -11.25 51.81
CA ASN D 215 20.38 -11.07 53.02
C ASN D 215 19.58 -10.14 53.93
N ILE D 216 19.16 -8.97 53.47
CA ILE D 216 18.40 -8.02 54.30
C ILE D 216 17.13 -7.53 53.61
N ILE D 217 16.83 -8.00 52.41
CA ILE D 217 15.72 -7.50 51.62
C ILE D 217 14.46 -8.28 51.98
N ASP D 218 13.36 -7.58 52.25
CA ASP D 218 12.07 -8.17 52.53
C ASP D 218 10.98 -7.47 51.70
N GLU D 219 11.24 -7.33 50.40
CA GLU D 219 10.35 -6.57 49.54
C GLU D 219 9.25 -7.46 48.95
N ILE D 220 8.05 -6.90 48.87
CA ILE D 220 6.97 -7.56 48.12
C ILE D 220 7.33 -7.52 46.64
N LYS D 221 7.36 -8.69 46.02
CA LYS D 221 7.89 -8.86 44.66
C LYS D 221 6.72 -9.08 43.70
N CYS D 222 6.54 -8.14 42.77
CA CYS D 222 5.59 -8.32 41.68
C CYS D 222 6.34 -8.80 40.45
N ILE D 223 5.81 -9.83 39.80
CA ILE D 223 6.44 -10.46 38.64
C ILE D 223 5.38 -10.57 37.54
N PRO D 224 5.70 -10.18 36.30
CA PRO D 224 4.74 -10.37 35.20
C PRO D 224 4.53 -11.83 34.86
N LYS D 225 3.34 -12.17 34.35
CA LYS D 225 3.03 -13.54 33.97
C LYS D 225 3.11 -13.76 32.47
N LYS D 226 3.06 -12.69 31.67
CA LYS D 226 3.06 -12.81 30.21
C LYS D 226 4.47 -13.12 29.75
N GLY D 227 4.75 -14.41 29.53
CA GLY D 227 6.04 -14.85 29.04
C GLY D 227 6.93 -15.47 30.10
N THR D 228 6.31 -16.02 31.15
CA THR D 228 7.05 -16.64 32.24
C THR D 228 6.53 -18.05 32.48
N VAL D 229 7.39 -18.90 33.05
CA VAL D 229 7.05 -20.27 33.40
C VAL D 229 7.29 -20.45 34.88
N PHE D 230 6.30 -21.00 35.58
CA PHE D 230 6.31 -21.14 37.03
C PHE D 230 6.26 -22.62 37.36
N GLN D 231 6.82 -23.00 38.51
CA GLN D 231 6.83 -24.39 38.95
C GLN D 231 6.66 -24.45 40.47
N PHE D 232 6.07 -25.55 40.95
CA PHE D 232 5.84 -25.75 42.37
C PHE D 232 5.94 -27.23 42.71
N GLU D 233 6.54 -27.53 43.86
CA GLU D 233 6.74 -28.90 44.31
C GLU D 233 5.61 -29.35 45.23
N ILE D 234 5.10 -30.55 44.98
CA ILE D 234 4.14 -31.20 45.84
C ILE D 234 4.85 -32.35 46.54
N PRO D 235 5.15 -32.25 47.83
CA PRO D 235 5.87 -33.33 48.51
C PRO D 235 4.96 -34.48 48.89
N ILE D 236 5.57 -35.65 49.05
CA ILE D 236 4.88 -36.84 49.53
C ILE D 236 5.44 -37.11 50.93
N SER D 237 4.66 -37.82 51.75
CA SER D 237 4.93 -37.90 53.18
C SER D 237 6.18 -38.73 53.49
N ASP D 238 6.62 -39.55 52.55
CA ASP D 238 7.87 -40.27 52.75
C ASP D 238 9.06 -39.33 52.61
N ASP D 239 10.16 -39.68 53.28
CA ASP D 239 11.33 -38.82 53.38
C ASP D 239 12.36 -39.23 52.33
N ASP D 240 12.65 -38.33 51.39
CA ASP D 240 13.68 -38.41 50.35
C ASP D 240 13.46 -39.57 49.39
N ASP D 241 12.27 -40.14 49.29
CA ASP D 241 12.06 -41.26 48.37
C ASP D 241 11.41 -40.79 47.07
N SER D 242 10.27 -40.09 47.17
CA SER D 242 9.57 -39.61 45.98
C SER D 242 8.82 -38.32 46.27
N ALA D 243 8.77 -37.44 45.29
CA ALA D 243 8.02 -36.19 45.38
C ALA D 243 7.65 -35.75 43.96
N LEU D 244 6.62 -34.90 43.87
CA LEU D 244 6.10 -34.46 42.59
C LEU D 244 6.48 -33.01 42.36
N ARG D 245 6.58 -32.61 41.09
CA ARG D 245 6.87 -31.22 40.72
C ARG D 245 6.05 -30.85 39.50
N TYR D 246 5.13 -29.90 39.66
CA TYR D 246 4.23 -29.48 38.60
C TYR D 246 4.63 -28.09 38.12
N SER D 247 4.18 -27.73 36.92
CA SER D 247 4.49 -26.45 36.32
C SER D 247 3.25 -25.81 35.71
N ILE D 248 3.20 -24.47 35.78
CA ILE D 248 2.16 -23.70 35.12
C ILE D 248 2.84 -22.63 34.28
N LEU D 249 2.07 -21.97 33.42
CA LEU D 249 2.55 -20.85 32.63
C LEU D 249 1.55 -19.70 32.79
N GLY D 250 2.02 -18.59 33.33
CA GLY D 250 1.17 -17.46 33.62
C GLY D 250 0.65 -16.69 32.41
N ASP D 251 1.30 -16.88 31.25
CA ASP D 251 0.81 -16.23 30.03
C ASP D 251 -0.41 -16.94 29.46
N ARG D 252 -0.65 -18.18 29.88
CA ARG D 252 -1.73 -18.97 29.31
C ARG D 252 -3.07 -18.58 29.91
N PHE D 253 -3.11 -18.36 31.22
CA PHE D 253 -4.31 -17.87 31.89
C PHE D 253 -4.13 -16.40 32.24
N LYS D 254 -5.06 -15.57 31.76
CA LYS D 254 -4.97 -14.13 31.96
C LYS D 254 -6.30 -13.58 32.48
N TYR D 255 -6.84 -14.22 33.51
CA TYR D 255 -8.12 -13.84 34.08
C TYR D 255 -8.05 -13.84 35.60
N ARG D 256 -9.10 -13.29 36.21
CA ARG D 256 -9.23 -13.31 37.66
C ARG D 256 -9.49 -14.73 38.15
N SER D 257 -9.26 -14.96 39.44
CA SER D 257 -9.58 -16.25 40.04
C SER D 257 -11.10 -16.47 40.09
N VAL D 258 -11.85 -15.38 40.14
CA VAL D 258 -13.32 -15.44 40.08
C VAL D 258 -13.76 -16.00 38.74
N ASP D 259 -13.14 -15.53 37.65
CA ASP D 259 -13.43 -16.06 36.33
C ASP D 259 -12.81 -17.44 36.16
N ARG D 260 -11.68 -17.69 36.84
CA ARG D 260 -11.00 -18.99 36.76
C ARG D 260 -11.81 -20.10 37.44
N ALA D 261 -12.69 -19.74 38.38
CA ALA D 261 -13.59 -20.74 38.96
C ALA D 261 -14.64 -21.21 37.97
N GLY D 262 -14.95 -20.40 36.96
CA GLY D 262 -15.99 -20.74 36.01
C GLY D 262 -15.54 -21.07 34.60
N ARG D 263 -14.38 -20.54 34.20
CA ARG D 263 -13.92 -20.67 32.81
C ARG D 263 -13.42 -22.07 32.49
N LYS D 264 -13.84 -22.59 31.33
CA LYS D 264 -13.30 -23.83 30.77
C LYS D 264 -12.28 -23.44 29.72
N PHE D 265 -11.00 -23.69 30.02
CA PHE D 265 -9.90 -23.25 29.18
C PHE D 265 -9.85 -24.02 27.86
N LYS D 266 -9.57 -23.30 26.77
CA LYS D 266 -9.51 -23.86 25.44
C LYS D 266 -8.13 -23.64 24.83
N SER D 267 -7.98 -24.09 23.58
CA SER D 267 -6.70 -24.00 22.90
C SER D 267 -6.40 -22.56 22.47
N ARG D 268 -5.11 -22.27 22.27
CA ARG D 268 -4.67 -20.95 21.86
C ARG D 268 -3.75 -21.11 20.65
N ARG D 269 -3.39 -20.02 19.98
CA ARG D 269 -2.44 -20.02 18.88
C ARG D 269 -1.05 -20.46 19.33
N CYS D 270 -0.71 -20.11 20.57
CA CYS D 270 0.53 -20.44 21.30
C CYS D 270 1.80 -20.18 20.50
N ASP D 271 1.82 -19.09 19.73
CA ASP D 271 2.98 -18.76 18.91
C ASP D 271 4.07 -18.06 19.70
N ASP D 272 3.73 -17.34 20.77
CA ASP D 272 4.69 -16.56 21.53
C ASP D 272 5.43 -17.37 22.60
N MET D 273 5.40 -18.70 22.53
CA MET D 273 6.04 -19.54 23.53
C MET D 273 7.44 -19.99 23.10
N LEU D 274 8.00 -19.30 22.10
CA LEU D 274 9.32 -19.65 21.55
C LEU D 274 10.43 -19.54 22.59
N TYR D 275 10.24 -18.65 23.59
CA TYR D 275 11.21 -18.51 24.68
C TYR D 275 11.38 -19.80 25.46
N TYR D 276 10.30 -20.60 25.57
CA TYR D 276 10.39 -21.86 26.30
C TYR D 276 11.22 -22.89 25.54
N ILE D 277 11.40 -22.66 24.24
CA ILE D 277 12.26 -23.50 23.42
C ILE D 277 13.63 -22.82 23.36
N GLN D 278 13.64 -21.51 23.55
CA GLN D 278 14.85 -20.72 23.31
C GLN D 278 15.84 -20.87 24.46
N ASN D 279 15.38 -20.65 25.68
CA ASN D 279 16.25 -20.75 26.86
C ASN D 279 16.13 -22.11 27.51
N VAL E 2 -2.16 -11.29 -2.02
CA VAL E 2 -1.52 -11.92 -3.17
C VAL E 2 -2.45 -12.94 -3.83
N ARG E 3 -2.76 -12.71 -5.10
CA ARG E 3 -3.65 -13.59 -5.85
C ARG E 3 -2.85 -14.44 -6.85
N LEU E 4 -3.56 -15.12 -7.73
CA LEU E 4 -2.93 -15.97 -8.74
C LEU E 4 -2.44 -15.14 -9.92
N LYS E 5 -1.21 -14.65 -9.81
CA LYS E 5 -0.61 -13.85 -10.86
C LYS E 5 -0.04 -14.73 -11.98
N SER E 6 -0.91 -15.18 -12.87
CA SER E 6 -0.50 -16.03 -13.99
C SER E 6 -0.33 -15.22 -15.26
N ARG E 7 0.53 -15.69 -16.15
CA ARG E 7 0.79 -15.01 -17.41
C ARG E 7 0.35 -15.87 -18.60
N TYR E 8 -0.35 -15.25 -19.54
CA TYR E 8 -0.83 -15.95 -20.72
C TYR E 8 0.11 -15.67 -21.88
N ILE E 9 0.34 -16.68 -22.71
CA ILE E 9 1.27 -16.59 -23.82
C ILE E 9 0.53 -16.98 -25.10
N LEU E 10 0.54 -16.08 -26.08
CA LEU E 10 -0.06 -16.34 -27.38
C LEU E 10 1.02 -16.93 -28.30
N PHE E 11 0.69 -18.04 -28.96
CA PHE E 11 1.59 -18.66 -29.91
C PHE E 11 0.84 -18.94 -31.21
N GLU E 12 1.58 -18.97 -32.32
CA GLU E 12 1.02 -19.22 -33.63
C GLU E 12 1.89 -20.22 -34.38
N ILE E 13 1.25 -21.16 -35.06
CA ILE E 13 1.93 -22.20 -35.81
C ILE E 13 2.15 -21.72 -37.24
N ILE E 14 3.40 -21.61 -37.66
CA ILE E 14 3.75 -21.12 -38.98
C ILE E 14 4.43 -22.26 -39.76
N PHE E 15 3.96 -22.49 -40.98
CA PHE E 15 4.52 -23.52 -41.85
C PHE E 15 5.41 -22.89 -42.90
N PRO E 16 6.73 -23.09 -42.86
CA PRO E 16 7.61 -22.55 -43.90
C PRO E 16 7.41 -23.28 -45.22
N PRO E 17 7.54 -22.58 -46.35
CA PRO E 17 7.27 -23.21 -47.66
C PRO E 17 8.41 -24.08 -48.14
N THR E 18 8.53 -25.29 -47.58
CA THR E 18 9.66 -26.18 -47.90
C THR E 18 9.38 -26.79 -49.28
N ASP E 19 9.81 -26.09 -50.33
CA ASP E 19 9.67 -26.59 -51.69
C ASP E 19 10.77 -26.00 -52.57
N THR E 20 11.83 -26.76 -52.83
CA THR E 20 12.96 -26.25 -53.59
C THR E 20 12.78 -26.38 -55.10
N ASN E 21 11.86 -27.24 -55.56
CA ASN E 21 11.71 -27.47 -56.98
C ASN E 21 10.76 -26.46 -57.65
N VAL E 22 9.88 -25.83 -56.88
CA VAL E 22 8.90 -24.89 -57.42
C VAL E 22 9.34 -23.49 -57.02
N GLU E 23 9.21 -22.51 -57.94
CA GLU E 23 9.69 -21.16 -57.71
C GLU E 23 8.78 -20.45 -56.73
N GLU E 24 9.20 -19.25 -56.33
CA GLU E 24 8.56 -18.53 -55.23
C GLU E 24 8.32 -17.10 -55.67
N SER E 25 7.31 -16.46 -55.08
CA SER E 25 6.98 -15.08 -55.37
C SER E 25 7.39 -14.21 -54.19
N VAL E 26 7.89 -13.02 -54.50
CA VAL E 26 8.48 -12.13 -53.51
C VAL E 26 7.53 -10.96 -53.29
N SER E 27 6.79 -11.00 -52.18
CA SER E 27 5.89 -9.92 -51.77
C SER E 27 5.63 -10.08 -50.28
N LYS E 28 4.97 -9.06 -49.71
CA LYS E 28 4.69 -9.09 -48.28
C LYS E 28 3.48 -9.96 -47.96
N ALA E 29 2.30 -9.59 -48.47
CA ALA E 29 1.09 -10.33 -48.13
C ALA E 29 1.05 -11.67 -48.84
N ASP E 30 1.79 -11.82 -49.94
CA ASP E 30 1.89 -13.12 -50.59
C ASP E 30 2.68 -14.11 -49.72
N ILE E 31 3.74 -13.64 -49.05
CA ILE E 31 4.47 -14.56 -48.19
C ILE E 31 3.75 -14.72 -46.85
N LEU E 32 2.90 -13.75 -46.48
CA LEU E 32 1.98 -13.97 -45.35
C LEU E 32 0.94 -15.05 -45.69
N LEU E 33 0.48 -15.08 -46.94
CA LEU E 33 -0.40 -16.17 -47.38
C LEU E 33 0.34 -17.49 -47.43
N SER E 34 1.63 -17.46 -47.80
CA SER E 34 2.36 -18.71 -47.99
C SER E 34 2.87 -19.27 -46.65
N HIS E 35 2.92 -18.45 -45.61
CA HIS E 35 3.31 -18.94 -44.29
C HIS E 35 2.08 -19.20 -43.41
N HIS E 36 1.01 -18.43 -43.60
CA HIS E 36 -0.17 -18.59 -42.75
C HIS E 36 -1.24 -19.44 -43.43
N ARG E 37 -0.81 -20.51 -44.12
CA ARG E 37 -1.67 -21.34 -44.97
C ARG E 37 -2.87 -21.97 -44.25
N ALA E 38 -2.60 -22.95 -43.38
CA ALA E 38 -3.64 -23.75 -42.73
C ALA E 38 -3.01 -24.68 -41.72
N SER E 39 -3.82 -25.10 -40.75
CA SER E 39 -3.44 -26.17 -39.85
C SER E 39 -3.90 -27.51 -40.41
N PRO E 40 -3.17 -28.60 -40.13
CA PRO E 40 -3.60 -29.92 -40.64
C PRO E 40 -4.78 -30.47 -39.87
N ALA E 41 -5.17 -31.70 -40.22
CA ALA E 41 -6.45 -32.25 -39.77
C ALA E 41 -6.43 -32.64 -38.31
N ASP E 42 -5.41 -33.39 -37.89
CA ASP E 42 -5.37 -33.94 -36.53
C ASP E 42 -4.63 -32.95 -35.64
N VAL E 43 -5.27 -31.80 -35.38
CA VAL E 43 -4.76 -30.78 -34.47
C VAL E 43 -5.89 -30.35 -33.55
N SER E 44 -5.70 -30.55 -32.24
CA SER E 44 -6.70 -30.18 -31.26
C SER E 44 -5.99 -29.65 -30.03
N ILE E 45 -6.77 -29.40 -28.97
CA ILE E 45 -6.19 -28.93 -27.72
C ILE E 45 -5.35 -30.02 -27.06
N LYS E 46 -5.91 -31.24 -26.97
CA LYS E 46 -5.24 -32.32 -26.27
C LYS E 46 -4.01 -32.81 -27.02
N SER E 47 -4.02 -32.71 -28.35
CA SER E 47 -2.86 -33.11 -29.14
C SER E 47 -1.69 -32.16 -28.93
N ILE E 48 -1.96 -30.86 -28.93
CA ILE E 48 -0.92 -29.86 -28.69
C ILE E 48 -0.41 -29.95 -27.26
N LEU E 49 -1.31 -30.23 -26.29
CA LEU E 49 -0.88 -30.42 -24.91
C LEU E 49 -0.02 -31.67 -24.75
N GLN E 50 -0.38 -32.77 -25.41
CA GLN E 50 0.39 -34.00 -25.31
C GLN E 50 1.73 -33.85 -26.02
N GLU E 51 1.80 -33.03 -27.06
CA GLU E 51 3.07 -32.80 -27.74
C GLU E 51 3.97 -31.88 -26.90
N ILE E 52 3.40 -30.87 -26.26
CA ILE E 52 4.22 -29.91 -25.53
C ILE E 52 4.67 -30.50 -24.20
N ARG E 53 3.90 -31.45 -23.64
CA ARG E 53 4.37 -32.14 -22.44
C ARG E 53 5.50 -33.10 -22.76
N ARG E 54 5.45 -33.74 -23.94
CA ARG E 54 6.55 -34.62 -24.35
C ARG E 54 7.80 -33.81 -24.68
N SER E 55 7.64 -32.64 -25.29
CA SER E 55 8.79 -31.76 -25.53
C SER E 55 9.33 -31.20 -24.23
N LEU E 56 8.45 -30.94 -23.25
CA LEU E 56 8.87 -30.48 -21.94
C LEU E 56 9.64 -31.55 -21.19
N SER E 57 9.25 -32.81 -21.38
CA SER E 57 9.96 -33.94 -20.77
C SER E 57 11.31 -34.19 -21.43
N LEU E 58 11.34 -34.31 -22.76
CA LEU E 58 12.59 -34.65 -23.44
C LEU E 58 13.56 -33.50 -23.54
N ASN E 59 13.09 -32.25 -23.41
CA ASN E 59 14.00 -31.11 -23.53
C ASN E 59 14.43 -30.57 -22.18
N LEU E 60 13.47 -30.38 -21.26
CA LEU E 60 13.76 -29.68 -20.02
C LEU E 60 13.90 -30.64 -18.84
N GLY E 61 13.25 -31.80 -18.91
CA GLY E 61 13.50 -32.86 -17.96
C GLY E 61 12.27 -33.19 -17.16
N ASP E 62 12.49 -33.51 -15.88
CA ASP E 62 11.43 -33.89 -14.97
C ASP E 62 11.10 -32.80 -13.97
N TYR E 63 12.09 -32.28 -13.25
CA TYR E 63 11.83 -31.26 -12.24
C TYR E 63 11.51 -29.91 -12.89
N GLY E 64 12.09 -29.65 -14.06
CA GLY E 64 11.66 -28.52 -14.85
C GLY E 64 10.24 -28.68 -15.34
N SER E 65 9.87 -29.90 -15.76
CA SER E 65 8.49 -30.20 -16.11
C SER E 65 7.59 -30.16 -14.87
N ALA E 66 8.16 -30.45 -13.70
CA ALA E 66 7.41 -30.36 -12.45
C ALA E 66 7.08 -28.91 -12.11
N LYS E 67 8.05 -28.02 -12.31
CA LYS E 67 7.80 -26.60 -12.05
C LYS E 67 6.89 -26.00 -13.12
N CYS E 68 7.00 -26.48 -14.36
CA CYS E 68 6.20 -25.94 -15.45
C CYS E 68 4.76 -26.42 -15.41
N ASN E 69 4.52 -27.69 -15.06
CA ASN E 69 3.20 -28.29 -15.21
C ASN E 69 2.30 -28.06 -14.00
N SER E 70 2.61 -27.07 -13.16
CA SER E 70 1.75 -26.75 -12.03
C SER E 70 0.48 -26.05 -12.49
N LEU E 71 0.62 -25.07 -13.39
CA LEU E 71 -0.52 -24.31 -13.91
C LEU E 71 -0.33 -24.20 -15.43
N LEU E 72 -0.04 -25.34 -16.06
CA LEU E 72 0.21 -25.40 -17.50
C LEU E 72 -1.06 -25.89 -18.18
N GLN E 73 -1.83 -24.97 -18.74
CA GLN E 73 -3.07 -25.30 -19.44
C GLN E 73 -3.16 -24.49 -20.72
N LEU E 74 -3.90 -25.04 -21.68
CA LEU E 74 -4.20 -24.36 -22.94
C LEU E 74 -5.63 -23.82 -22.82
N LYS E 75 -5.76 -22.51 -22.64
CA LYS E 75 -7.06 -21.93 -22.33
C LYS E 75 -7.92 -21.80 -23.59
N TYR E 76 -7.34 -21.31 -24.69
CA TYR E 76 -8.10 -21.10 -25.90
C TYR E 76 -7.24 -21.48 -27.11
N PHE E 77 -7.84 -22.26 -28.01
CA PHE E 77 -7.19 -22.67 -29.24
C PHE E 77 -8.25 -23.08 -30.25
N SER E 78 -8.05 -22.68 -31.50
CA SER E 78 -8.91 -23.06 -32.62
C SER E 78 -8.02 -23.38 -33.81
N ASN E 79 -8.33 -24.48 -34.50
CA ASN E 79 -7.48 -24.96 -35.59
C ASN E 79 -7.70 -24.17 -36.89
N LYS E 80 -8.72 -23.32 -36.94
CA LYS E 80 -8.99 -22.57 -38.16
C LYS E 80 -7.99 -21.43 -38.36
N THR E 81 -7.45 -20.90 -37.27
CA THR E 81 -6.49 -19.80 -37.33
C THR E 81 -5.12 -20.16 -36.76
N SER E 82 -5.02 -21.30 -36.06
CA SER E 82 -3.76 -21.82 -35.48
C SER E 82 -3.12 -20.82 -34.51
N THR E 83 -3.93 -20.22 -33.64
CA THR E 83 -3.44 -19.36 -32.57
C THR E 83 -3.91 -19.92 -31.24
N GLY E 84 -3.01 -19.97 -30.27
CA GLY E 84 -3.34 -20.54 -28.98
C GLY E 84 -2.84 -19.73 -27.80
N ILE E 85 -3.52 -19.86 -26.66
CA ILE E 85 -3.17 -19.13 -25.44
C ILE E 85 -2.85 -20.13 -24.34
N ILE E 86 -1.63 -20.08 -23.83
CA ILE E 86 -1.17 -20.97 -22.77
C ILE E 86 -1.03 -20.18 -21.48
N ARG E 87 -1.70 -20.66 -20.43
CA ARG E 87 -1.59 -20.10 -19.09
C ARG E 87 -0.36 -20.70 -18.43
N CYS E 88 0.37 -19.88 -17.66
CA CYS E 88 1.56 -20.35 -16.96
C CYS E 88 1.82 -19.43 -15.78
N HIS E 89 2.82 -19.79 -14.99
CA HIS E 89 3.25 -18.92 -13.90
C HIS E 89 4.12 -17.78 -14.43
N ARG E 90 4.25 -16.72 -13.62
CA ARG E 90 5.05 -15.57 -14.03
C ARG E 90 6.54 -15.86 -13.89
N GLU E 91 6.90 -16.82 -13.04
CA GLU E 91 8.31 -17.15 -12.85
C GLU E 91 8.80 -18.09 -13.93
N ASP E 92 7.98 -19.08 -14.31
CA ASP E 92 8.35 -20.06 -15.32
C ASP E 92 7.88 -19.66 -16.71
N CYS E 93 7.55 -18.39 -16.94
CA CYS E 93 7.22 -17.91 -18.28
C CYS E 93 8.41 -18.02 -19.22
N ASP E 94 9.62 -17.78 -18.70
CA ASP E 94 10.86 -18.03 -19.44
C ASP E 94 10.94 -19.49 -19.88
N LEU E 95 10.62 -20.42 -18.98
CA LEU E 95 10.70 -21.84 -19.29
C LEU E 95 9.65 -22.25 -20.32
N VAL E 96 8.45 -21.67 -20.21
CA VAL E 96 7.37 -22.01 -21.15
C VAL E 96 7.68 -21.46 -22.54
N ILE E 97 8.24 -20.24 -22.63
CA ILE E 97 8.58 -19.69 -23.94
C ILE E 97 9.75 -20.45 -24.56
N MET E 98 10.72 -20.88 -23.75
CA MET E 98 11.84 -21.64 -24.31
C MET E 98 11.39 -23.07 -24.68
N ALA E 99 10.35 -23.58 -24.03
CA ALA E 99 9.76 -24.84 -24.47
C ALA E 99 8.97 -24.68 -25.77
N LEU E 100 8.31 -23.52 -25.94
CA LEU E 100 7.61 -23.24 -27.19
C LEU E 100 8.59 -23.04 -28.33
N MET E 101 9.79 -22.55 -28.03
CA MET E 101 10.80 -22.36 -29.07
C MET E 101 11.30 -23.69 -29.62
N LEU E 102 11.57 -24.65 -28.74
CA LEU E 102 12.15 -25.93 -29.14
C LEU E 102 11.13 -26.93 -29.67
N MET E 103 9.91 -26.50 -29.98
CA MET E 103 8.93 -27.38 -30.61
C MET E 103 9.36 -27.68 -32.03
N SER E 104 9.80 -28.92 -32.26
CA SER E 104 10.36 -29.32 -33.55
C SER E 104 9.30 -29.80 -34.52
N LYS E 105 8.52 -30.81 -34.13
CA LYS E 105 7.50 -31.36 -35.01
C LYS E 105 6.40 -31.99 -34.18
N ILE E 106 5.22 -32.07 -34.78
CA ILE E 106 4.14 -32.88 -34.23
C ILE E 106 4.35 -34.32 -34.69
N GLY E 107 3.74 -35.27 -33.95
CA GLY E 107 3.93 -36.68 -34.27
C GLY E 107 3.29 -37.09 -35.59
N ASP E 108 2.33 -36.31 -36.08
CA ASP E 108 1.68 -36.59 -37.36
C ASP E 108 2.25 -35.76 -38.49
N VAL E 109 2.45 -34.45 -38.29
CA VAL E 109 2.92 -33.55 -39.34
C VAL E 109 4.20 -32.88 -38.87
N ASP E 110 5.24 -32.95 -39.70
CA ASP E 110 6.52 -32.28 -39.46
C ASP E 110 6.66 -31.08 -40.38
N GLY E 111 7.76 -30.35 -40.20
CA GLY E 111 8.01 -29.17 -41.02
C GLY E 111 7.21 -27.95 -40.61
N LEU E 112 7.45 -27.44 -39.40
CA LEU E 112 6.68 -26.35 -38.84
C LEU E 112 7.48 -25.65 -37.74
N ILE E 113 7.22 -24.36 -37.57
CA ILE E 113 7.86 -23.55 -36.53
C ILE E 113 6.76 -22.94 -35.68
N VAL E 114 7.10 -22.61 -34.42
CA VAL E 114 6.15 -21.98 -33.52
C VAL E 114 6.65 -20.58 -33.17
N ASN E 115 5.75 -19.61 -33.29
CA ASN E 115 6.05 -18.21 -33.03
C ASN E 115 5.34 -17.77 -31.76
N PRO E 116 6.05 -17.58 -30.64
CA PRO E 116 5.44 -16.89 -29.50
C PRO E 116 5.37 -15.39 -29.74
N VAL E 117 4.16 -14.82 -29.69
CA VAL E 117 4.00 -13.43 -30.13
C VAL E 117 3.76 -12.50 -28.94
N LYS E 118 2.74 -12.79 -28.12
CA LYS E 118 2.32 -11.83 -27.11
C LYS E 118 2.27 -12.52 -25.75
N VAL E 119 2.86 -11.85 -24.76
CA VAL E 119 2.86 -12.30 -23.37
C VAL E 119 2.36 -11.16 -22.50
N SER E 120 1.37 -11.45 -21.67
CA SER E 120 0.88 -10.50 -20.67
C SER E 120 0.29 -11.28 -19.50
N GLY E 121 0.00 -10.55 -18.42
CA GLY E 121 -0.52 -11.20 -17.22
C GLY E 121 -2.03 -11.39 -17.25
N THR E 122 -2.69 -10.88 -18.29
CA THR E 122 -4.14 -10.99 -18.44
C THR E 122 -4.47 -11.41 -19.86
N ILE E 123 -5.61 -12.09 -20.03
CA ILE E 123 -5.98 -12.61 -21.35
C ILE E 123 -6.80 -11.58 -22.13
N LYS E 124 -7.42 -10.63 -21.43
CA LYS E 124 -8.29 -9.64 -22.08
C LYS E 124 -7.50 -8.63 -22.90
N LYS E 125 -6.28 -8.28 -22.49
CA LYS E 125 -5.46 -7.39 -23.29
C LYS E 125 -4.77 -8.14 -24.42
N ILE E 126 -4.53 -9.44 -24.22
CA ILE E 126 -3.90 -10.26 -25.28
C ILE E 126 -4.90 -10.49 -26.41
N GLU E 127 -6.18 -10.68 -26.07
CA GLU E 127 -7.21 -10.77 -27.11
C GLU E 127 -7.37 -9.45 -27.85
N GLN E 128 -7.26 -8.33 -27.14
CA GLN E 128 -7.36 -7.02 -27.77
C GLN E 128 -6.18 -6.74 -28.69
N PHE E 129 -4.99 -7.19 -28.29
CA PHE E 129 -3.81 -7.06 -29.16
C PHE E 129 -3.88 -8.01 -30.34
N ALA E 130 -4.47 -9.20 -30.14
CA ALA E 130 -4.57 -10.17 -31.22
C ALA E 130 -5.57 -9.73 -32.28
N MET E 131 -6.66 -9.10 -31.86
CA MET E 131 -7.62 -8.55 -32.82
C MET E 131 -7.00 -7.42 -33.63
N ARG E 132 -6.17 -6.59 -33.00
CA ARG E 132 -5.51 -5.50 -33.72
C ARG E 132 -4.42 -6.03 -34.65
N ARG E 133 -3.71 -7.08 -34.23
CA ARG E 133 -2.70 -7.69 -35.10
C ARG E 133 -3.34 -8.37 -36.31
N ASN E 134 -4.47 -9.05 -36.10
CA ASN E 134 -5.18 -9.65 -37.22
C ASN E 134 -5.81 -8.58 -38.10
N SER E 135 -6.18 -7.44 -37.52
CA SER E 135 -6.66 -6.31 -38.32
C SER E 135 -5.54 -5.75 -39.19
N LYS E 136 -4.31 -5.70 -38.67
CA LYS E 136 -3.17 -5.28 -39.48
C LYS E 136 -2.88 -6.29 -40.58
N ILE E 137 -3.06 -7.58 -40.29
CA ILE E 137 -2.92 -8.62 -41.31
C ILE E 137 -3.96 -8.45 -42.42
N LEU E 138 -5.21 -8.15 -42.04
CA LEU E 138 -6.25 -7.86 -43.03
C LEU E 138 -5.95 -6.59 -43.82
N ASN E 139 -5.31 -5.60 -43.19
CA ASN E 139 -4.91 -4.40 -43.92
C ASN E 139 -3.85 -4.72 -44.97
N ILE E 140 -2.85 -5.54 -44.61
CA ILE E 140 -1.79 -5.89 -45.57
C ILE E 140 -2.36 -6.74 -46.71
N ILE E 141 -3.25 -7.69 -46.37
CA ILE E 141 -3.92 -8.53 -47.37
C ILE E 141 -4.78 -7.68 -48.30
N LYS E 142 -5.51 -6.70 -47.75
CA LYS E 142 -6.39 -5.86 -48.57
C LYS E 142 -5.58 -4.91 -49.44
N CYS E 143 -4.44 -4.44 -48.95
CA CYS E 143 -3.58 -3.57 -49.76
C CYS E 143 -2.96 -4.33 -50.93
N SER E 144 -2.55 -5.58 -50.70
CA SER E 144 -1.98 -6.34 -51.82
C SER E 144 -3.06 -6.90 -52.73
N GLN E 145 -4.30 -7.01 -52.22
CA GLN E 145 -5.39 -7.53 -53.05
C GLN E 145 -5.97 -6.44 -53.93
N SER E 146 -6.03 -5.21 -53.42
CA SER E 146 -6.54 -4.10 -54.23
C SER E 146 -5.53 -3.68 -55.29
N SER E 147 -4.24 -3.90 -55.04
CA SER E 147 -3.20 -3.57 -55.99
C SER E 147 -2.02 -4.52 -55.86
N ILE F 2 18.33 13.10 -50.97
CA ILE F 2 17.25 12.36 -51.63
C ILE F 2 17.83 11.36 -52.61
N ASN F 3 17.59 10.07 -52.35
CA ASN F 3 18.16 9.03 -53.20
C ASN F 3 17.30 8.75 -54.43
N GLY F 4 15.98 8.72 -54.26
CA GLY F 4 15.09 8.41 -55.36
C GLY F 4 13.64 8.73 -55.10
N VAL F 5 12.90 9.02 -56.17
CA VAL F 5 11.49 9.39 -56.08
C VAL F 5 10.66 8.32 -56.79
N TYR F 6 9.69 7.76 -56.08
CA TYR F 6 8.83 6.71 -56.62
C TYR F 6 7.40 7.23 -56.64
N TYR F 7 6.67 6.85 -57.70
CA TYR F 7 5.24 7.10 -57.79
C TYR F 7 4.53 5.81 -58.18
N ASN F 8 3.54 5.43 -57.37
CA ASN F 8 2.73 4.22 -57.53
C ASN F 8 3.61 2.96 -57.54
N GLU F 9 4.63 2.92 -56.67
CA GLU F 9 5.61 1.86 -56.49
C GLU F 9 6.41 1.55 -57.76
N ILE F 10 6.59 2.53 -58.64
CA ILE F 10 7.34 2.37 -59.88
C ILE F 10 8.49 3.36 -59.87
N SER F 11 9.67 2.91 -60.28
CA SER F 11 10.87 3.76 -60.24
C SER F 11 10.77 4.88 -61.27
N ARG F 12 11.00 6.10 -60.80
CA ARG F 12 10.91 7.30 -61.63
C ARG F 12 12.17 8.14 -61.43
N ASP F 13 12.49 8.94 -62.46
CA ASP F 13 13.66 9.83 -62.42
C ASP F 13 13.17 11.26 -62.19
N LEU F 14 13.10 11.64 -60.91
CA LEU F 14 12.61 12.94 -60.51
C LEU F 14 13.55 13.57 -59.48
N ASP F 15 13.37 14.85 -59.25
CA ASP F 15 14.14 15.60 -58.25
C ASP F 15 13.16 16.56 -57.56
N ILE F 16 13.11 16.50 -56.22
CA ILE F 16 12.14 17.29 -55.47
C ILE F 16 12.52 18.76 -55.50
N SER F 17 13.81 19.06 -55.53
CA SER F 17 14.26 20.45 -55.58
C SER F 17 14.00 21.08 -56.94
N SER F 18 13.84 20.28 -57.99
CA SER F 18 13.51 20.77 -59.32
C SER F 18 11.99 20.79 -59.47
N SER F 19 11.42 21.99 -59.64
CA SER F 19 9.96 22.11 -59.67
C SER F 19 9.40 21.78 -61.05
N THR F 20 10.13 22.15 -62.11
CA THR F 20 9.60 22.06 -63.47
C THR F 20 9.42 20.60 -63.90
N GLN F 21 10.40 19.75 -63.56
CA GLN F 21 10.34 18.34 -63.96
C GLN F 21 9.20 17.61 -63.24
N CYS F 22 9.00 17.90 -61.96
CA CYS F 22 7.92 17.24 -61.23
C CYS F 22 6.56 17.78 -61.64
N LEU F 23 6.47 19.07 -61.99
CA LEU F 23 5.19 19.60 -62.48
C LEU F 23 4.85 19.03 -63.85
N ARG F 24 5.84 18.83 -64.71
CA ARG F 24 5.59 18.19 -66.01
C ARG F 24 5.28 16.71 -65.84
N PHE F 25 5.83 16.08 -64.80
CA PHE F 25 5.48 14.69 -64.52
C PHE F 25 4.06 14.57 -63.98
N LEU F 26 3.63 15.54 -63.18
CA LEU F 26 2.24 15.58 -62.73
C LEU F 26 1.29 15.86 -63.90
N LYS F 27 1.71 16.70 -64.84
CA LYS F 27 0.85 17.05 -65.96
C LYS F 27 0.73 15.92 -66.96
N GLU F 28 1.84 15.20 -67.23
CA GLU F 28 1.85 14.23 -68.30
C GLU F 28 1.45 12.83 -67.87
N THR F 29 1.63 12.46 -66.61
CA THR F 29 1.47 11.07 -66.17
C THR F 29 0.34 10.90 -65.17
N VAL F 30 0.25 11.77 -64.16
CA VAL F 30 -0.67 11.54 -63.04
C VAL F 30 -2.11 11.82 -63.47
N ILE F 31 -2.34 12.93 -64.18
CA ILE F 31 -3.70 13.31 -64.55
C ILE F 31 -4.31 12.43 -65.63
N PRO F 32 -3.57 11.96 -66.67
CA PRO F 32 -4.15 10.90 -67.50
C PRO F 32 -4.33 9.56 -66.80
N SER F 33 -3.65 9.34 -65.67
CA SER F 33 -3.86 8.12 -64.90
C SER F 33 -5.10 8.19 -64.02
N LEU F 34 -5.74 9.36 -63.91
CA LEU F 34 -6.90 9.52 -63.03
C LEU F 34 -8.10 10.06 -63.80
N ALA F 35 -7.86 10.69 -64.94
CA ALA F 35 -8.93 11.30 -65.73
C ALA F 35 -8.63 11.11 -67.21
N ASN F 36 -9.66 10.77 -67.98
CA ASN F 36 -9.53 10.54 -69.42
C ASN F 36 -10.39 11.55 -70.17
N ASN F 37 -9.75 12.36 -71.00
CA ASN F 37 -10.44 13.42 -71.74
C ASN F 37 -10.87 12.97 -73.13
N GLY F 38 -10.72 11.69 -73.47
CA GLY F 38 -11.01 11.25 -74.83
C GLY F 38 -12.47 10.90 -75.04
N ASN F 39 -13.09 10.22 -74.08
CA ASN F 39 -14.42 9.66 -74.25
C ASN F 39 -15.55 10.61 -73.85
N ASN F 40 -15.30 11.90 -73.73
CA ASN F 40 -16.31 12.87 -73.36
C ASN F 40 -16.03 14.22 -74.01
N SER F 41 -16.79 15.24 -73.60
CA SER F 41 -16.75 16.56 -74.20
C SER F 41 -16.24 17.64 -73.25
N THR F 42 -15.19 17.34 -72.49
CA THR F 42 -14.63 18.30 -71.55
C THR F 42 -13.44 19.03 -72.16
N SER F 43 -13.26 20.27 -71.75
CA SER F 43 -12.11 21.09 -72.15
C SER F 43 -11.30 21.39 -70.89
N ILE F 44 -10.21 20.65 -70.70
CA ILE F 44 -9.43 20.71 -69.47
C ILE F 44 -8.24 21.63 -69.68
N GLN F 45 -8.11 22.64 -68.82
CA GLN F 45 -6.99 23.56 -68.84
C GLN F 45 -6.10 23.29 -67.64
N TYR F 46 -4.87 22.85 -67.90
CA TYR F 46 -3.94 22.47 -66.85
C TYR F 46 -3.17 23.68 -66.33
N HIS F 47 -2.91 23.70 -65.02
CA HIS F 47 -2.03 24.74 -64.46
C HIS F 47 -1.40 24.21 -63.17
N GLY F 48 -0.08 24.36 -63.08
CA GLY F 48 0.63 24.07 -61.85
C GLY F 48 1.10 25.33 -61.15
N ILE F 49 1.25 25.24 -59.83
CA ILE F 49 1.62 26.38 -59.00
C ILE F 49 2.87 26.04 -58.20
N SER F 50 3.88 26.89 -58.32
CA SER F 50 5.05 26.86 -57.45
C SER F 50 4.92 27.94 -56.38
N LYS F 51 5.80 27.88 -55.39
CA LYS F 51 5.73 28.83 -54.29
C LYS F 51 6.29 30.20 -54.65
N ASN F 52 6.96 30.32 -55.79
CA ASN F 52 7.50 31.58 -56.26
C ASN F 52 6.53 32.36 -57.16
N ASP F 53 5.30 31.87 -57.29
CA ASP F 53 4.35 32.49 -58.21
C ASP F 53 3.67 33.69 -57.57
N ASN F 54 3.39 34.71 -58.39
CA ASN F 54 2.59 35.83 -57.93
C ASN F 54 1.14 35.39 -57.80
N ILE F 55 0.49 35.77 -56.70
CA ILE F 55 -0.88 35.32 -56.44
C ILE F 55 -1.85 36.02 -57.39
N LYS F 56 -1.71 37.34 -57.54
CA LYS F 56 -2.62 38.12 -58.36
C LYS F 56 -2.52 37.74 -59.84
N LYS F 57 -1.28 37.53 -60.32
CA LYS F 57 -1.08 37.15 -61.71
C LYS F 57 -1.62 35.75 -61.99
N SER F 58 -1.48 34.83 -61.05
CA SER F 58 -1.97 33.47 -61.25
C SER F 58 -3.49 33.41 -61.17
N VAL F 59 -4.10 34.25 -60.31
CA VAL F 59 -5.56 34.33 -60.29
C VAL F 59 -6.10 34.97 -61.58
N ASN F 60 -5.38 35.97 -62.11
CA ASN F 60 -5.77 36.58 -63.37
C ASN F 60 -5.59 35.61 -64.54
N LYS F 61 -4.62 34.70 -64.42
CA LYS F 61 -4.51 33.61 -65.40
C LYS F 61 -5.64 32.61 -65.25
N LEU F 62 -6.12 32.41 -64.01
CA LEU F 62 -7.27 31.53 -63.81
C LEU F 62 -8.57 32.22 -64.20
N ASP F 63 -8.57 33.55 -64.33
CA ASP F 63 -9.75 34.27 -64.79
C ASP F 63 -9.98 34.11 -66.29
N LYS F 64 -8.97 33.68 -67.05
CA LYS F 64 -9.10 33.50 -68.48
C LYS F 64 -9.23 32.04 -68.90
N GLN F 65 -8.93 31.10 -68.01
CA GLN F 65 -9.04 29.68 -68.32
C GLN F 65 -10.42 29.12 -68.03
N ILE F 66 -11.26 29.86 -67.30
CA ILE F 66 -12.63 29.41 -67.06
C ILE F 66 -13.58 29.88 -68.15
N ASN F 67 -13.09 30.69 -69.10
CA ASN F 67 -13.87 31.16 -70.24
C ASN F 67 -13.06 31.12 -71.53
N MET F 68 -12.24 30.09 -71.70
CA MET F 68 -11.32 30.01 -72.82
C MET F 68 -11.89 29.24 -74.01
N ALA F 69 -12.56 28.12 -73.76
CA ALA F 69 -13.04 27.28 -74.86
C ALA F 69 -14.30 27.88 -75.50
N ASP F 70 -14.73 27.25 -76.59
CA ASP F 70 -15.86 27.78 -77.36
C ASP F 70 -17.16 27.49 -76.62
N ARG F 71 -18.05 28.49 -76.59
CA ARG F 71 -19.35 28.33 -75.96
C ARG F 71 -20.40 27.75 -76.91
N SER F 72 -20.14 27.79 -78.21
CA SER F 72 -21.14 27.32 -79.18
C SER F 72 -21.06 25.82 -79.41
N LEU F 73 -19.91 25.20 -79.12
CA LEU F 73 -19.73 23.77 -79.31
C LEU F 73 -20.36 22.94 -78.19
N GLY F 74 -20.78 23.55 -77.09
CA GLY F 74 -21.38 22.83 -75.99
C GLY F 74 -20.37 22.03 -75.19
N LEU F 75 -19.18 22.60 -74.99
CA LEU F 75 -18.11 21.95 -74.26
C LEU F 75 -18.06 22.51 -72.84
N GLN F 76 -18.07 21.61 -71.85
CA GLN F 76 -17.94 22.04 -70.46
C GLN F 76 -16.46 22.26 -70.13
N GLN F 77 -16.18 23.37 -69.44
CA GLN F 77 -14.81 23.86 -69.31
C GLN F 77 -14.33 23.61 -67.88
N VAL F 78 -13.31 22.77 -67.75
CA VAL F 78 -12.80 22.35 -66.44
C VAL F 78 -11.36 22.86 -66.33
N VAL F 79 -11.03 23.45 -65.18
CA VAL F 79 -9.67 23.88 -64.88
C VAL F 79 -9.07 22.91 -63.87
N CYS F 80 -7.96 22.28 -64.27
CA CYS F 80 -7.23 21.34 -63.42
C CYS F 80 -6.01 22.06 -62.86
N ILE F 81 -6.12 22.51 -61.61
CA ILE F 81 -5.02 23.14 -60.90
C ILE F 81 -4.36 22.06 -60.04
N PHE F 82 -3.03 22.10 -59.95
CA PHE F 82 -2.33 21.05 -59.21
C PHE F 82 -1.03 21.55 -58.63
N SER F 83 -0.62 20.93 -57.52
CA SER F 83 0.69 21.21 -56.92
C SER F 83 1.10 20.01 -56.07
N TYR F 84 2.32 20.07 -55.55
CA TYR F 84 2.85 19.01 -54.71
C TYR F 84 3.68 19.62 -53.58
N GLY F 85 3.55 19.04 -52.39
CA GLY F 85 4.35 19.41 -51.25
C GLY F 85 4.12 20.82 -50.73
N PRO F 86 5.21 21.49 -50.33
CA PRO F 86 5.08 22.78 -49.64
C PRO F 86 4.67 23.93 -50.53
N HIS F 87 4.48 23.71 -51.84
CA HIS F 87 3.91 24.70 -52.73
C HIS F 87 2.39 24.73 -52.66
N ILE F 88 1.78 23.62 -52.20
CA ILE F 88 0.32 23.42 -52.22
C ILE F 88 -0.40 24.52 -51.45
N GLN F 89 0.18 24.96 -50.34
CA GLN F 89 -0.37 26.03 -49.50
C GLN F 89 -0.56 27.31 -50.30
N LYS F 90 0.45 27.68 -51.10
CA LYS F 90 0.32 28.84 -51.99
C LYS F 90 -0.78 28.61 -53.02
N MET F 91 -0.85 27.38 -53.55
CA MET F 91 -1.95 26.91 -54.38
C MET F 91 -3.30 27.20 -53.75
N LEU F 92 -3.41 26.91 -52.44
CA LEU F 92 -4.67 27.10 -51.73
C LEU F 92 -5.09 28.55 -51.72
N SER F 93 -4.13 29.46 -51.56
CA SER F 93 -4.41 30.89 -51.64
C SER F 93 -4.93 31.24 -53.03
N ILE F 94 -4.22 30.75 -54.06
CA ILE F 94 -4.61 31.02 -55.45
C ILE F 94 -5.88 30.26 -55.78
N LEU F 95 -6.20 29.23 -54.97
CA LEU F 95 -7.54 28.66 -55.05
C LEU F 95 -8.56 29.63 -54.48
N GLU F 96 -8.43 29.97 -53.19
CA GLU F 96 -9.59 30.44 -52.45
C GLU F 96 -9.88 31.91 -52.77
N ILE F 97 -8.83 32.69 -53.01
CA ILE F 97 -8.98 34.06 -53.49
C ILE F 97 -9.69 34.08 -54.84
N PHE F 98 -9.41 33.08 -55.68
CA PHE F 98 -10.14 32.91 -56.93
C PHE F 98 -11.62 32.65 -56.67
N LYS F 99 -11.91 31.83 -55.64
CA LYS F 99 -13.29 31.65 -55.20
C LYS F 99 -13.84 32.97 -54.66
N LYS F 100 -12.99 33.74 -53.97
CA LYS F 100 -13.38 35.07 -53.51
C LYS F 100 -13.59 36.01 -54.69
N GLY F 101 -12.94 35.72 -55.82
CA GLY F 101 -13.23 36.48 -57.01
C GLY F 101 -14.39 35.99 -57.82
N TYR F 102 -15.15 34.99 -57.34
CA TYR F 102 -16.19 34.40 -58.18
C TYR F 102 -17.56 34.33 -57.53
N ILE F 103 -17.64 34.16 -56.20
CA ILE F 103 -18.93 33.95 -55.56
C ILE F 103 -19.69 35.25 -55.32
N LYS F 104 -19.06 36.41 -55.54
CA LYS F 104 -19.74 37.68 -55.36
C LYS F 104 -20.69 38.00 -56.51
N ASN F 105 -20.51 37.35 -57.66
CA ASN F 105 -21.36 37.58 -58.83
C ASN F 105 -22.52 36.60 -58.91
N ASN F 106 -22.96 36.05 -57.77
CA ASN F 106 -24.11 35.16 -57.63
C ASN F 106 -23.96 33.90 -58.49
N LYS F 107 -22.75 33.35 -58.54
CA LYS F 107 -22.46 32.11 -59.23
C LYS F 107 -21.77 31.13 -58.28
N LYS F 108 -21.49 29.94 -58.79
CA LYS F 108 -21.02 28.83 -57.97
C LYS F 108 -19.84 28.13 -58.63
N ILE F 109 -18.90 27.64 -57.81
CA ILE F 109 -17.82 26.76 -58.25
C ILE F 109 -18.10 25.35 -57.74
N TYR F 110 -18.14 24.40 -58.67
CA TYR F 110 -18.16 22.98 -58.35
C TYR F 110 -16.73 22.47 -58.37
N GLN F 111 -16.34 21.78 -57.28
CA GLN F 111 -14.95 21.51 -56.97
C GLN F 111 -14.75 20.03 -56.66
N TRP F 112 -13.66 19.48 -57.19
CA TRP F 112 -13.27 18.10 -56.94
C TRP F 112 -11.82 18.07 -56.48
N ASN F 113 -11.56 17.35 -55.40
CA ASN F 113 -10.23 17.30 -54.78
C ASN F 113 -9.68 15.87 -54.85
N LYS F 114 -8.35 15.77 -54.97
CA LYS F 114 -7.67 14.48 -55.03
C LYS F 114 -6.31 14.60 -54.35
N LEU F 115 -6.00 13.61 -53.52
CA LEU F 115 -4.78 13.57 -52.73
C LEU F 115 -4.05 12.25 -52.97
N THR F 116 -2.84 12.33 -53.51
CA THR F 116 -1.96 11.19 -53.70
C THR F 116 -0.58 11.60 -53.22
N SER F 117 0.44 10.77 -53.48
CA SER F 117 1.75 11.05 -52.89
C SER F 117 2.88 10.45 -53.71
N PHE F 118 4.03 11.11 -53.63
CA PHE F 118 5.31 10.52 -53.99
C PHE F 118 5.95 9.89 -52.75
N ASP F 119 6.79 8.89 -52.98
CA ASP F 119 7.56 8.24 -51.92
C ASP F 119 9.04 8.41 -52.24
N ILE F 120 9.73 9.21 -51.44
CA ILE F 120 11.14 9.49 -51.68
C ILE F 120 11.98 8.76 -50.65
N LYS F 121 13.20 8.41 -51.06
CA LYS F 121 14.16 7.72 -50.21
C LYS F 121 15.27 8.68 -49.83
N ARG F 122 15.58 8.75 -48.53
CA ARG F 122 16.66 9.59 -48.03
C ARG F 122 17.51 8.79 -47.05
N GLU F 123 18.72 9.27 -46.82
CA GLU F 123 19.54 8.74 -45.74
C GLU F 123 19.08 9.35 -44.43
N GLY F 124 19.05 8.54 -43.38
CA GLY F 124 18.55 8.97 -42.09
C GLY F 124 19.65 9.56 -41.23
N ARG F 125 19.49 9.38 -39.91
CA ARG F 125 20.53 9.78 -38.97
C ARG F 125 21.74 8.85 -39.06
N ASN F 126 21.52 7.64 -39.54
CA ASN F 126 22.57 6.63 -39.66
C ASN F 126 22.65 6.15 -41.10
N GLU F 127 23.82 5.57 -41.44
CA GLU F 127 24.04 5.12 -42.81
C GLU F 127 23.26 3.85 -43.12
N LEU F 128 23.18 2.95 -42.13
CA LEU F 128 22.42 1.72 -42.33
C LEU F 128 20.92 1.92 -42.24
N GLN F 129 20.46 3.03 -41.68
CA GLN F 129 19.04 3.32 -41.55
C GLN F 129 18.60 4.26 -42.66
N GLU F 130 17.70 3.80 -43.53
CA GLU F 130 17.22 4.56 -44.66
C GLU F 130 15.78 4.99 -44.43
N GLU F 131 15.52 6.30 -44.57
CA GLU F 131 14.21 6.88 -44.30
C GLU F 131 13.38 6.96 -45.56
N ARG F 132 12.10 6.63 -45.42
CA ARG F 132 11.11 6.76 -46.49
C ARG F 132 10.22 7.95 -46.15
N LEU F 133 10.36 9.04 -46.90
CA LEU F 133 9.54 10.23 -46.71
C LEU F 133 8.46 10.25 -47.77
N LYS F 134 7.39 10.97 -47.50
CA LYS F 134 6.21 10.93 -48.35
C LYS F 134 5.73 12.36 -48.65
N VAL F 135 5.67 12.70 -49.93
CA VAL F 135 5.35 14.06 -50.38
C VAL F 135 3.92 14.09 -50.89
N PRO F 136 3.04 14.95 -50.34
CA PRO F 136 1.64 14.97 -50.78
C PRO F 136 1.40 15.76 -52.06
N ILE F 137 0.37 15.39 -52.81
CA ILE F 137 0.01 16.03 -54.07
C ILE F 137 -1.45 16.47 -54.00
N LEU F 138 -1.70 17.74 -54.29
CA LEU F 138 -3.09 18.22 -54.33
C LEU F 138 -3.47 18.47 -55.78
N VAL F 139 -4.55 17.82 -56.22
CA VAL F 139 -5.11 18.02 -57.55
C VAL F 139 -6.56 18.46 -57.39
N THR F 140 -6.89 19.65 -57.90
CA THR F 140 -8.22 20.19 -57.78
C THR F 140 -8.77 20.52 -59.17
N LEU F 141 -9.94 19.96 -59.48
CA LEU F 141 -10.65 20.25 -60.71
C LEU F 141 -11.84 21.13 -60.39
N VAL F 142 -11.85 22.34 -60.93
CA VAL F 142 -12.92 23.31 -60.70
C VAL F 142 -13.67 23.55 -61.99
N SER F 143 -14.97 23.77 -61.88
CA SER F 143 -15.80 24.03 -63.04
C SER F 143 -17.06 24.78 -62.60
N ASP F 144 -17.78 25.30 -63.59
CA ASP F 144 -19.08 25.93 -63.36
C ASP F 144 -20.24 24.97 -63.56
N SER F 145 -19.99 23.78 -64.11
CA SER F 145 -21.03 22.79 -64.32
C SER F 145 -21.06 21.82 -63.14
N GLU F 146 -22.25 21.28 -62.86
CA GLU F 146 -22.39 20.40 -61.70
C GLU F 146 -21.99 18.97 -62.03
N ILE F 147 -22.38 18.48 -63.20
CA ILE F 147 -22.13 17.09 -63.59
C ILE F 147 -21.13 17.07 -64.74
N ILE F 148 -20.00 16.40 -64.51
CA ILE F 148 -18.94 16.25 -65.51
C ILE F 148 -18.77 14.77 -65.81
N ASP F 149 -18.64 14.44 -67.09
CA ASP F 149 -18.57 13.04 -67.53
C ASP F 149 -17.19 12.41 -67.34
N LEU F 150 -16.25 13.09 -66.69
CA LEU F 150 -14.97 12.50 -66.36
C LEU F 150 -15.11 11.39 -65.33
N ASN F 151 -14.13 10.50 -65.29
CA ASN F 151 -14.10 9.42 -64.30
C ASN F 151 -13.62 10.00 -62.98
N LEU F 152 -14.58 10.55 -62.23
CA LEU F 152 -14.29 11.30 -61.01
C LEU F 152 -14.88 10.64 -59.77
N HIS F 153 -14.96 9.31 -59.79
CA HIS F 153 -15.50 8.58 -58.65
C HIS F 153 -14.53 8.56 -57.47
N SER F 154 -13.22 8.64 -57.74
CA SER F 154 -12.23 8.65 -56.67
C SER F 154 -11.99 10.04 -56.09
N PHE F 155 -12.68 11.06 -56.60
CA PHE F 155 -12.46 12.43 -56.11
C PHE F 155 -13.37 12.71 -54.92
N THR F 156 -13.43 13.99 -54.54
CA THR F 156 -14.26 14.45 -53.43
C THR F 156 -15.09 15.64 -53.90
N LYS F 157 -16.41 15.49 -53.88
CA LYS F 157 -17.30 16.56 -54.34
C LYS F 157 -17.34 17.69 -53.32
N GLN F 158 -17.12 18.91 -53.81
CA GLN F 158 -17.16 20.09 -52.96
C GLN F 158 -17.87 21.24 -53.67
N LYS G 13 6.90 46.97 -36.44
CA LYS G 13 5.61 47.14 -35.79
C LYS G 13 5.21 45.88 -35.03
N ARG G 14 4.78 46.06 -33.78
CA ARG G 14 4.38 44.94 -32.95
C ARG G 14 2.95 44.54 -33.25
N VAL G 15 2.71 43.25 -33.44
CA VAL G 15 1.39 42.72 -33.76
C VAL G 15 1.30 41.31 -33.17
N THR G 16 0.14 40.96 -32.64
CA THR G 16 -0.08 39.64 -32.04
C THR G 16 -1.30 39.00 -32.67
N LYS G 17 -1.38 37.68 -32.58
CA LYS G 17 -2.41 36.91 -33.25
C LYS G 17 -3.26 36.13 -32.25
N HIS G 18 -4.39 35.61 -32.76
CA HIS G 18 -5.33 34.82 -31.98
C HIS G 18 -5.74 33.59 -32.78
N PRO G 19 -6.16 32.49 -32.14
CA PRO G 19 -6.66 31.34 -32.92
C PRO G 19 -8.02 31.58 -33.54
N SER G 20 -8.55 30.56 -34.23
CA SER G 20 -9.70 30.73 -35.11
C SER G 20 -10.94 30.17 -34.44
N LEU G 21 -12.11 30.49 -35.03
CA LEU G 21 -13.39 30.01 -34.54
C LEU G 21 -13.53 28.52 -34.73
N LYS G 22 -14.04 27.84 -33.70
CA LYS G 22 -14.31 26.40 -33.73
C LYS G 22 -15.74 26.17 -33.24
N THR G 23 -16.70 26.26 -34.16
CA THR G 23 -18.10 26.04 -33.83
C THR G 23 -18.39 24.55 -33.82
N LEU G 24 -18.50 23.96 -32.64
CA LEU G 24 -18.60 22.52 -32.47
C LEU G 24 -19.72 22.14 -31.51
N THR G 25 -20.34 21.00 -31.80
CA THR G 25 -21.38 20.44 -30.95
C THR G 25 -20.77 19.39 -30.01
N HIS G 26 -21.64 18.61 -29.37
CA HIS G 26 -21.18 17.55 -28.46
C HIS G 26 -20.48 16.42 -29.21
N LYS G 27 -20.89 16.16 -30.46
CA LYS G 27 -20.36 15.02 -31.20
C LYS G 27 -19.22 15.42 -32.12
N GLN G 28 -19.07 16.71 -32.42
CA GLN G 28 -18.04 17.13 -33.37
C GLN G 28 -16.69 17.28 -32.68
N ILE G 29 -16.67 17.39 -31.36
CA ILE G 29 -15.43 17.69 -30.64
C ILE G 29 -14.57 16.44 -30.46
N HIS G 30 -15.19 15.27 -30.24
CA HIS G 30 -14.47 14.05 -29.95
C HIS G 30 -14.01 13.33 -31.22
N THR G 31 -14.43 13.80 -32.39
CA THR G 31 -14.03 13.20 -33.66
C THR G 31 -13.19 14.10 -34.54
N THR G 32 -12.64 15.19 -34.00
CA THR G 32 -11.90 16.16 -34.78
C THR G 32 -10.53 16.38 -34.17
N ILE G 33 -9.48 16.22 -34.98
CA ILE G 33 -8.12 16.55 -34.62
C ILE G 33 -7.72 17.82 -35.37
N PHE G 34 -7.06 18.74 -34.66
CA PHE G 34 -6.52 19.96 -35.23
C PHE G 34 -5.00 19.86 -35.23
N VAL G 35 -4.41 19.84 -36.42
CA VAL G 35 -2.98 19.54 -36.57
C VAL G 35 -2.17 20.83 -36.49
N LYS G 36 -1.24 20.86 -35.54
CA LYS G 36 -0.31 21.99 -35.41
C LYS G 36 0.92 21.77 -36.27
N SER G 37 1.79 22.78 -36.30
CA SER G 37 3.06 22.66 -37.00
C SER G 37 4.07 21.87 -36.17
N THR G 38 3.95 21.93 -34.85
CA THR G 38 4.89 21.23 -33.99
C THR G 38 4.39 19.82 -33.65
N THR G 39 3.26 19.42 -34.20
CA THR G 39 2.70 18.09 -33.95
C THR G 39 3.53 17.02 -34.65
N PRO G 40 3.98 15.99 -33.94
CA PRO G 40 4.68 14.89 -34.62
C PRO G 40 3.74 14.08 -35.50
N TYR G 41 4.35 13.41 -36.47
CA TYR G 41 3.59 12.65 -37.46
C TYR G 41 3.01 11.37 -36.84
N VAL G 42 3.85 10.62 -36.12
CA VAL G 42 3.42 9.35 -35.52
C VAL G 42 2.41 9.62 -34.41
N SER G 43 2.53 10.75 -33.71
CA SER G 43 1.54 11.15 -32.72
C SER G 43 0.19 11.44 -33.36
N ALA G 44 0.21 12.04 -34.55
CA ALA G 44 -1.04 12.30 -35.28
C ALA G 44 -1.66 10.99 -35.76
N LEU G 45 -0.84 10.04 -36.21
CA LEU G 45 -1.33 8.70 -36.56
C LEU G 45 -1.96 8.01 -35.36
N LYS G 46 -1.32 8.11 -34.19
CA LYS G 46 -1.86 7.49 -32.98
C LYS G 46 -3.17 8.13 -32.54
N ARG G 47 -3.28 9.45 -32.70
CA ARG G 47 -4.50 10.12 -32.26
C ARG G 47 -5.66 9.87 -33.21
N ILE G 48 -5.38 9.78 -34.52
CA ILE G 48 -6.47 9.45 -35.46
C ILE G 48 -6.85 7.98 -35.34
N ASN G 49 -5.90 7.11 -34.98
CA ASN G 49 -6.24 5.72 -34.69
C ASN G 49 -7.09 5.59 -33.43
N LYS G 50 -6.78 6.41 -32.41
CA LYS G 50 -7.61 6.42 -31.20
C LYS G 50 -9.00 6.99 -31.49
N PHE G 51 -9.07 7.97 -32.39
CA PHE G 51 -10.37 8.50 -32.78
C PHE G 51 -11.18 7.50 -33.61
N LEU G 52 -10.52 6.69 -34.43
CA LEU G 52 -11.22 5.63 -35.16
C LEU G 52 -11.64 4.51 -34.21
N ASP G 53 -10.90 4.31 -33.13
CA ASP G 53 -11.32 3.34 -32.11
C ASP G 53 -12.50 3.85 -31.28
N SER G 54 -12.55 5.17 -31.05
CA SER G 54 -13.60 5.72 -30.20
C SER G 54 -14.80 6.27 -30.97
N VAL G 55 -14.73 6.29 -32.31
CA VAL G 55 -15.83 6.84 -33.10
C VAL G 55 -17.02 5.88 -33.13
N HIS G 56 -16.80 4.59 -32.84
CA HIS G 56 -17.93 3.68 -32.70
C HIS G 56 -18.70 3.95 -31.42
N LYS G 57 -18.00 4.39 -30.38
CA LYS G 57 -18.68 4.83 -29.16
C LYS G 57 -19.31 6.20 -29.34
N GLN G 58 -18.66 7.08 -30.10
CA GLN G 58 -19.24 8.39 -30.39
C GLN G 58 -20.36 8.28 -31.40
N GLY G 59 -20.34 7.27 -32.25
CA GLY G 59 -21.43 7.00 -33.17
C GLY G 59 -21.58 7.98 -34.30
N SER G 60 -20.49 8.25 -35.02
CA SER G 60 -20.52 9.12 -36.18
C SER G 60 -19.74 8.48 -37.32
N SER G 61 -19.86 9.07 -38.50
CA SER G 61 -19.31 8.43 -39.70
C SER G 61 -17.81 8.65 -39.85
N TYR G 62 -17.34 9.89 -39.76
CA TYR G 62 -15.97 10.21 -40.11
C TYR G 62 -15.21 10.76 -38.90
N VAL G 63 -13.90 10.84 -39.08
CA VAL G 63 -12.99 11.56 -38.19
C VAL G 63 -12.44 12.74 -38.99
N ALA G 64 -12.57 13.94 -38.45
CA ALA G 64 -12.15 15.15 -39.16
C ALA G 64 -10.71 15.50 -38.78
N VAL G 65 -9.94 15.94 -39.77
CA VAL G 65 -8.55 16.37 -39.59
C VAL G 65 -8.45 17.77 -40.19
N LEU G 66 -8.29 18.79 -39.34
CA LEU G 66 -8.27 20.17 -39.81
C LEU G 66 -6.88 20.78 -39.62
N GLY G 67 -6.42 21.46 -40.65
CA GLY G 67 -5.15 22.17 -40.59
C GLY G 67 -5.20 23.47 -41.37
N MET G 68 -4.39 24.43 -40.94
CA MET G 68 -4.23 25.69 -41.65
C MET G 68 -2.75 26.08 -41.63
N GLY G 69 -2.29 26.63 -42.75
CA GLY G 69 -0.93 27.14 -42.83
C GLY G 69 0.12 26.03 -42.94
N LYS G 70 1.17 26.15 -42.12
CA LYS G 70 2.38 25.35 -42.25
C LYS G 70 2.12 23.87 -42.03
N ALA G 71 1.12 23.52 -41.23
CA ALA G 71 0.79 22.13 -40.98
C ALA G 71 0.10 21.44 -42.15
N VAL G 72 -0.47 22.22 -43.09
CA VAL G 72 -1.37 21.71 -44.14
C VAL G 72 -0.74 20.57 -44.92
N GLU G 73 0.53 20.78 -45.34
CA GLU G 73 1.30 19.77 -46.07
C GLU G 73 1.36 18.45 -45.31
N LYS G 74 1.79 18.49 -44.04
CA LYS G 74 1.90 17.24 -43.30
C LYS G 74 0.53 16.74 -42.90
N THR G 75 -0.46 17.66 -42.84
CA THR G 75 -1.85 17.26 -42.66
C THR G 75 -2.31 16.43 -43.85
N LEU G 76 -1.91 16.86 -45.06
CA LEU G 76 -2.20 16.07 -46.25
C LEU G 76 -1.44 14.76 -46.22
N ALA G 77 -0.27 14.74 -45.55
CA ALA G 77 0.49 13.49 -45.39
C ALA G 77 -0.31 12.48 -44.59
N LEU G 78 -1.14 12.95 -43.65
CA LEU G 78 -2.07 12.05 -42.95
C LEU G 78 -3.03 11.40 -43.93
N GLY G 79 -3.58 12.19 -44.85
CA GLY G 79 -4.42 11.62 -45.89
C GLY G 79 -3.64 10.81 -46.90
N CYS G 80 -2.31 10.96 -46.93
CA CYS G 80 -1.50 10.12 -47.79
C CYS G 80 -1.14 8.81 -47.10
N HIS G 81 -1.44 8.67 -45.80
CA HIS G 81 -1.05 7.45 -45.11
C HIS G 81 -2.22 6.48 -44.98
N PHE G 82 -3.38 7.00 -44.57
CA PHE G 82 -4.49 6.12 -44.21
C PHE G 82 -5.31 5.72 -45.43
N GLN G 83 -5.18 6.47 -46.53
CA GLN G 83 -5.90 6.12 -47.75
C GLN G 83 -5.31 4.89 -48.42
N ASP G 84 -3.97 4.81 -48.45
CA ASP G 84 -3.28 3.75 -49.19
C ASP G 84 -2.95 2.55 -48.30
N GLN G 85 -2.36 2.79 -47.13
CA GLN G 85 -1.86 1.70 -46.31
C GLN G 85 -2.93 1.05 -45.42
N LYS G 86 -4.07 1.71 -45.21
CA LYS G 86 -5.11 1.15 -44.36
C LYS G 86 -6.46 1.09 -45.06
N ASN G 87 -6.52 1.53 -46.32
CA ASN G 87 -7.70 1.47 -47.19
C ASN G 87 -8.90 2.22 -46.59
N LYS G 88 -8.66 3.49 -46.24
CA LYS G 88 -9.70 4.34 -45.70
C LYS G 88 -10.14 5.35 -46.76
N LYS G 89 -11.45 5.59 -46.82
CA LYS G 89 -12.03 6.56 -47.74
C LYS G 89 -11.94 7.94 -47.13
N ILE G 90 -11.23 8.85 -47.80
CA ILE G 90 -11.01 10.19 -47.29
C ILE G 90 -11.68 11.20 -48.21
N GLU G 91 -12.07 12.32 -47.62
CA GLU G 91 -12.64 13.47 -48.31
C GLU G 91 -11.81 14.71 -48.02
N VAL G 92 -11.48 15.46 -49.07
CA VAL G 92 -10.62 16.62 -48.95
C VAL G 92 -11.44 17.87 -49.28
N TYR G 93 -11.53 18.79 -48.33
CA TYR G 93 -12.24 20.05 -48.50
C TYR G 93 -11.30 21.21 -48.23
N THR G 94 -11.41 22.25 -49.05
CA THR G 94 -10.63 23.47 -48.89
C THR G 94 -11.53 24.57 -48.35
N LYS G 95 -11.16 25.13 -47.20
CA LYS G 95 -11.97 26.11 -46.51
C LYS G 95 -11.19 27.39 -46.28
N THR G 96 -11.90 28.45 -45.94
CA THR G 96 -11.30 29.72 -45.55
C THR G 96 -11.38 29.87 -44.04
N ILE G 97 -10.44 30.61 -43.47
CA ILE G 97 -10.32 30.80 -42.03
C ILE G 97 -10.09 32.28 -41.75
N GLU G 98 -10.96 32.86 -40.94
CA GLU G 98 -10.78 34.25 -40.51
C GLU G 98 -10.04 34.29 -39.18
N VAL G 99 -8.99 35.11 -39.13
CA VAL G 99 -8.15 35.24 -37.95
C VAL G 99 -8.08 36.72 -37.57
N LEU G 100 -8.41 37.03 -36.32
CA LEU G 100 -8.29 38.39 -35.81
C LEU G 100 -6.89 38.60 -35.23
N ASP G 101 -6.29 39.74 -35.58
CA ASP G 101 -4.96 40.08 -35.12
C ASP G 101 -5.01 41.45 -34.46
N GLU G 102 -4.37 41.57 -33.30
CA GLU G 102 -4.27 42.85 -32.62
C GLU G 102 -3.01 43.56 -33.03
N VAL G 103 -3.18 44.74 -33.63
CA VAL G 103 -2.08 45.52 -34.18
C VAL G 103 -2.06 46.88 -33.48
N ILE G 104 -0.89 47.51 -33.45
CA ILE G 104 -0.72 48.79 -32.77
C ILE G 104 -0.65 49.90 -33.80
N THR G 105 -1.50 50.91 -33.62
CA THR G 105 -1.57 52.07 -34.51
C THR G 105 -1.06 53.28 -33.72
N GLU G 106 0.00 53.92 -34.23
CA GLU G 106 0.59 55.08 -33.58
C GLU G 106 -0.31 56.30 -33.69
N GLY G 107 -0.60 56.94 -32.56
CA GLY G 107 -1.45 58.12 -32.54
C GLY G 107 -1.03 59.14 -31.50
N SER G 115 4.74 59.57 -23.83
CA SER G 115 5.46 58.89 -22.76
C SER G 115 6.05 57.58 -23.27
N ASP G 116 6.67 56.83 -22.35
CA ASP G 116 7.28 55.54 -22.66
C ASP G 116 6.46 54.48 -21.93
N VAL G 117 5.67 53.72 -22.69
CA VAL G 117 4.75 52.73 -22.13
C VAL G 117 5.31 51.36 -22.44
N GLU G 118 4.91 50.34 -21.68
CA GLU G 118 5.27 48.95 -21.94
C GLU G 118 4.72 48.52 -23.30
N ASP G 119 5.47 47.66 -23.98
CA ASP G 119 5.23 47.28 -25.37
C ASP G 119 3.91 46.54 -25.59
N ASP G 120 3.52 45.65 -24.67
CA ASP G 120 2.27 44.92 -24.84
C ASP G 120 1.05 45.77 -24.49
N ASP G 121 1.21 46.82 -23.69
CA ASP G 121 0.11 47.67 -23.26
C ASP G 121 0.07 48.92 -24.15
N LYS G 122 -0.35 48.72 -25.39
CA LYS G 122 -0.54 49.83 -26.33
C LYS G 122 -1.93 49.70 -26.94
N GLU G 123 -2.23 50.61 -27.87
CA GLU G 123 -3.54 50.63 -28.51
C GLU G 123 -3.72 49.42 -29.41
N THR G 124 -4.66 48.55 -29.03
CA THR G 124 -4.91 47.30 -29.75
C THR G 124 -6.09 47.52 -30.71
N GLN G 125 -5.84 47.30 -32.00
CA GLN G 125 -6.88 47.39 -33.03
C GLN G 125 -6.99 46.02 -33.71
N LEU G 126 -8.22 45.57 -33.91
CA LEU G 126 -8.49 44.27 -34.52
C LEU G 126 -8.44 44.38 -36.04
N LYS G 127 -7.75 43.44 -36.67
CA LYS G 127 -7.69 43.36 -38.13
C LYS G 127 -7.90 41.91 -38.55
N LYS G 128 -8.76 41.72 -39.55
CA LYS G 128 -9.03 40.38 -40.05
C LYS G 128 -7.98 39.94 -41.06
N ARG G 129 -7.77 38.64 -41.12
CA ARG G 129 -6.81 38.07 -42.06
C ARG G 129 -7.27 36.65 -42.42
N ALA G 130 -7.31 36.36 -43.71
CA ALA G 130 -7.85 35.10 -44.20
C ALA G 130 -6.72 34.14 -44.52
N VAL G 131 -6.87 32.89 -44.08
CA VAL G 131 -5.92 31.82 -44.37
C VAL G 131 -6.69 30.64 -44.94
N SER G 132 -6.20 30.10 -46.05
CA SER G 132 -6.79 28.92 -46.66
C SER G 132 -6.32 27.67 -45.91
N GLY G 133 -7.25 26.73 -45.68
CA GLY G 133 -6.94 25.54 -44.92
C GLY G 133 -7.62 24.30 -45.45
N VAL G 134 -7.23 23.14 -44.90
CA VAL G 134 -7.67 21.85 -45.41
C VAL G 134 -8.37 21.08 -44.30
N GLU G 135 -9.61 20.66 -44.58
CA GLU G 135 -10.32 19.67 -43.79
C GLU G 135 -10.22 18.33 -44.52
N LEU G 136 -9.99 17.26 -43.76
CA LEU G 136 -9.75 15.93 -44.32
C LEU G 136 -10.54 14.92 -43.48
N ARG G 137 -11.60 14.36 -44.06
CA ARG G 137 -12.47 13.44 -43.37
C ARG G 137 -12.03 12.01 -43.68
N ILE G 138 -11.94 11.17 -42.64
CA ILE G 138 -11.54 9.78 -42.80
C ILE G 138 -12.70 8.91 -42.35
N TYR G 139 -13.15 7.99 -43.22
CA TYR G 139 -14.22 7.07 -42.87
C TYR G 139 -13.67 5.85 -42.13
N VAL G 140 -14.58 5.05 -41.58
CA VAL G 140 -14.19 3.85 -40.86
C VAL G 140 -13.90 2.71 -41.84
N LYS H 3 32.87 -1.09 -8.94
CA LYS H 3 33.55 -1.13 -7.66
C LYS H 3 33.11 -2.35 -6.85
N LYS H 4 32.81 -3.44 -7.58
CA LYS H 4 32.38 -4.68 -6.94
C LYS H 4 33.18 -5.86 -7.45
N THR H 5 32.78 -7.07 -7.07
CA THR H 5 33.44 -8.30 -7.50
C THR H 5 32.40 -9.26 -8.06
N PHE H 6 32.59 -9.67 -9.31
CA PHE H 6 31.69 -10.59 -9.98
C PHE H 6 31.96 -11.99 -9.45
N ARG H 7 30.90 -12.71 -9.09
CA ARG H 7 31.01 -14.09 -8.63
C ARG H 7 31.41 -15.01 -9.77
N GLU H 8 32.57 -15.65 -9.68
CA GLU H 8 33.03 -16.53 -10.74
C GLU H 8 32.30 -17.86 -10.71
N TRP H 9 32.47 -18.62 -9.62
CA TRP H 9 31.68 -19.80 -9.34
C TRP H 9 31.61 -20.00 -7.84
N GLN H 10 31.15 -21.18 -7.45
CA GLN H 10 30.97 -21.55 -6.05
C GLN H 10 31.36 -23.02 -5.87
N TYR H 11 32.06 -23.30 -4.77
CA TYR H 11 32.42 -24.66 -4.40
C TYR H 11 31.24 -25.35 -3.73
N PHE H 12 31.24 -26.68 -3.83
CA PHE H 12 30.23 -27.53 -3.20
C PHE H 12 30.94 -28.76 -2.64
N LYS H 13 30.74 -28.99 -1.35
CA LYS H 13 31.40 -30.06 -0.61
C LYS H 13 30.46 -31.24 -0.45
N LEU H 14 30.73 -32.33 -1.17
CA LEU H 14 29.89 -33.51 -1.13
C LEU H 14 30.59 -34.60 -0.32
N SER H 15 29.79 -35.47 0.28
CA SER H 15 30.29 -36.64 0.98
C SER H 15 29.31 -37.77 0.76
N ILE H 16 29.70 -38.78 -0.01
CA ILE H 16 28.83 -39.90 -0.32
C ILE H 16 28.72 -40.80 0.90
N THR H 17 27.58 -40.72 1.60
CA THR H 17 27.32 -41.57 2.76
C THR H 17 26.75 -42.88 2.24
N SER H 18 27.51 -43.95 2.48
CA SER H 18 27.20 -45.28 1.95
C SER H 18 27.07 -46.25 3.13
N PHE H 19 25.89 -46.84 3.25
CA PHE H 19 25.64 -47.83 4.30
C PHE H 19 25.82 -49.23 3.76
N ASP H 20 25.39 -50.25 4.52
CA ASP H 20 25.55 -51.67 4.22
C ASP H 20 27.02 -52.01 4.04
N GLN H 21 27.77 -52.01 5.16
CA GLN H 21 29.23 -51.94 5.25
C GLN H 21 29.98 -52.91 4.32
N ASP H 22 29.36 -54.03 3.94
CA ASP H 22 29.91 -54.92 2.92
C ASP H 22 30.11 -54.22 1.59
N VAL H 23 29.15 -53.36 1.21
CA VAL H 23 29.28 -52.56 -0.01
C VAL H 23 30.38 -51.50 0.15
N ASP H 24 30.48 -50.90 1.34
CA ASP H 24 31.48 -49.85 1.57
C ASP H 24 32.89 -50.42 1.59
N ASP H 25 33.02 -51.70 1.97
CA ASP H 25 34.31 -52.36 1.97
C ASP H 25 34.65 -52.98 0.62
N ALA H 26 33.65 -53.45 -0.13
CA ALA H 26 33.93 -54.13 -1.39
C ALA H 26 34.07 -53.13 -2.55
N HIS H 27 33.04 -52.32 -2.77
CA HIS H 27 33.02 -51.42 -3.92
C HIS H 27 33.90 -50.19 -3.68
N ALA H 28 34.55 -49.74 -4.75
CA ALA H 28 35.45 -48.59 -4.72
C ALA H 28 35.14 -47.74 -5.95
N ILE H 29 34.61 -46.55 -5.71
CA ILE H 29 34.22 -45.66 -6.80
C ILE H 29 35.46 -44.99 -7.38
N ASP H 30 35.65 -45.16 -8.68
CA ASP H 30 36.72 -44.49 -9.43
C ASP H 30 36.19 -43.20 -10.06
N GLN H 31 37.08 -42.48 -10.74
CA GLN H 31 36.82 -41.09 -11.11
C GLN H 31 35.80 -40.98 -12.23
N MET H 32 35.77 -41.95 -13.14
CA MET H 32 34.82 -41.92 -14.25
C MET H 32 33.40 -42.18 -13.76
N THR H 33 33.27 -42.95 -12.67
CA THR H 33 31.96 -43.25 -12.10
C THR H 33 31.31 -42.00 -11.52
N TRP H 34 32.12 -41.08 -10.96
CA TRP H 34 31.63 -39.78 -10.49
C TRP H 34 30.97 -38.99 -11.62
N ARG H 35 31.66 -38.86 -12.74
CA ARG H 35 31.16 -38.08 -13.86
C ARG H 35 29.94 -38.74 -14.50
N GLN H 36 29.97 -40.08 -14.63
CA GLN H 36 28.83 -40.80 -15.20
C GLN H 36 27.61 -40.70 -14.32
N TRP H 37 27.78 -40.79 -13.00
CA TRP H 37 26.63 -40.70 -12.10
C TRP H 37 26.11 -39.27 -12.00
N LEU H 38 26.98 -38.26 -12.11
CA LEU H 38 26.49 -36.88 -12.07
C LEU H 38 25.77 -36.51 -13.36
N ASN H 39 26.24 -37.03 -14.51
CA ASN H 39 25.49 -36.83 -15.75
C ASN H 39 24.17 -37.60 -15.73
N ASN H 40 24.13 -38.77 -15.08
CA ASN H 40 22.88 -39.51 -14.97
C ASN H 40 21.90 -38.79 -14.03
N ALA H 41 22.43 -38.14 -12.99
CA ALA H 41 21.59 -37.40 -12.06
C ALA H 41 21.04 -36.13 -12.70
N LEU H 42 21.86 -35.46 -13.52
CA LEU H 42 21.38 -34.29 -14.24
C LEU H 42 20.54 -34.66 -15.45
N LYS H 43 20.58 -35.92 -15.88
CA LYS H 43 19.74 -36.40 -16.97
C LYS H 43 18.39 -36.93 -16.49
N ARG H 44 18.32 -37.41 -15.24
CA ARG H 44 17.05 -37.94 -14.75
C ARG H 44 16.08 -36.83 -14.40
N SER H 45 16.47 -35.91 -13.51
CA SER H 45 15.58 -34.85 -13.04
C SER H 45 15.56 -33.64 -13.97
N TYR H 46 16.64 -33.37 -14.68
CA TYR H 46 16.69 -32.27 -15.63
C TYR H 46 16.92 -32.84 -17.02
N GLY H 47 16.80 -31.97 -18.02
CA GLY H 47 16.95 -32.34 -19.41
C GLY H 47 18.32 -32.02 -19.96
N ILE H 48 18.33 -31.33 -21.11
CA ILE H 48 19.58 -31.01 -21.78
C ILE H 48 20.28 -29.83 -21.10
N PHE H 49 19.49 -28.82 -20.72
CA PHE H 49 20.05 -27.61 -20.12
C PHE H 49 20.59 -27.90 -18.71
N GLY H 50 19.94 -28.81 -17.98
CA GLY H 50 20.47 -29.20 -16.69
C GLY H 50 21.65 -30.13 -16.79
N GLU H 51 21.79 -30.84 -17.91
CA GLU H 51 22.99 -31.64 -18.16
C GLU H 51 24.15 -30.76 -18.60
N GLY H 52 23.88 -29.62 -19.22
CA GLY H 52 24.92 -28.72 -19.65
C GLY H 52 25.42 -27.73 -18.60
N VAL H 53 25.20 -28.06 -17.33
CA VAL H 53 25.78 -27.28 -16.24
C VAL H 53 27.27 -27.58 -16.17
N GLU H 54 28.09 -26.55 -16.19
CA GLU H 54 29.54 -26.72 -16.17
C GLU H 54 30.01 -27.07 -14.76
N TYR H 55 30.57 -28.27 -14.61
CA TYR H 55 31.17 -28.70 -13.35
C TYR H 55 32.41 -29.51 -13.67
N SER H 56 33.47 -29.28 -12.89
CA SER H 56 34.70 -30.04 -12.99
C SER H 56 35.00 -30.68 -11.64
N PHE H 57 35.96 -31.60 -11.64
CA PHE H 57 36.30 -32.37 -10.44
C PHE H 57 37.61 -31.87 -9.85
N LEU H 58 37.60 -31.65 -8.54
CA LEU H 58 38.76 -31.14 -7.81
C LEU H 58 38.87 -31.89 -6.50
N HIS H 59 40.05 -32.46 -6.24
CA HIS H 59 40.45 -33.05 -4.96
C HIS H 59 39.54 -34.22 -4.57
N VAL H 60 39.51 -35.21 -5.46
CA VAL H 60 38.66 -36.38 -5.28
C VAL H 60 39.33 -37.34 -4.30
N ASP H 61 38.60 -37.71 -3.25
CA ASP H 61 39.03 -38.70 -2.28
C ASP H 61 37.99 -39.81 -2.22
N ASP H 62 38.24 -40.79 -1.33
CA ASP H 62 37.41 -41.97 -1.24
C ASP H 62 36.00 -41.61 -0.76
N LYS H 63 35.08 -41.56 -1.73
CA LYS H 63 33.72 -41.05 -1.57
C LYS H 63 33.71 -39.64 -0.98
N LEU H 64 34.55 -38.77 -1.55
CA LEU H 64 34.63 -37.37 -1.14
C LEU H 64 34.92 -36.49 -2.34
N ALA H 65 34.16 -35.41 -2.52
CA ALA H 65 34.25 -34.64 -3.75
C ALA H 65 34.07 -33.15 -3.45
N TYR H 66 34.84 -32.33 -4.18
CA TYR H 66 34.65 -30.89 -4.25
C TYR H 66 34.27 -30.54 -5.69
N ILE H 67 33.12 -29.92 -5.87
CA ILE H 67 32.57 -29.64 -7.20
C ILE H 67 32.36 -28.14 -7.33
N ARG H 68 32.98 -27.54 -8.35
CA ARG H 68 32.76 -26.13 -8.65
C ARG H 68 31.64 -25.98 -9.68
N VAL H 69 30.66 -25.13 -9.34
CA VAL H 69 29.51 -24.86 -10.19
C VAL H 69 29.30 -23.35 -10.20
N ASN H 70 29.01 -22.82 -11.39
CA ASN H 70 28.77 -21.38 -11.61
C ASN H 70 27.65 -20.85 -10.71
N HIS H 71 27.74 -19.55 -10.39
CA HIS H 71 26.91 -18.97 -9.33
C HIS H 71 25.45 -18.88 -9.74
N ALA H 72 25.19 -18.42 -10.98
CA ALA H 72 23.84 -18.17 -11.45
C ALA H 72 22.99 -19.45 -11.56
N ASP H 73 23.62 -20.62 -11.55
CA ASP H 73 22.91 -21.89 -11.43
C ASP H 73 23.38 -22.67 -10.21
N LYS H 74 23.50 -22.01 -9.05
CA LYS H 74 23.98 -22.71 -7.85
C LYS H 74 22.94 -23.72 -7.34
N ASP H 75 21.69 -23.25 -7.10
CA ASP H 75 20.66 -24.12 -6.55
C ASP H 75 20.22 -25.16 -7.59
N THR H 76 20.29 -24.78 -8.87
CA THR H 76 20.11 -25.70 -9.99
C THR H 76 21.01 -26.93 -9.89
N PHE H 77 22.23 -26.76 -9.35
CA PHE H 77 23.03 -27.91 -8.98
C PHE H 77 22.52 -28.54 -7.70
N SER H 78 22.40 -27.74 -6.63
CA SER H 78 22.35 -28.30 -5.28
C SER H 78 20.96 -28.84 -4.94
N SER H 79 19.95 -28.55 -5.76
CA SER H 79 18.66 -29.20 -5.59
C SER H 79 18.67 -30.58 -6.23
N SER H 80 19.43 -30.76 -7.31
CA SER H 80 19.40 -32.03 -8.02
C SER H 80 20.22 -33.10 -7.31
N ILE H 81 21.30 -32.70 -6.63
CA ILE H 81 22.17 -33.64 -5.92
C ILE H 81 21.43 -34.28 -4.76
N SER H 82 20.59 -33.51 -4.08
CA SER H 82 19.70 -34.03 -3.06
C SER H 82 18.41 -34.61 -3.63
N THR H 83 18.29 -34.75 -4.96
CA THR H 83 17.07 -35.29 -5.54
C THR H 83 17.27 -36.74 -6.00
N TYR H 84 18.27 -36.97 -6.84
CA TYR H 84 18.44 -38.26 -7.49
C TYR H 84 19.09 -39.28 -6.55
N ILE H 85 18.66 -40.53 -6.69
CA ILE H 85 19.17 -41.65 -5.92
C ILE H 85 19.88 -42.59 -6.88
N SER H 86 21.08 -43.04 -6.50
CA SER H 86 21.86 -43.94 -7.35
C SER H 86 21.22 -45.31 -7.42
N THR H 87 21.09 -45.83 -8.64
CA THR H 87 20.55 -47.17 -8.85
C THR H 87 21.09 -47.76 -10.15
N ASP H 88 21.40 -49.06 -10.11
CA ASP H 88 21.75 -49.87 -11.28
C ASP H 88 23.00 -49.37 -12.00
N GLU H 89 23.96 -48.86 -11.24
CA GLU H 89 25.23 -48.39 -11.79
C GLU H 89 26.34 -49.03 -10.95
N LEU H 90 26.69 -50.29 -11.29
CA LEU H 90 27.80 -51.10 -10.77
C LEU H 90 27.80 -51.28 -9.25
N VAL H 91 26.74 -50.87 -8.54
CA VAL H 91 26.62 -51.03 -7.10
C VAL H 91 25.24 -51.58 -6.82
N GLY H 92 25.17 -52.65 -6.02
CA GLY H 92 23.89 -53.31 -5.79
C GLY H 92 22.95 -52.51 -4.90
N SER H 93 23.50 -51.67 -4.03
CA SER H 93 22.66 -50.91 -3.11
C SER H 93 22.66 -49.42 -3.47
N PRO H 94 21.56 -48.71 -3.20
CA PRO H 94 21.57 -47.24 -3.41
C PRO H 94 22.37 -46.53 -2.33
N LEU H 95 22.75 -45.28 -2.60
CA LEU H 95 23.62 -44.52 -1.73
C LEU H 95 22.95 -43.21 -1.35
N THR H 96 23.46 -42.57 -0.31
CA THR H 96 22.94 -41.27 0.14
C THR H 96 24.04 -40.23 -0.01
N VAL H 97 23.64 -38.96 -0.14
CA VAL H 97 24.57 -37.87 -0.37
C VAL H 97 24.37 -36.85 0.75
N SER H 98 25.47 -36.45 1.39
CA SER H 98 25.45 -35.39 2.39
C SER H 98 26.28 -34.21 1.87
N ILE H 99 25.61 -33.08 1.62
CA ILE H 99 26.31 -31.85 1.26
C ILE H 99 26.70 -31.15 2.56
N LEU H 100 28.00 -31.05 2.82
CA LEU H 100 28.44 -30.64 4.16
C LEU H 100 28.43 -29.12 4.31
N GLN H 101 29.16 -28.40 3.45
CA GLN H 101 29.15 -26.94 3.55
C GLN H 101 29.31 -26.29 2.18
N GLU H 102 28.82 -25.05 2.07
CA GLU H 102 28.94 -24.25 0.86
C GLU H 102 29.59 -22.91 1.18
N SER H 103 30.48 -22.48 0.30
CA SER H 103 31.17 -21.22 0.49
C SER H 103 31.55 -20.65 -0.88
N SER H 104 31.58 -19.31 -0.94
CA SER H 104 31.95 -18.63 -2.19
C SER H 104 33.22 -17.81 -2.02
N SER H 105 34.02 -18.09 -0.99
CA SER H 105 35.22 -17.31 -0.70
C SER H 105 36.46 -18.16 -0.45
N LEU H 106 36.50 -19.39 -0.99
CA LEU H 106 37.69 -20.24 -1.12
C LEU H 106 38.22 -20.77 0.23
N ARG H 107 37.63 -20.37 1.36
CA ARG H 107 38.22 -20.70 2.66
C ARG H 107 37.53 -21.87 3.34
N LEU H 108 38.02 -23.08 3.08
CA LEU H 108 37.57 -24.30 3.75
C LEU H 108 38.80 -25.03 4.29
N LEU H 109 38.62 -25.77 5.38
CA LEU H 109 39.75 -26.45 6.03
C LEU H 109 39.39 -27.92 6.22
N GLU H 110 39.90 -28.78 5.35
CA GLU H 110 39.59 -30.21 5.43
C GLU H 110 40.64 -30.99 6.20
N VAL H 111 41.87 -31.03 5.69
CA VAL H 111 43.01 -31.65 6.37
C VAL H 111 44.12 -30.62 6.18
N THR H 112 45.35 -30.92 6.62
CA THR H 112 46.52 -30.10 6.33
C THR H 112 47.19 -30.52 5.02
N ASP H 113 46.42 -31.10 4.10
CA ASP H 113 46.96 -31.57 2.82
C ASP H 113 47.41 -30.39 1.96
N ASP H 114 48.27 -30.70 0.98
CA ASP H 114 48.92 -29.68 0.17
C ASP H 114 48.25 -29.43 -1.17
N ASP H 115 47.21 -30.20 -1.52
CA ASP H 115 46.52 -29.98 -2.78
C ASP H 115 45.67 -28.71 -2.73
N ARG H 116 45.19 -28.35 -1.54
CA ARG H 116 44.34 -27.19 -1.38
C ARG H 116 45.13 -25.90 -1.59
N LEU H 117 46.40 -25.89 -1.16
CA LEU H 117 47.26 -24.74 -1.39
C LEU H 117 47.59 -24.59 -2.87
N TRP H 118 47.73 -25.72 -3.58
CA TRP H 118 47.96 -25.67 -5.02
C TRP H 118 46.73 -25.16 -5.75
N LEU H 119 45.54 -25.58 -5.33
CA LEU H 119 44.30 -25.05 -5.93
C LEU H 119 44.12 -23.57 -5.63
N LYS H 120 44.53 -23.14 -4.43
CA LYS H 120 44.47 -21.72 -4.09
C LYS H 120 45.45 -20.91 -4.93
N LYS H 121 46.62 -21.47 -5.22
CA LYS H 121 47.56 -20.77 -6.10
C LYS H 121 47.05 -20.70 -7.54
N VAL H 122 46.41 -21.77 -8.01
CA VAL H 122 45.80 -21.76 -9.35
C VAL H 122 44.68 -20.72 -9.43
N MET H 123 43.89 -20.59 -8.34
CA MET H 123 42.85 -19.57 -8.31
C MET H 123 43.43 -18.16 -8.23
N GLU H 124 44.53 -17.96 -7.50
CA GLU H 124 45.11 -16.63 -7.39
C GLU H 124 45.80 -16.21 -8.69
N GLU H 125 46.32 -17.18 -9.45
CA GLU H 125 46.90 -16.86 -10.76
C GLU H 125 45.83 -16.38 -11.75
N GLU H 126 44.58 -16.78 -11.54
CA GLU H 126 43.49 -16.25 -12.35
C GLU H 126 42.93 -14.95 -11.76
N GLU H 127 42.95 -14.81 -10.44
CA GLU H 127 42.44 -13.60 -9.80
C GLU H 127 43.35 -12.40 -10.08
N GLN H 128 44.66 -12.64 -10.21
CA GLN H 128 45.56 -11.55 -10.58
C GLN H 128 45.31 -11.09 -12.01
N ASP H 129 44.95 -12.02 -12.90
CA ASP H 129 44.61 -11.63 -14.27
C ASP H 129 43.25 -10.94 -14.33
N CYS H 130 42.33 -11.33 -13.42
CA CYS H 130 41.06 -10.62 -13.30
C CYS H 130 41.23 -9.19 -12.78
N LYS H 131 42.13 -8.98 -11.82
CA LYS H 131 42.33 -7.64 -11.26
C LYS H 131 43.13 -6.76 -12.20
N CYS H 132 44.17 -7.31 -12.84
CA CYS H 132 45.01 -6.50 -13.71
C CYS H 132 44.34 -6.26 -15.06
N ILE H 133 44.03 -7.33 -15.79
CA ILE H 133 43.39 -7.20 -17.09
C ILE H 133 41.89 -7.10 -16.92
N MET I 1 13.85 -2.91 -34.22
CA MET I 1 14.64 -3.32 -35.37
C MET I 1 15.79 -4.23 -34.94
N LEU I 2 15.99 -5.32 -35.67
CA LEU I 2 16.89 -6.39 -35.26
C LEU I 2 17.95 -6.65 -36.32
N VAL I 3 19.06 -7.26 -35.89
CA VAL I 3 20.17 -7.59 -36.77
C VAL I 3 20.45 -9.09 -36.65
N ASP I 4 20.36 -9.78 -37.77
CA ASP I 4 20.69 -11.21 -37.86
C ASP I 4 21.88 -11.35 -38.79
N LEU I 5 23.01 -11.82 -38.26
CA LEU I 5 24.32 -11.67 -38.90
C LEU I 5 25.07 -12.98 -39.02
N ASN I 6 24.37 -14.11 -39.10
CA ASN I 6 25.09 -15.37 -39.13
C ASN I 6 24.46 -16.39 -40.08
N VAL I 7 23.88 -15.93 -41.17
CA VAL I 7 23.26 -16.84 -42.15
C VAL I 7 24.33 -17.37 -43.10
N PRO I 8 24.55 -18.68 -43.14
CA PRO I 8 25.62 -19.20 -44.01
C PRO I 8 25.23 -19.29 -45.48
N TRP I 9 26.23 -19.13 -46.37
CA TRP I 9 26.16 -19.31 -47.82
C TRP I 9 26.46 -20.76 -48.18
N PRO I 10 25.59 -21.42 -48.95
CA PRO I 10 25.77 -22.87 -49.24
C PRO I 10 26.90 -23.17 -50.21
N GLN I 11 28.14 -22.92 -49.75
CA GLN I 11 29.36 -23.17 -50.50
C GLN I 11 30.52 -23.11 -49.50
N ASN I 12 31.50 -24.00 -49.69
CA ASN I 12 32.63 -24.06 -48.77
C ASN I 12 33.93 -23.79 -49.51
N SER I 13 34.03 -24.26 -50.76
CA SER I 13 35.23 -24.10 -51.57
C SER I 13 34.89 -23.37 -52.86
N TYR I 14 35.88 -22.67 -53.42
CA TYR I 14 35.64 -21.90 -54.64
C TYR I 14 35.53 -22.79 -55.86
N ALA I 15 36.03 -24.03 -55.79
CA ALA I 15 35.92 -24.95 -56.92
C ALA I 15 34.51 -25.48 -57.07
N ASP I 16 33.75 -25.57 -55.97
CA ASP I 16 32.39 -26.07 -56.02
C ASP I 16 31.45 -24.97 -56.50
N LYS I 17 30.63 -25.29 -57.50
CA LYS I 17 29.65 -24.36 -58.05
C LYS I 17 28.33 -24.53 -57.32
N VAL I 18 27.71 -23.41 -56.94
CA VAL I 18 26.45 -23.42 -56.22
C VAL I 18 25.33 -23.83 -57.17
N THR I 19 24.56 -24.85 -56.76
CA THR I 19 23.46 -25.32 -57.60
C THR I 19 22.27 -24.37 -57.53
N SER I 20 21.27 -24.66 -58.36
CA SER I 20 20.07 -23.81 -58.40
C SER I 20 19.17 -24.04 -57.19
N GLN I 21 19.29 -25.20 -56.55
CA GLN I 21 18.46 -25.48 -55.38
C GLN I 21 18.94 -24.71 -54.16
N ALA I 22 20.25 -24.47 -54.05
CA ALA I 22 20.80 -23.81 -52.87
C ALA I 22 20.46 -22.33 -52.85
N VAL I 23 20.43 -21.69 -54.02
CA VAL I 23 20.06 -20.28 -54.11
C VAL I 23 18.59 -20.10 -53.76
N ASN I 24 17.74 -21.01 -54.23
CA ASN I 24 16.32 -20.97 -53.90
C ASN I 24 16.08 -21.24 -52.42
N ASN I 25 16.87 -22.15 -51.83
CA ASN I 25 16.77 -22.43 -50.40
C ASN I 25 17.22 -21.24 -49.57
N LEU I 26 18.23 -20.51 -50.05
CA LEU I 26 18.69 -19.31 -49.35
C LEU I 26 17.64 -18.19 -49.44
N ILE I 27 17.00 -18.05 -50.60
CA ILE I 27 15.90 -17.09 -50.75
C ILE I 27 14.73 -17.47 -49.83
N LYS I 28 14.45 -18.77 -49.73
CA LYS I 28 13.43 -19.28 -48.80
C LYS I 28 13.75 -18.92 -47.34
N THR I 29 14.99 -19.15 -46.91
CA THR I 29 15.30 -18.94 -45.49
C THR I 29 15.44 -17.45 -45.18
N LEU I 30 15.82 -16.63 -46.14
CA LEU I 30 15.89 -15.19 -45.88
C LEU I 30 14.50 -14.56 -45.90
N SER I 31 13.59 -15.10 -46.74
CA SER I 31 12.20 -14.70 -46.67
C SER I 31 11.56 -15.17 -45.37
N THR I 32 12.01 -16.30 -44.82
CA THR I 32 11.53 -16.75 -43.52
C THR I 32 12.05 -15.86 -42.39
N LEU I 33 13.30 -15.39 -42.50
CA LEU I 33 13.82 -14.37 -41.59
C LEU I 33 13.01 -13.07 -41.64
N HIS I 34 12.64 -12.61 -42.83
CA HIS I 34 11.81 -11.41 -42.92
C HIS I 34 10.36 -11.66 -42.51
N MET I 35 9.91 -12.91 -42.58
CA MET I 35 8.53 -13.26 -42.23
C MET I 35 8.22 -13.02 -40.76
N LEU I 36 9.12 -13.44 -39.86
CA LEU I 36 8.92 -13.20 -38.44
C LEU I 36 9.16 -11.73 -38.10
N GLY I 37 9.98 -11.07 -38.91
CA GLY I 37 10.17 -9.63 -38.83
C GLY I 37 11.54 -9.24 -38.33
N TYR I 38 12.45 -8.98 -39.26
CA TYR I 38 13.82 -8.55 -39.02
C TYR I 38 14.11 -7.30 -39.83
N THR I 39 15.24 -6.67 -39.55
CA THR I 39 15.61 -5.45 -40.27
C THR I 39 16.92 -5.63 -41.03
N HIS I 40 17.97 -6.08 -40.35
CA HIS I 40 19.27 -6.26 -40.97
C HIS I 40 19.58 -7.74 -41.16
N ILE I 41 20.16 -8.04 -42.31
CA ILE I 41 20.61 -9.39 -42.65
C ILE I 41 22.05 -9.30 -43.14
N ALA I 42 22.95 -10.03 -42.48
CA ALA I 42 24.35 -10.11 -42.88
C ALA I 42 24.67 -11.58 -43.10
N ILE I 43 24.65 -12.01 -44.37
CA ILE I 43 24.87 -13.41 -44.70
C ILE I 43 26.35 -13.74 -44.64
N ASN I 44 26.68 -14.93 -44.15
CA ASN I 44 28.07 -15.31 -43.91
C ASN I 44 28.53 -16.34 -44.94
N PHE I 45 29.84 -16.41 -45.14
CA PHE I 45 30.47 -17.34 -46.06
C PHE I 45 31.75 -17.88 -45.42
N THR I 46 31.96 -19.19 -45.54
CA THR I 46 33.02 -19.87 -44.80
C THR I 46 34.18 -20.20 -45.73
N VAL I 47 35.40 -19.87 -45.28
CA VAL I 47 36.63 -20.23 -45.98
C VAL I 47 37.59 -20.87 -44.99
N ASN I 48 38.52 -21.69 -45.50
CA ASN I 48 39.56 -22.24 -44.65
C ASN I 48 40.81 -21.38 -44.73
N HIS I 49 41.63 -21.43 -43.67
CA HIS I 49 42.88 -20.68 -43.65
C HIS I 49 43.96 -21.40 -44.44
N SER I 50 43.77 -22.69 -44.70
CA SER I 50 44.70 -23.46 -45.52
C SER I 50 44.39 -23.27 -46.99
N GLU I 51 43.23 -22.67 -47.30
CA GLU I 51 42.85 -22.39 -48.68
C GLU I 51 43.67 -21.24 -49.22
N LYS I 52 44.06 -21.29 -50.50
CA LYS I 52 44.89 -20.27 -51.12
C LYS I 52 43.96 -19.15 -51.60
N PHE I 53 44.17 -17.94 -51.07
CA PHE I 53 43.38 -16.77 -51.40
C PHE I 53 43.64 -16.33 -52.83
N PRO I 54 42.60 -15.99 -53.59
CA PRO I 54 42.83 -15.53 -54.98
C PRO I 54 43.36 -14.11 -55.03
N ASN I 55 44.20 -13.84 -56.03
CA ASN I 55 44.76 -12.50 -56.24
C ASN I 55 43.88 -11.67 -57.17
N ASP I 56 42.64 -11.43 -56.76
CA ASP I 56 41.67 -10.68 -57.56
C ASP I 56 41.13 -9.51 -56.75
N VAL I 57 40.42 -8.62 -57.44
CA VAL I 57 39.85 -7.45 -56.80
C VAL I 57 38.32 -7.52 -56.78
N LYS I 58 37.70 -7.77 -57.92
CA LYS I 58 36.25 -7.85 -58.03
C LYS I 58 35.73 -9.28 -58.05
N LEU I 59 36.58 -10.26 -57.72
CA LEU I 59 36.18 -11.66 -57.69
C LEU I 59 36.39 -12.31 -56.33
N LEU I 60 36.71 -11.54 -55.29
CA LEU I 60 36.93 -12.07 -53.96
C LEU I 60 35.61 -12.53 -53.32
N ASN I 61 34.51 -11.94 -53.76
CA ASN I 61 33.20 -12.23 -53.18
C ASN I 61 32.28 -12.97 -54.15
N PRO I 62 32.08 -14.28 -54.00
CA PRO I 62 31.10 -14.98 -54.85
C PRO I 62 29.69 -14.94 -54.27
N ILE I 63 29.25 -13.75 -53.85
CA ILE I 63 27.94 -13.58 -53.23
C ILE I 63 26.98 -12.85 -54.14
N ASP I 64 27.44 -11.73 -54.72
CA ASP I 64 26.74 -10.96 -55.75
C ASP I 64 25.38 -10.45 -55.25
N ILE I 65 25.45 -9.53 -54.29
CA ILE I 65 24.28 -8.92 -53.66
C ILE I 65 23.54 -8.06 -54.68
N LYS I 66 24.30 -7.44 -55.58
CA LYS I 66 23.74 -6.47 -56.52
C LYS I 66 22.91 -7.09 -57.63
N ARG I 67 23.32 -8.24 -58.19
CA ARG I 67 22.61 -8.80 -59.33
C ARG I 67 21.51 -9.77 -58.92
N ARG I 68 21.71 -10.57 -57.88
CA ARG I 68 20.66 -11.48 -57.42
C ARG I 68 19.77 -10.83 -56.36
N PHE I 69 20.36 -10.39 -55.26
CA PHE I 69 19.59 -9.88 -54.14
C PHE I 69 19.18 -8.42 -54.31
N GLY I 70 19.62 -7.78 -55.39
CA GLY I 70 19.27 -6.38 -55.62
C GLY I 70 17.80 -6.18 -55.95
N GLU I 71 17.14 -7.21 -56.47
CA GLU I 71 15.70 -7.16 -56.69
C GLU I 71 14.93 -7.36 -55.40
N LEU I 72 15.36 -8.32 -54.57
CA LEU I 72 14.67 -8.59 -53.31
C LEU I 72 14.89 -7.46 -52.32
N MET I 73 16.00 -6.73 -52.46
CA MET I 73 16.27 -5.54 -51.65
C MET I 73 15.23 -4.46 -51.93
N ASP I 74 14.77 -4.36 -53.17
CA ASP I 74 13.78 -3.35 -53.53
C ASP I 74 12.37 -3.84 -53.25
N ARG I 75 12.11 -5.13 -53.46
CA ARG I 75 10.75 -5.65 -53.30
C ARG I 75 10.38 -5.86 -51.84
N THR I 76 11.24 -6.54 -51.09
CA THR I 76 10.90 -6.94 -49.72
C THR I 76 11.02 -5.78 -48.74
N GLY I 77 12.07 -4.96 -48.86
CA GLY I 77 12.29 -3.88 -47.92
C GLY I 77 13.29 -4.24 -46.83
N LEU I 78 14.44 -4.77 -47.24
CA LEU I 78 15.54 -5.09 -46.34
C LEU I 78 16.85 -4.76 -47.07
N LYS I 79 17.96 -5.21 -46.51
CA LYS I 79 19.27 -4.99 -47.11
C LYS I 79 20.21 -6.12 -46.68
N LEU I 80 21.30 -6.30 -47.42
CA LEU I 80 22.24 -7.40 -47.17
C LEU I 80 23.64 -6.83 -46.96
N TYR I 81 24.42 -7.51 -46.12
CA TYR I 81 25.85 -7.26 -45.98
C TYR I 81 26.61 -8.58 -46.08
N SER I 82 27.84 -8.49 -46.57
CA SER I 82 28.67 -9.67 -46.81
C SER I 82 29.75 -9.77 -45.72
N ARG I 83 29.95 -10.98 -45.20
CA ARG I 83 30.92 -11.18 -44.14
C ARG I 83 31.56 -12.56 -44.26
N ILE I 84 32.75 -12.70 -43.66
CA ILE I 84 33.58 -13.90 -43.77
C ILE I 84 33.98 -14.32 -42.36
N THR I 85 33.77 -15.60 -42.05
CA THR I 85 34.34 -16.21 -40.85
C THR I 85 35.58 -16.98 -41.30
N LEU I 86 36.65 -16.88 -40.49
CA LEU I 86 37.93 -17.48 -40.85
C LEU I 86 38.22 -18.72 -40.01
N ILE I 87 38.25 -19.89 -40.65
CA ILE I 87 38.51 -21.14 -39.95
C ILE I 87 40.04 -21.25 -39.84
N ILE I 88 40.58 -20.72 -38.74
CA ILE I 88 42.02 -20.64 -38.53
C ILE I 88 42.43 -21.58 -37.42
N ASP I 89 43.39 -22.46 -37.71
CA ASP I 89 43.94 -23.38 -36.72
C ASP I 89 45.43 -23.19 -36.50
N ASP I 90 46.22 -23.06 -37.58
CA ASP I 90 47.68 -22.97 -37.45
C ASP I 90 48.22 -21.77 -38.22
N PRO I 91 49.26 -21.10 -37.71
CA PRO I 91 49.83 -19.96 -38.43
C PRO I 91 50.69 -20.37 -39.63
N SER I 92 50.04 -20.71 -40.74
CA SER I 92 50.72 -21.10 -41.98
C SER I 92 49.77 -20.79 -43.13
N LYS I 93 50.34 -20.30 -44.25
CA LYS I 93 49.62 -19.93 -45.48
C LYS I 93 48.55 -18.88 -45.21
N GLY I 94 48.96 -17.68 -44.82
CA GLY I 94 48.03 -16.68 -44.34
C GLY I 94 48.64 -15.29 -44.20
N GLN I 95 48.37 -14.66 -43.05
CA GLN I 95 48.72 -13.29 -42.66
C GLN I 95 48.46 -12.26 -43.77
N SER I 96 47.22 -12.23 -44.26
CA SER I 96 46.80 -11.24 -45.25
C SER I 96 45.44 -10.68 -44.85
N LEU I 97 45.41 -9.39 -44.49
CA LEU I 97 44.19 -8.78 -43.95
C LEU I 97 43.86 -7.47 -44.68
N SER I 98 44.83 -6.92 -45.40
CA SER I 98 44.64 -5.61 -46.04
C SER I 98 43.76 -5.70 -47.28
N LYS I 99 43.53 -6.89 -47.82
CA LYS I 99 42.76 -7.06 -49.04
C LYS I 99 41.39 -7.68 -48.77
N ILE I 100 41.28 -8.57 -47.79
CA ILE I 100 40.01 -9.25 -47.54
C ILE I 100 39.07 -8.35 -46.74
N SER I 101 39.62 -7.35 -46.05
CA SER I 101 38.79 -6.45 -45.25
C SER I 101 38.17 -5.36 -46.10
N GLN I 102 38.76 -5.07 -47.26
CA GLN I 102 38.24 -4.02 -48.11
C GLN I 102 37.06 -4.49 -48.95
N ALA I 103 37.10 -5.74 -49.42
CA ALA I 103 36.02 -6.29 -50.24
C ALA I 103 34.79 -6.59 -49.38
N PHE I 104 34.97 -7.43 -48.37
CA PHE I 104 33.87 -7.79 -47.47
C PHE I 104 33.69 -6.70 -46.42
N ASP I 105 32.65 -6.86 -45.60
CA ASP I 105 32.29 -5.85 -44.61
C ASP I 105 32.73 -6.21 -43.20
N ILE I 106 32.34 -7.39 -42.71
CA ILE I 106 32.63 -7.84 -41.37
C ILE I 106 33.57 -9.03 -41.45
N VAL I 107 34.62 -9.03 -40.64
CA VAL I 107 35.63 -10.08 -40.65
C VAL I 107 35.52 -10.84 -39.33
N ALA I 108 35.19 -12.12 -39.40
CA ALA I 108 35.09 -13.00 -38.23
C ALA I 108 36.12 -14.13 -38.35
N ALA I 109 36.25 -14.89 -37.26
CA ALA I 109 37.23 -15.97 -37.20
C ALA I 109 36.64 -17.16 -36.44
N LEU I 110 37.19 -18.34 -36.70
CA LEU I 110 36.77 -19.58 -36.02
C LEU I 110 38.02 -20.30 -35.51
N PRO I 111 38.48 -19.97 -34.30
CA PRO I 111 39.62 -20.72 -33.72
C PRO I 111 39.17 -22.01 -33.05
N ILE I 112 39.90 -23.10 -33.30
CA ILE I 112 39.57 -24.39 -32.70
C ILE I 112 40.83 -24.86 -31.98
N SER I 113 41.88 -24.04 -32.04
CA SER I 113 43.20 -24.40 -31.55
C SER I 113 43.55 -23.55 -30.33
N GLU I 114 44.48 -24.07 -29.51
CA GLU I 114 44.91 -23.33 -28.33
C GLU I 114 45.77 -22.12 -28.72
N LYS I 115 46.74 -22.35 -29.62
CA LYS I 115 47.52 -21.23 -30.14
C LYS I 115 46.72 -20.38 -31.11
N GLY I 116 45.66 -20.95 -31.69
CA GLY I 116 44.82 -20.19 -32.59
C GLY I 116 44.05 -19.08 -31.88
N LEU I 117 43.62 -19.35 -30.63
CA LEU I 117 42.95 -18.33 -29.84
C LEU I 117 43.90 -17.19 -29.49
N THR I 118 45.15 -17.52 -29.16
CA THR I 118 46.16 -16.51 -28.88
C THR I 118 46.51 -15.67 -30.12
N LEU I 119 46.66 -16.30 -31.29
CA LEU I 119 46.97 -15.52 -32.48
C LEU I 119 45.75 -14.77 -33.00
N SER I 120 44.55 -15.17 -32.59
CA SER I 120 43.35 -14.40 -32.92
C SER I 120 43.23 -13.17 -32.03
N THR I 121 43.55 -13.32 -30.74
CA THR I 121 43.49 -12.18 -29.83
C THR I 121 44.69 -11.25 -30.00
N THR I 122 45.78 -11.75 -30.60
CA THR I 122 46.98 -10.94 -30.73
C THR I 122 47.03 -10.12 -32.02
N ASN I 123 47.01 -10.79 -33.17
CA ASN I 123 47.32 -10.12 -34.44
C ASN I 123 46.23 -10.34 -35.48
N LEU I 124 44.97 -10.16 -35.08
CA LEU I 124 43.83 -10.16 -36.00
C LEU I 124 42.89 -9.03 -35.60
N ASP I 125 42.83 -7.99 -36.42
CA ASP I 125 41.91 -6.88 -36.22
C ASP I 125 40.55 -7.24 -36.83
N ILE I 126 39.86 -8.15 -36.14
CA ILE I 126 38.60 -8.72 -36.59
C ILE I 126 37.45 -8.13 -35.77
N ASP I 127 36.23 -8.48 -36.16
CA ASP I 127 35.05 -7.93 -35.50
C ASP I 127 34.51 -8.88 -34.44
N LEU I 128 34.28 -10.14 -34.82
CA LEU I 128 33.65 -11.10 -33.92
C LEU I 128 34.48 -12.39 -33.88
N LEU I 129 34.46 -13.05 -32.72
CA LEU I 129 35.03 -14.38 -32.57
C LEU I 129 33.91 -15.40 -32.49
N THR I 130 34.01 -16.46 -33.28
CA THR I 130 33.07 -17.56 -33.28
C THR I 130 33.78 -18.84 -32.85
N PHE I 131 33.13 -19.61 -31.98
CA PHE I 131 33.61 -20.92 -31.58
C PHE I 131 32.72 -21.98 -32.19
N GLN I 132 33.24 -23.20 -32.34
CA GLN I 132 32.45 -24.30 -32.85
C GLN I 132 31.51 -24.83 -31.78
N TYR I 133 30.25 -24.36 -31.79
CA TYR I 133 29.28 -24.84 -30.81
C TYR I 133 28.79 -26.24 -31.16
N GLY I 134 28.95 -26.63 -32.42
CA GLY I 134 28.62 -27.98 -32.85
C GLY I 134 29.54 -29.03 -32.28
N SER I 135 30.85 -28.86 -32.48
CA SER I 135 31.81 -29.81 -31.94
C SER I 135 32.21 -29.40 -30.52
N ARG I 136 33.21 -30.10 -29.99
CA ARG I 136 33.58 -29.95 -28.59
C ARG I 136 34.38 -28.68 -28.36
N LEU I 137 34.50 -28.31 -27.08
CA LEU I 137 35.26 -27.14 -26.70
C LEU I 137 36.76 -27.43 -26.86
N PRO I 138 37.56 -26.46 -27.40
CA PRO I 138 38.96 -26.77 -27.75
C PRO I 138 39.87 -27.17 -26.60
N THR I 139 40.19 -26.25 -25.68
CA THR I 139 40.88 -26.67 -24.46
C THR I 139 40.12 -26.29 -23.19
N PHE I 140 40.01 -24.98 -22.95
CA PHE I 140 39.42 -24.43 -21.72
C PHE I 140 39.32 -22.92 -21.92
N LEU I 141 38.15 -22.34 -21.63
CA LEU I 141 38.04 -20.89 -21.67
C LEU I 141 38.50 -20.27 -20.36
N LYS I 142 39.26 -19.19 -20.46
CA LYS I 142 39.78 -18.48 -19.30
C LYS I 142 39.43 -17.01 -19.40
N HIS I 143 39.60 -16.29 -18.30
CA HIS I 143 39.32 -14.84 -18.29
C HIS I 143 40.47 -14.07 -18.92
N LYS I 144 41.67 -14.67 -18.93
CA LYS I 144 42.88 -13.99 -19.39
C LYS I 144 42.87 -13.71 -20.89
N SER I 145 42.40 -14.66 -21.70
CA SER I 145 42.38 -14.46 -23.15
C SER I 145 41.11 -13.73 -23.60
N ILE I 146 40.05 -13.80 -22.80
CA ILE I 146 38.78 -13.18 -23.18
C ILE I 146 38.77 -11.70 -22.80
N CYS I 147 39.24 -11.36 -21.60
CA CYS I 147 39.12 -9.99 -21.10
C CYS I 147 40.06 -9.05 -21.84
N SER I 148 41.19 -9.58 -22.33
CA SER I 148 42.09 -8.76 -23.15
C SER I 148 41.55 -8.54 -24.55
N CYS I 149 40.59 -9.36 -25.00
CA CYS I 149 40.08 -9.26 -26.36
C CYS I 149 38.74 -8.52 -26.42
N VAL I 150 37.91 -8.64 -25.39
CA VAL I 150 36.63 -7.94 -25.36
C VAL I 150 36.85 -6.44 -25.10
N ASN I 151 37.81 -6.12 -24.23
CA ASN I 151 38.14 -4.73 -23.94
C ASN I 151 38.78 -4.02 -25.12
N ARG I 152 39.35 -4.77 -26.08
CA ARG I 152 39.86 -4.16 -27.31
C ARG I 152 38.72 -3.74 -28.23
N GLY I 153 37.65 -4.55 -28.27
CA GLY I 153 36.50 -4.20 -29.07
C GLY I 153 35.87 -5.38 -29.77
N VAL I 154 36.56 -6.52 -29.77
CA VAL I 154 36.09 -7.73 -30.45
C VAL I 154 35.03 -8.40 -29.59
N LYS I 155 33.90 -8.78 -30.19
CA LYS I 155 32.75 -9.33 -29.48
C LYS I 155 32.78 -10.85 -29.64
N LEU I 156 32.08 -11.54 -28.74
CA LEU I 156 31.97 -13.00 -28.80
C LEU I 156 30.57 -13.39 -29.25
N GLU I 157 30.48 -14.36 -30.15
CA GLU I 157 29.24 -14.63 -30.87
C GLU I 157 28.70 -16.02 -30.53
N ILE I 158 27.39 -16.08 -30.28
CA ILE I 158 26.68 -17.31 -29.96
C ILE I 158 25.68 -17.61 -31.07
N VAL I 159 25.73 -18.84 -31.58
CA VAL I 159 24.96 -19.25 -32.75
C VAL I 159 23.78 -20.09 -32.27
N TYR I 160 22.61 -19.46 -32.16
CA TYR I 160 21.44 -20.20 -31.71
C TYR I 160 20.78 -21.02 -32.82
N GLY I 161 21.31 -20.99 -34.04
CA GLY I 161 20.79 -21.81 -35.11
C GLY I 161 21.41 -23.19 -35.18
N TYR I 162 22.55 -23.36 -34.50
CA TYR I 162 23.25 -24.65 -34.50
C TYR I 162 22.61 -25.63 -33.50
N ALA I 163 21.72 -25.12 -32.64
CA ALA I 163 21.07 -25.95 -31.64
C ALA I 163 19.94 -26.80 -32.19
N LEU I 164 19.36 -26.40 -33.33
CA LEU I 164 18.23 -27.12 -33.89
C LEU I 164 18.66 -28.12 -34.95
N ARG I 165 19.89 -28.61 -34.85
CA ARG I 165 20.41 -29.56 -35.83
C ARG I 165 20.19 -31.01 -35.39
N ASP I 166 20.74 -31.40 -34.24
CA ASP I 166 20.66 -32.77 -33.76
C ASP I 166 20.21 -32.76 -32.31
N VAL I 167 20.10 -33.95 -31.74
CA VAL I 167 19.69 -34.12 -30.34
C VAL I 167 20.94 -34.16 -29.47
N GLN I 168 21.96 -34.91 -29.90
CA GLN I 168 23.19 -35.05 -29.12
C GLN I 168 24.01 -33.76 -29.14
N ALA I 169 23.87 -32.95 -30.18
CA ALA I 169 24.64 -31.72 -30.29
C ALA I 169 24.14 -30.65 -29.33
N ARG I 170 22.92 -30.79 -28.82
CA ARG I 170 22.34 -29.78 -27.93
C ARG I 170 23.08 -29.71 -26.60
N ARG I 171 23.54 -30.86 -26.10
CA ARG I 171 24.26 -30.92 -24.83
C ARG I 171 25.61 -30.19 -24.95
N GLN I 172 26.34 -30.44 -26.03
CA GLN I 172 27.62 -29.76 -26.25
C GLN I 172 27.40 -28.29 -26.56
N PHE I 173 26.27 -27.95 -27.19
CA PHE I 173 25.89 -26.55 -27.42
C PHE I 173 25.70 -25.80 -26.10
N VAL I 174 24.94 -26.39 -25.18
CA VAL I 174 24.70 -25.75 -23.88
C VAL I 174 25.98 -25.67 -23.08
N SER I 175 26.82 -26.71 -23.14
CA SER I 175 28.09 -26.71 -22.43
C SER I 175 29.06 -25.66 -22.98
N ASN I 176 28.99 -25.39 -24.29
CA ASN I 176 29.84 -24.35 -24.87
C ASN I 176 29.30 -22.96 -24.55
N VAL I 177 27.98 -22.78 -24.65
CA VAL I 177 27.38 -21.45 -24.52
C VAL I 177 27.45 -20.97 -23.07
N ARG I 178 27.22 -21.87 -22.11
CA ARG I 178 27.33 -21.47 -20.71
C ARG I 178 28.77 -21.19 -20.31
N SER I 179 29.74 -21.86 -20.94
CA SER I 179 31.14 -21.54 -20.76
C SER I 179 31.49 -20.15 -21.30
N VAL I 180 30.97 -19.83 -22.50
CA VAL I 180 31.13 -18.50 -23.07
C VAL I 180 30.48 -17.44 -22.19
N ILE I 181 29.34 -17.74 -21.59
CA ILE I 181 28.64 -16.79 -20.71
C ILE I 181 29.43 -16.56 -19.42
N ARG I 182 29.95 -17.62 -18.80
CA ARG I 182 30.71 -17.41 -17.56
C ARG I 182 32.08 -16.81 -17.82
N SER I 183 32.62 -16.94 -19.03
CA SER I 183 33.93 -16.36 -19.30
C SER I 183 33.84 -14.95 -19.89
N SER I 184 32.68 -14.59 -20.42
CA SER I 184 32.52 -13.35 -21.18
C SER I 184 32.24 -12.13 -20.31
N ARG I 185 31.96 -12.32 -19.02
CA ARG I 185 31.51 -11.31 -18.05
C ARG I 185 30.23 -10.60 -18.50
N SER I 186 29.37 -11.26 -19.28
CA SER I 186 28.05 -10.81 -19.70
C SER I 186 28.05 -9.47 -20.42
N ARG I 187 29.10 -9.18 -21.19
CA ARG I 187 29.18 -7.89 -21.88
C ARG I 187 29.21 -8.04 -23.39
N GLY I 188 30.23 -8.72 -23.92
CA GLY I 188 30.42 -8.82 -25.35
C GLY I 188 29.81 -10.06 -25.99
N ILE I 189 28.49 -10.17 -25.94
CA ILE I 189 27.78 -11.36 -26.44
C ILE I 189 26.84 -10.90 -27.55
N VAL I 190 27.18 -11.25 -28.79
CA VAL I 190 26.32 -11.00 -29.95
C VAL I 190 25.81 -12.36 -30.41
N ILE I 191 24.50 -12.47 -30.65
CA ILE I 191 23.92 -13.74 -31.03
C ILE I 191 23.43 -13.69 -32.47
N GLY I 192 23.49 -14.83 -33.17
CA GLY I 192 23.09 -14.91 -34.55
C GLY I 192 22.49 -16.25 -34.89
N SER I 193 21.75 -16.28 -35.99
CA SER I 193 21.00 -17.46 -36.42
C SER I 193 21.75 -18.16 -37.54
N GLY I 194 22.32 -19.32 -37.22
CA GLY I 194 23.00 -20.14 -38.20
C GLY I 194 22.09 -21.17 -38.83
N ALA I 195 21.07 -20.71 -39.55
CA ALA I 195 20.10 -21.61 -40.17
C ALA I 195 20.45 -21.81 -41.64
N MET I 196 20.35 -23.06 -42.11
CA MET I 196 20.58 -23.38 -43.51
C MET I 196 19.26 -23.68 -44.19
N SER I 197 18.23 -23.94 -43.39
CA SER I 197 16.90 -24.28 -43.87
C SER I 197 15.89 -23.30 -43.30
N PRO I 198 14.76 -23.05 -43.97
CA PRO I 198 13.72 -22.19 -43.39
C PRO I 198 12.95 -22.78 -42.22
N LEU I 199 13.19 -24.04 -41.86
CA LEU I 199 12.53 -24.68 -40.74
C LEU I 199 13.20 -24.39 -39.40
N GLU I 200 14.26 -23.58 -39.38
CA GLU I 200 15.08 -23.37 -38.19
C GLU I 200 15.19 -21.90 -37.81
N CYS I 201 14.19 -21.10 -38.13
CA CYS I 201 14.18 -19.69 -37.79
C CYS I 201 13.19 -19.42 -36.65
N ARG I 202 13.65 -18.61 -35.68
CA ARG I 202 12.85 -18.31 -34.51
C ARG I 202 12.77 -16.79 -34.34
N ASN I 203 11.87 -16.36 -33.47
CA ASN I 203 11.55 -14.94 -33.27
C ASN I 203 12.25 -14.46 -32.01
N ILE I 204 12.14 -13.16 -31.73
CA ILE I 204 12.92 -12.52 -30.66
C ILE I 204 12.48 -13.02 -29.28
N LEU I 205 11.20 -13.40 -29.15
CA LEU I 205 10.66 -13.74 -27.84
C LEU I 205 11.18 -15.09 -27.36
N GLY I 206 11.31 -16.05 -28.28
CA GLY I 206 11.90 -17.34 -27.92
C GLY I 206 13.41 -17.32 -27.77
N VAL I 207 14.10 -16.56 -28.63
CA VAL I 207 15.56 -16.51 -28.58
C VAL I 207 16.02 -15.73 -27.34
N THR I 208 15.31 -14.65 -26.99
CA THR I 208 15.61 -13.91 -25.76
C THR I 208 15.41 -14.78 -24.53
N SER I 209 14.37 -15.62 -24.54
CA SER I 209 14.13 -16.57 -23.46
C SER I 209 15.23 -17.63 -23.40
N LEU I 210 15.69 -18.07 -24.57
CA LEU I 210 16.80 -19.03 -24.64
C LEU I 210 18.07 -18.48 -24.03
N ILE I 211 18.47 -17.27 -24.44
CA ILE I 211 19.72 -16.67 -23.95
C ILE I 211 19.55 -16.25 -22.49
N LYS I 212 18.31 -15.98 -22.08
CA LYS I 212 18.06 -15.66 -20.68
C LYS I 212 18.20 -16.88 -19.78
N ASN I 213 17.72 -18.04 -20.25
CA ASN I 213 17.81 -19.23 -19.40
C ASN I 213 19.20 -19.87 -19.51
N LEU I 214 19.95 -19.55 -20.57
CA LEU I 214 21.32 -20.04 -20.66
C LEU I 214 22.29 -19.27 -19.76
N GLY I 215 21.91 -18.07 -19.34
CA GLY I 215 22.70 -17.39 -18.32
C GLY I 215 23.00 -15.91 -18.52
N LEU I 216 22.44 -15.29 -19.56
CA LEU I 216 22.64 -13.87 -19.79
C LEU I 216 21.42 -13.10 -19.32
N PRO I 217 21.56 -11.98 -18.59
CA PRO I 217 20.38 -11.22 -18.16
C PRO I 217 19.62 -10.56 -19.31
N SER I 218 18.38 -10.12 -19.04
CA SER I 218 17.50 -9.56 -20.05
C SER I 218 17.92 -8.16 -20.48
N ASP I 219 18.58 -7.42 -19.59
CA ASP I 219 19.13 -6.11 -19.97
C ASP I 219 20.27 -6.26 -20.96
N ARG I 220 21.24 -7.13 -20.64
CA ARG I 220 22.44 -7.26 -21.46
C ARG I 220 22.12 -7.86 -22.82
N CYS I 221 21.16 -8.79 -22.88
CA CYS I 221 20.79 -9.46 -24.13
C CYS I 221 20.16 -8.50 -25.13
N SER I 222 19.11 -7.78 -24.71
CA SER I 222 18.43 -6.85 -25.61
C SER I 222 19.31 -5.64 -25.93
N LYS I 223 20.06 -5.16 -24.92
CA LYS I 223 21.00 -4.07 -25.12
C LYS I 223 22.09 -4.44 -26.11
N ALA I 224 22.56 -5.69 -26.07
CA ALA I 224 23.53 -6.21 -27.01
C ALA I 224 22.95 -6.29 -28.41
N MET I 225 21.79 -6.96 -28.54
CA MET I 225 21.14 -7.19 -29.83
C MET I 225 20.81 -5.89 -30.56
N GLY I 226 20.48 -4.84 -29.82
CA GLY I 226 20.37 -3.56 -30.48
C GLY I 226 21.72 -2.89 -30.71
N ASP I 227 22.35 -2.47 -29.61
CA ASP I 227 23.43 -1.50 -29.64
C ASP I 227 24.72 -2.11 -30.18
N LEU I 228 25.12 -3.28 -29.68
CA LEU I 228 26.43 -3.82 -30.03
C LEU I 228 26.42 -4.36 -31.45
N ALA I 229 25.29 -4.91 -31.88
CA ALA I 229 25.10 -5.39 -33.24
C ALA I 229 25.12 -4.23 -34.24
N SER I 230 24.33 -3.18 -33.97
CA SER I 230 24.36 -2.04 -34.88
C SER I 230 25.63 -1.20 -34.75
N LEU I 231 26.42 -1.41 -33.70
CA LEU I 231 27.72 -0.75 -33.58
C LEU I 231 28.78 -1.49 -34.36
N VAL I 232 28.74 -2.83 -34.35
CA VAL I 232 29.74 -3.58 -35.11
C VAL I 232 29.40 -3.54 -36.61
N LEU I 233 28.13 -3.34 -36.95
CA LEU I 233 27.78 -3.05 -38.36
C LEU I 233 28.40 -1.74 -38.83
N LEU I 234 28.32 -0.68 -38.03
CA LEU I 234 28.97 0.57 -38.41
C LEU I 234 30.49 0.49 -38.30
N ASN I 235 31.00 -0.41 -37.46
CA ASN I 235 32.45 -0.66 -37.41
C ASN I 235 32.93 -1.23 -38.73
N GLY I 236 32.22 -2.25 -39.25
CA GLY I 236 32.54 -2.77 -40.56
C GLY I 236 32.32 -1.76 -41.68
N ARG I 237 31.27 -0.93 -41.54
CA ARG I 237 30.96 0.05 -42.59
C ARG I 237 32.00 1.18 -42.62
N LEU I 238 32.55 1.54 -41.46
CA LEU I 238 33.59 2.57 -41.44
C LEU I 238 34.96 2.00 -41.75
N ARG I 239 35.15 0.70 -41.55
CA ARG I 239 36.36 0.07 -42.09
C ARG I 239 36.28 -0.05 -43.60
N ASN I 240 35.07 -0.14 -44.16
CA ASN I 240 34.91 -0.10 -45.61
C ASN I 240 35.10 1.30 -46.17
N LYS I 241 34.37 2.28 -45.63
CA LYS I 241 34.31 3.61 -46.21
C LYS I 241 35.53 4.47 -45.87
N SER I 242 35.96 4.48 -44.60
CA SER I 242 37.11 5.27 -44.21
C SER I 242 38.39 4.43 -44.24
N MET J 1 19.00 -26.98 16.24
CA MET J 1 18.15 -28.15 16.46
C MET J 1 17.25 -28.41 15.25
N LEU J 2 17.09 -29.68 14.89
CA LEU J 2 16.37 -30.09 13.70
C LEU J 2 15.31 -31.13 14.06
N VAL J 3 14.12 -30.98 13.48
CA VAL J 3 12.99 -31.86 13.76
C VAL J 3 12.56 -32.53 12.47
N ASP J 4 12.51 -33.86 12.48
CA ASP J 4 12.01 -34.65 11.37
C ASP J 4 10.80 -35.43 11.86
N LEU J 5 9.61 -34.95 11.51
CA LEU J 5 8.37 -35.36 12.19
C LEU J 5 7.41 -36.12 11.27
N ASN J 6 7.94 -36.79 10.24
CA ASN J 6 7.04 -37.59 9.42
C ASN J 6 7.69 -38.89 8.94
N VAL J 7 8.36 -39.59 9.85
CA VAL J 7 8.91 -40.91 9.53
C VAL J 7 7.80 -41.94 9.65
N PRO J 8 7.44 -42.64 8.58
CA PRO J 8 6.31 -43.58 8.67
C PRO J 8 6.67 -44.91 9.31
N TRP J 9 5.67 -45.58 9.95
CA TRP J 9 5.70 -46.90 10.56
C TRP J 9 5.16 -47.94 9.57
N PRO J 10 5.87 -49.06 9.37
CA PRO J 10 5.48 -50.04 8.34
C PRO J 10 4.27 -50.89 8.72
N GLN J 11 3.11 -50.22 8.84
CA GLN J 11 1.84 -50.85 9.19
C GLN J 11 0.73 -49.86 8.85
N ASN J 12 -0.38 -50.37 8.33
CA ASN J 12 -1.49 -49.52 7.94
C ASN J 12 -2.76 -49.91 8.68
N SER J 13 -2.92 -51.20 8.95
CA SER J 13 -4.12 -51.73 9.60
C SER J 13 -3.72 -52.46 10.88
N TYR J 14 -4.64 -52.51 11.85
CA TYR J 14 -4.35 -53.15 13.13
C TYR J 14 -4.31 -54.67 13.02
N ALA J 15 -4.90 -55.23 11.96
CA ALA J 15 -4.87 -56.68 11.78
C ALA J 15 -3.49 -57.16 11.34
N ASP J 16 -2.73 -56.31 10.66
CA ASP J 16 -1.40 -56.69 10.20
C ASP J 16 -0.41 -56.64 11.36
N LYS J 17 0.61 -57.49 11.28
CA LYS J 17 1.65 -57.59 12.29
C LYS J 17 2.98 -57.22 11.66
N VAL J 18 3.73 -56.35 12.34
CA VAL J 18 5.01 -55.89 11.79
C VAL J 18 6.08 -56.95 12.03
N THR J 19 6.79 -57.30 10.96
CA THR J 19 7.89 -58.25 11.05
C THR J 19 9.12 -57.58 11.65
N SER J 20 10.11 -58.40 12.01
CA SER J 20 11.31 -57.88 12.67
C SER J 20 12.24 -57.18 11.69
N GLN J 21 12.10 -57.47 10.39
CA GLN J 21 12.96 -56.86 9.38
C GLN J 21 12.65 -55.37 9.24
N ALA J 22 11.37 -55.01 9.29
CA ALA J 22 10.98 -53.59 9.20
C ALA J 22 11.40 -52.84 10.45
N VAL J 23 11.38 -53.52 11.61
CA VAL J 23 11.80 -52.90 12.86
C VAL J 23 13.32 -52.65 12.84
N ASN J 24 14.07 -53.62 12.33
CA ASN J 24 15.52 -53.45 12.18
C ASN J 24 15.83 -52.38 11.14
N ASN J 25 14.99 -52.27 10.11
CA ASN J 25 15.17 -51.23 9.10
C ASN J 25 14.92 -49.85 9.69
N LEU J 26 13.93 -49.74 10.59
CA LEU J 26 13.67 -48.47 11.27
C LEU J 26 14.79 -48.13 12.24
N ILE J 27 15.38 -49.14 12.88
CA ILE J 27 16.55 -48.93 13.74
C ILE J 27 17.74 -48.42 12.90
N LYS J 28 17.93 -48.98 11.71
CA LYS J 28 19.02 -48.53 10.85
C LYS J 28 18.78 -47.12 10.32
N THR J 29 17.54 -46.76 10.02
CA THR J 29 17.31 -45.39 9.53
C THR J 29 17.35 -44.38 10.68
N LEU J 30 17.06 -44.79 11.92
CA LEU J 30 17.27 -43.88 13.04
C LEU J 30 18.76 -43.70 13.32
N SER J 31 19.55 -44.76 13.15
CA SER J 31 21.00 -44.61 13.22
C SER J 31 21.54 -43.74 12.08
N THR J 32 20.89 -43.80 10.91
CA THR J 32 21.24 -42.91 9.80
C THR J 32 20.97 -41.45 10.14
N LEU J 33 19.79 -41.16 10.70
CA LEU J 33 19.47 -39.78 11.08
C LEU J 33 20.32 -39.31 12.27
N HIS J 34 20.84 -40.25 13.07
CA HIS J 34 21.77 -39.85 14.12
C HIS J 34 23.19 -39.68 13.59
N MET J 35 23.51 -40.32 12.46
CA MET J 35 24.90 -40.32 11.97
C MET J 35 25.34 -38.95 11.46
N LEU J 36 24.63 -38.37 10.50
CA LEU J 36 25.06 -37.09 9.95
C LEU J 36 24.66 -35.96 10.90
N GLY J 37 23.36 -35.82 11.20
CA GLY J 37 22.93 -35.05 12.34
C GLY J 37 21.50 -34.60 12.29
N TYR J 38 20.78 -34.77 13.39
CA TYR J 38 19.41 -34.33 13.64
C TYR J 38 19.19 -34.29 15.14
N THR J 39 18.08 -33.68 15.57
CA THR J 39 17.85 -33.50 16.99
C THR J 39 16.57 -34.17 17.45
N HIS J 40 15.48 -34.02 16.69
CA HIS J 40 14.19 -34.60 17.05
C HIS J 40 13.62 -35.43 15.90
N ILE J 41 12.99 -36.53 16.29
CA ILE J 41 12.31 -37.44 15.36
C ILE J 41 10.95 -37.76 15.94
N ALA J 42 9.90 -37.56 15.16
CA ALA J 42 8.53 -37.92 15.54
C ALA J 42 8.01 -38.90 14.49
N ILE J 43 7.96 -40.19 14.83
CA ILE J 43 7.58 -41.22 13.88
C ILE J 43 6.07 -41.24 13.69
N ASN J 44 5.63 -41.47 12.45
CA ASN J 44 4.22 -41.32 12.10
C ASN J 44 3.58 -42.68 11.85
N PHE J 45 2.28 -42.75 12.05
CA PHE J 45 1.48 -43.96 11.83
C PHE J 45 0.14 -43.57 11.22
N THR J 46 -0.33 -44.38 10.28
CA THR J 46 -1.49 -44.04 9.46
C THR J 46 -2.67 -44.94 9.79
N VAL J 47 -3.84 -44.32 10.02
CA VAL J 47 -5.10 -45.05 10.14
C VAL J 47 -6.13 -44.37 9.25
N ASN J 48 -7.16 -45.12 8.87
CA ASN J 48 -8.25 -44.58 8.08
C ASN J 48 -9.41 -44.15 8.97
N HIS J 49 -10.40 -43.52 8.35
CA HIS J 49 -11.60 -43.08 9.07
C HIS J 49 -12.67 -44.16 9.13
N SER J 50 -12.75 -45.01 8.10
CA SER J 50 -13.76 -46.06 8.04
C SER J 50 -13.33 -47.37 8.68
N GLU J 51 -12.15 -47.41 9.29
CA GLU J 51 -11.70 -48.62 9.97
C GLU J 51 -12.39 -48.77 11.32
N LYS J 52 -12.23 -49.95 11.92
CA LYS J 52 -12.82 -50.27 13.21
C LYS J 52 -11.76 -50.02 14.28
N PHE J 53 -11.91 -48.92 15.00
CA PHE J 53 -10.98 -48.53 16.05
C PHE J 53 -11.14 -49.45 17.27
N PRO J 54 -10.04 -49.95 17.84
CA PRO J 54 -10.15 -50.82 19.01
C PRO J 54 -10.50 -50.06 20.28
N ASN J 55 -11.34 -50.68 21.12
CA ASN J 55 -11.74 -50.09 22.39
C ASN J 55 -10.77 -50.45 23.51
N ASP J 56 -9.50 -50.09 23.34
CA ASP J 56 -8.46 -50.40 24.30
C ASP J 56 -7.79 -49.12 24.80
N VAL J 57 -6.94 -49.26 25.80
CA VAL J 57 -6.23 -48.13 26.38
C VAL J 57 -4.73 -48.27 26.13
N LYS J 58 -4.18 -49.44 26.45
CA LYS J 58 -2.75 -49.70 26.32
C LYS J 58 -2.40 -50.46 25.04
N LEU J 59 -3.36 -50.61 24.13
CA LEU J 59 -3.13 -51.30 22.86
C LEU J 59 -3.40 -50.44 21.64
N LEU J 60 -3.68 -49.15 21.82
CA LEU J 60 -3.92 -48.24 20.71
C LEU J 60 -2.63 -47.92 19.97
N ASN J 61 -1.51 -47.98 20.69
CA ASN J 61 -0.23 -47.59 20.12
C ASN J 61 0.72 -48.79 19.95
N PRO J 62 0.94 -49.26 18.71
CA PRO J 62 2.00 -50.27 18.50
C PRO J 62 3.35 -49.63 18.25
N ILE J 63 3.75 -48.71 19.13
CA ILE J 63 4.96 -47.93 18.90
C ILE J 63 6.10 -48.48 19.76
N ASP J 64 5.83 -48.68 21.05
CA ASP J 64 6.76 -49.29 22.02
C ASP J 64 8.07 -48.50 22.15
N ILE J 65 7.97 -47.27 22.64
CA ILE J 65 9.12 -46.40 22.83
C ILE J 65 9.99 -46.95 23.96
N LYS J 66 9.36 -47.58 24.95
CA LYS J 66 10.01 -47.99 26.18
C LYS J 66 10.91 -49.21 26.00
N ARG J 67 10.44 -50.26 25.33
CA ARG J 67 11.16 -51.53 25.34
C ARG J 67 12.23 -51.62 24.25
N ARG J 68 11.96 -51.11 23.04
CA ARG J 68 12.93 -51.22 21.97
C ARG J 68 13.64 -49.88 21.71
N PHE J 69 12.88 -48.79 21.68
CA PHE J 69 13.51 -47.48 21.45
C PHE J 69 14.12 -46.94 22.72
N GLY J 70 13.69 -47.42 23.89
CA GLY J 70 14.40 -47.11 25.12
C GLY J 70 15.78 -47.75 25.17
N GLU J 71 15.93 -48.90 24.51
CA GLU J 71 17.26 -49.51 24.37
C GLU J 71 18.06 -48.83 23.27
N LEU J 72 17.38 -48.35 22.22
CA LEU J 72 18.08 -47.63 21.16
C LEU J 72 18.51 -46.23 21.62
N MET J 73 17.83 -45.67 22.61
CA MET J 73 18.09 -44.29 23.05
C MET J 73 19.44 -44.16 23.75
N ASP J 74 19.85 -45.18 24.50
CA ASP J 74 21.08 -45.08 25.29
C ASP J 74 22.31 -45.09 24.40
N ARG J 75 22.24 -45.80 23.27
CA ARG J 75 23.33 -45.75 22.31
C ARG J 75 23.12 -44.61 21.30
N THR J 76 21.89 -44.09 21.23
CA THR J 76 21.60 -43.02 20.29
C THR J 76 21.75 -41.64 20.91
N GLY J 77 20.98 -41.36 21.96
CA GLY J 77 21.01 -40.02 22.56
C GLY J 77 20.00 -39.07 21.95
N LEU J 78 18.91 -39.58 21.41
CA LEU J 78 17.83 -38.79 20.85
C LEU J 78 16.51 -39.22 21.50
N LYS J 79 15.39 -38.79 20.91
CA LYS J 79 14.08 -39.09 21.44
C LYS J 79 13.11 -39.33 20.30
N LEU J 80 12.03 -40.04 20.56
CA LEU J 80 11.00 -40.34 19.56
C LEU J 80 9.63 -39.92 20.10
N TYR J 81 8.79 -39.40 19.20
CA TYR J 81 7.39 -39.13 19.49
C TYR J 81 6.50 -39.94 18.55
N SER J 82 5.33 -40.32 19.06
CA SER J 82 4.36 -41.09 18.29
C SER J 82 3.21 -40.20 17.86
N ARG J 83 2.85 -40.26 16.58
CA ARG J 83 1.84 -39.37 16.03
C ARG J 83 0.97 -40.10 15.02
N ILE J 84 -0.24 -39.58 14.82
CA ILE J 84 -1.24 -40.17 13.94
C ILE J 84 -1.69 -39.12 12.94
N THR J 85 -1.67 -39.47 11.66
CA THR J 85 -2.30 -38.67 10.61
C THR J 85 -3.65 -39.32 10.29
N LEU J 86 -4.71 -38.52 10.39
CA LEU J 86 -6.07 -39.03 10.21
C LEU J 86 -6.50 -38.96 8.76
N ILE J 87 -6.71 -40.13 8.14
CA ILE J 87 -7.13 -40.19 6.73
C ILE J 87 -8.65 -40.09 6.75
N ILE J 88 -9.15 -38.86 6.70
CA ILE J 88 -10.59 -38.59 6.76
C ILE J 88 -11.05 -38.04 5.43
N ASP J 89 -12.06 -38.67 4.84
CA ASP J 89 -12.65 -38.23 3.59
C ASP J 89 -14.11 -37.85 3.71
N ASP J 90 -14.91 -38.65 4.42
CA ASP J 90 -16.34 -38.37 4.54
C ASP J 90 -16.74 -38.31 6.02
N PRO J 91 -17.73 -37.48 6.37
CA PRO J 91 -18.19 -37.45 7.78
C PRO J 91 -18.99 -38.69 8.15
N SER J 92 -18.29 -39.78 8.43
CA SER J 92 -18.93 -41.05 8.77
C SER J 92 -19.20 -41.13 10.27
N LYS J 93 -19.59 -42.31 10.74
CA LYS J 93 -19.92 -42.54 12.14
C LYS J 93 -18.69 -42.59 13.05
N GLY J 94 -17.51 -42.77 12.49
CA GLY J 94 -16.31 -42.93 13.29
C GLY J 94 -15.78 -41.64 13.89
N GLN J 95 -15.90 -41.52 15.21
CA GLN J 95 -15.33 -40.39 15.94
C GLN J 95 -14.87 -40.80 17.33
N SER J 96 -13.56 -41.03 17.47
CA SER J 96 -12.97 -41.42 18.75
C SER J 96 -11.69 -40.64 19.00
N LEU J 97 -11.74 -39.32 18.81
CA LEU J 97 -10.54 -38.51 18.95
C LEU J 97 -10.11 -38.34 20.39
N SER J 98 -11.05 -38.52 21.34
CA SER J 98 -10.73 -38.29 22.75
C SER J 98 -9.81 -39.37 23.32
N LYS J 99 -9.72 -40.52 22.66
CA LYS J 99 -8.82 -41.60 23.08
C LYS J 99 -7.57 -41.66 22.22
N ILE J 100 -7.73 -41.49 20.89
CA ILE J 100 -6.60 -41.56 19.97
C ILE J 100 -5.69 -40.35 20.16
N SER J 101 -6.29 -39.20 20.49
CA SER J 101 -5.50 -38.00 20.76
C SER J 101 -4.71 -38.13 22.05
N GLN J 102 -5.40 -38.54 23.13
CA GLN J 102 -4.74 -38.61 24.44
C GLN J 102 -3.77 -39.78 24.54
N ALA J 103 -3.91 -40.78 23.68
CA ALA J 103 -2.98 -41.91 23.65
C ALA J 103 -1.65 -41.49 23.03
N PHE J 104 -1.71 -40.70 21.96
CA PHE J 104 -0.51 -40.31 21.22
C PHE J 104 -0.08 -38.90 21.58
N ASP J 105 0.93 -38.41 20.86
CA ASP J 105 1.53 -37.12 21.17
C ASP J 105 1.04 -36.02 20.23
N ILE J 106 1.10 -36.25 18.92
CA ILE J 106 0.74 -35.26 17.92
C ILE J 106 -0.40 -35.84 17.07
N VAL J 107 -1.40 -35.01 16.78
CA VAL J 107 -2.58 -35.41 16.02
C VAL J 107 -2.55 -34.67 14.69
N ALA J 108 -2.50 -35.40 13.58
CA ALA J 108 -2.52 -34.84 12.25
C ALA J 108 -3.73 -35.35 11.47
N ALA J 109 -3.89 -34.83 10.25
CA ALA J 109 -5.01 -35.18 9.39
C ALA J 109 -4.54 -35.30 7.96
N LEU J 110 -5.25 -36.10 7.16
CA LEU J 110 -4.96 -36.28 5.74
C LEU J 110 -6.29 -36.22 4.99
N PRO J 111 -6.76 -35.01 4.66
CA PRO J 111 -8.07 -34.89 3.99
C PRO J 111 -8.00 -35.19 2.50
N ILE J 112 -9.13 -35.63 1.92
CA ILE J 112 -9.18 -35.98 0.51
C ILE J 112 -10.28 -35.16 -0.15
N SER J 113 -11.30 -34.78 0.63
CA SER J 113 -12.52 -34.21 0.08
C SER J 113 -12.68 -32.75 0.49
N GLU J 114 -13.84 -32.18 0.12
CA GLU J 114 -14.11 -30.75 0.31
C GLU J 114 -14.51 -30.45 1.74
N LYS J 115 -15.58 -31.10 2.22
CA LYS J 115 -16.19 -30.79 3.51
C LYS J 115 -15.30 -31.24 4.67
N GLY J 116 -14.55 -32.32 4.48
CA GLY J 116 -13.62 -32.82 5.48
C GLY J 116 -12.52 -31.83 5.78
N LEU J 117 -12.01 -31.17 4.73
CA LEU J 117 -10.99 -30.14 4.90
C LEU J 117 -11.53 -28.94 5.68
N THR J 118 -12.81 -28.62 5.50
CA THR J 118 -13.42 -27.54 6.25
C THR J 118 -13.65 -27.91 7.71
N LEU J 119 -14.16 -29.12 7.97
CA LEU J 119 -14.48 -29.51 9.34
C LEU J 119 -13.23 -29.89 10.12
N SER J 120 -12.12 -30.15 9.42
CA SER J 120 -10.85 -30.39 10.10
C SER J 120 -10.28 -29.08 10.64
N THR J 121 -10.31 -28.02 9.83
CA THR J 121 -9.82 -26.71 10.27
C THR J 121 -10.79 -26.07 11.24
N THR J 122 -12.08 -26.39 11.11
CA THR J 122 -13.10 -25.74 11.94
C THR J 122 -13.22 -26.37 13.32
N ASN J 123 -13.50 -27.67 13.40
CA ASN J 123 -13.90 -28.30 14.65
C ASN J 123 -12.86 -29.30 15.14
N LEU J 124 -12.19 -30.03 14.24
CA LEU J 124 -11.28 -31.10 14.66
C LEU J 124 -9.99 -30.55 15.26
N ASP J 125 -9.70 -30.92 16.50
CA ASP J 125 -8.51 -30.48 17.21
C ASP J 125 -7.33 -31.36 16.80
N ILE J 126 -6.52 -30.85 15.86
CA ILE J 126 -5.34 -31.53 15.35
C ILE J 126 -4.15 -30.61 15.54
N ASP J 127 -2.98 -31.04 15.04
CA ASP J 127 -1.79 -30.22 15.15
C ASP J 127 -1.27 -29.81 13.77
N LEU J 128 -1.27 -30.74 12.81
CA LEU J 128 -0.75 -30.47 11.49
C LEU J 128 -1.74 -30.91 10.42
N LEU J 129 -1.71 -30.23 9.28
CA LEU J 129 -2.47 -30.64 8.10
C LEU J 129 -1.51 -31.17 7.04
N THR J 130 -1.58 -32.47 6.78
CA THR J 130 -0.84 -33.09 5.71
C THR J 130 -1.80 -33.37 4.55
N PHE J 131 -1.35 -33.05 3.33
CA PHE J 131 -2.11 -33.35 2.12
C PHE J 131 -1.47 -34.52 1.41
N GLN J 132 -2.25 -35.23 0.59
CA GLN J 132 -1.72 -36.32 -0.22
C GLN J 132 -0.93 -35.75 -1.39
N TYR J 133 0.40 -35.67 -1.25
CA TYR J 133 1.22 -35.13 -2.32
C TYR J 133 1.40 -36.14 -3.44
N GLY J 134 1.15 -37.43 -3.15
CA GLY J 134 1.22 -38.44 -4.18
C GLY J 134 0.07 -38.36 -5.17
N SER J 135 -1.09 -37.91 -4.72
CA SER J 135 -2.25 -37.74 -5.57
C SER J 135 -2.57 -36.25 -5.75
N ARG J 136 -3.69 -35.98 -6.42
CA ARG J 136 -4.05 -34.62 -6.78
C ARG J 136 -4.56 -33.84 -5.57
N LEU J 137 -4.45 -32.51 -5.64
CA LEU J 137 -5.04 -31.59 -4.67
C LEU J 137 -6.55 -31.67 -4.86
N PRO J 138 -7.35 -31.62 -3.79
CA PRO J 138 -8.80 -31.88 -3.93
C PRO J 138 -9.58 -30.90 -4.81
N THR J 139 -9.71 -29.63 -4.41
CA THR J 139 -10.22 -28.62 -5.34
C THR J 139 -9.28 -27.43 -5.47
N PHE J 140 -9.05 -26.74 -4.35
CA PHE J 140 -8.34 -25.47 -4.29
C PHE J 140 -8.11 -25.07 -2.84
N LEU J 141 -6.98 -24.46 -2.54
CA LEU J 141 -6.75 -23.92 -1.20
C LEU J 141 -6.95 -22.42 -1.20
N LYS J 142 -7.90 -21.94 -0.38
CA LYS J 142 -8.21 -20.52 -0.29
C LYS J 142 -7.24 -19.83 0.66
N HIS J 143 -7.15 -18.51 0.51
CA HIS J 143 -6.19 -17.73 1.30
C HIS J 143 -6.70 -17.47 2.71
N LYS J 144 -7.92 -16.94 2.82
CA LYS J 144 -8.43 -16.49 4.12
C LYS J 144 -8.82 -17.64 5.03
N SER J 145 -9.07 -18.83 4.49
CA SER J 145 -9.40 -19.98 5.31
C SER J 145 -8.14 -20.56 5.95
N ILE J 146 -7.11 -20.78 5.14
CA ILE J 146 -5.84 -21.34 5.61
C ILE J 146 -5.14 -20.33 6.51
N CYS J 147 -5.28 -19.04 6.19
CA CYS J 147 -4.71 -17.98 7.03
C CYS J 147 -5.36 -17.93 8.40
N SER J 148 -6.69 -18.06 8.44
CA SER J 148 -7.38 -18.10 9.73
C SER J 148 -7.11 -19.40 10.48
N CYS J 149 -6.81 -20.48 9.77
CA CYS J 149 -6.44 -21.73 10.43
C CYS J 149 -5.04 -21.64 11.04
N VAL J 150 -4.11 -20.96 10.36
CA VAL J 150 -2.77 -20.73 10.92
C VAL J 150 -2.85 -19.78 12.10
N ASN J 151 -3.73 -18.76 12.01
CA ASN J 151 -3.96 -17.85 13.13
C ASN J 151 -4.65 -18.55 14.29
N ARG J 152 -5.38 -19.63 13.99
CA ARG J 152 -5.99 -20.45 15.03
C ARG J 152 -5.01 -21.45 15.63
N GLY J 153 -3.85 -21.67 15.00
CA GLY J 153 -3.11 -22.88 15.28
C GLY J 153 -2.51 -23.55 14.07
N VAL J 154 -3.08 -24.70 13.70
CA VAL J 154 -2.59 -25.75 12.81
C VAL J 154 -1.91 -25.26 11.53
N LYS J 155 -0.70 -25.76 11.27
CA LYS J 155 0.10 -25.34 10.13
C LYS J 155 0.10 -26.42 9.06
N LEU J 156 0.54 -26.08 7.86
CA LEU J 156 0.61 -27.03 6.76
C LEU J 156 1.98 -27.72 6.76
N GLU J 157 2.02 -28.94 6.23
CA GLU J 157 3.22 -29.78 6.29
C GLU J 157 3.57 -30.31 4.90
N ILE J 158 4.83 -30.13 4.51
CA ILE J 158 5.35 -30.53 3.21
C ILE J 158 6.31 -31.70 3.39
N VAL J 159 6.07 -32.77 2.62
CA VAL J 159 6.79 -34.03 2.75
C VAL J 159 7.73 -34.16 1.56
N TYR J 160 8.98 -33.75 1.74
CA TYR J 160 9.94 -33.78 0.63
C TYR J 160 10.44 -35.19 0.31
N GLY J 161 10.09 -36.20 1.12
CA GLY J 161 10.54 -37.54 0.86
C GLY J 161 9.64 -38.29 -0.11
N TYR J 162 8.43 -37.75 -0.33
CA TYR J 162 7.50 -38.38 -1.27
C TYR J 162 7.90 -38.18 -2.73
N ALA J 163 8.72 -37.18 -3.03
CA ALA J 163 9.24 -36.97 -4.38
C ALA J 163 10.35 -37.95 -4.73
N LEU J 164 10.97 -38.57 -3.73
CA LEU J 164 12.03 -39.55 -3.93
C LEU J 164 11.48 -40.95 -4.23
N ARG J 165 10.16 -41.11 -4.28
CA ARG J 165 9.56 -42.42 -4.50
C ARG J 165 9.56 -42.80 -5.97
N ASP J 166 8.87 -42.02 -6.80
CA ASP J 166 8.69 -42.33 -8.21
C ASP J 166 9.09 -41.14 -9.08
N VAL J 167 8.97 -41.33 -10.39
CA VAL J 167 9.33 -40.33 -11.38
C VAL J 167 8.13 -39.44 -11.67
N GLN J 168 6.97 -40.06 -11.85
CA GLN J 168 5.73 -39.36 -12.20
C GLN J 168 5.21 -38.53 -11.04
N ALA J 169 5.54 -38.93 -9.80
CA ALA J 169 4.97 -38.29 -8.63
C ALA J 169 5.59 -36.93 -8.37
N ARG J 170 6.75 -36.63 -8.98
CA ARG J 170 7.46 -35.38 -8.73
C ARG J 170 6.69 -34.18 -9.27
N ARG J 171 6.04 -34.35 -10.44
CA ARG J 171 5.28 -33.26 -11.05
C ARG J 171 4.07 -32.90 -10.21
N GLN J 172 3.32 -33.91 -9.75
CA GLN J 172 2.18 -33.68 -8.87
C GLN J 172 2.61 -33.13 -7.52
N PHE J 173 3.79 -33.57 -7.03
CA PHE J 173 4.33 -33.05 -5.78
C PHE J 173 4.64 -31.57 -5.86
N VAL J 174 5.35 -31.14 -6.92
CA VAL J 174 5.68 -29.73 -7.06
C VAL J 174 4.43 -28.90 -7.34
N SER J 175 3.49 -29.44 -8.10
CA SER J 175 2.23 -28.74 -8.37
C SER J 175 1.38 -28.58 -7.11
N ASN J 176 1.53 -29.50 -6.15
CA ASN J 176 0.84 -29.35 -4.87
C ASN J 176 1.59 -28.36 -3.97
N VAL J 177 2.92 -28.46 -3.93
CA VAL J 177 3.72 -27.70 -2.96
C VAL J 177 3.74 -26.21 -3.31
N ARG J 178 3.78 -25.87 -4.61
CA ARG J 178 3.75 -24.46 -5.00
C ARG J 178 2.42 -23.82 -4.64
N SER J 179 1.32 -24.58 -4.79
CA SER J 179 0.01 -24.07 -4.41
C SER J 179 -0.13 -23.95 -2.90
N VAL J 180 0.49 -24.88 -2.15
CA VAL J 180 0.48 -24.81 -0.69
C VAL J 180 1.25 -23.60 -0.19
N ILE J 181 2.43 -23.34 -0.77
CA ILE J 181 3.24 -22.19 -0.37
C ILE J 181 2.56 -20.88 -0.77
N ARG J 182 1.87 -20.88 -1.91
CA ARG J 182 1.17 -19.68 -2.35
C ARG J 182 -0.05 -19.37 -1.48
N SER J 183 -0.87 -20.39 -1.21
CA SER J 183 -2.10 -20.17 -0.45
C SER J 183 -1.89 -20.10 1.06
N SER J 184 -0.74 -20.54 1.56
CA SER J 184 -0.45 -20.51 2.99
C SER J 184 0.18 -19.22 3.45
N ARG J 185 0.55 -18.32 2.52
CA ARG J 185 1.21 -17.03 2.77
C ARG J 185 2.54 -17.18 3.50
N SER J 186 3.20 -18.35 3.37
CA SER J 186 4.53 -18.64 3.90
C SER J 186 4.61 -18.51 5.43
N ARG J 187 3.47 -18.69 6.11
CA ARG J 187 3.44 -18.67 7.57
C ARG J 187 3.55 -20.08 8.13
N GLY J 188 2.59 -20.94 7.79
CA GLY J 188 2.52 -22.28 8.32
C GLY J 188 3.10 -23.36 7.42
N ILE J 189 4.42 -23.44 7.32
CA ILE J 189 5.09 -24.45 6.49
C ILE J 189 6.06 -25.21 7.40
N VAL J 190 5.77 -26.48 7.65
CA VAL J 190 6.66 -27.36 8.39
C VAL J 190 7.05 -28.50 7.44
N ILE J 191 8.35 -28.76 7.32
CA ILE J 191 8.82 -29.76 6.37
C ILE J 191 9.22 -31.03 7.10
N GLY J 192 9.03 -32.18 6.44
CA GLY J 192 9.37 -33.46 7.03
C GLY J 192 9.76 -34.46 5.97
N SER J 193 10.48 -35.50 6.40
CA SER J 193 11.00 -36.53 5.52
C SER J 193 10.18 -37.80 5.65
N GLY J 194 9.42 -38.10 4.62
CA GLY J 194 8.65 -39.34 4.57
C GLY J 194 9.39 -40.48 3.93
N ALA J 195 10.51 -40.89 4.54
CA ALA J 195 11.31 -41.98 4.01
C ALA J 195 11.03 -43.26 4.79
N MET J 196 10.92 -44.38 4.08
CA MET J 196 10.67 -45.68 4.71
C MET J 196 11.99 -46.43 4.85
N SER J 197 13.06 -45.85 4.33
CA SER J 197 14.36 -46.50 4.27
C SER J 197 15.45 -45.50 4.62
N PRO J 198 16.61 -45.93 5.12
CA PRO J 198 17.76 -45.04 5.28
C PRO J 198 18.44 -44.64 3.98
N LEU J 199 18.06 -45.26 2.87
CA LEU J 199 18.63 -45.04 1.55
C LEU J 199 18.05 -43.82 0.85
N GLU J 200 17.11 -43.12 1.51
CA GLU J 200 16.49 -41.91 0.98
C GLU J 200 16.66 -40.72 1.91
N CYS J 201 17.70 -40.74 2.74
CA CYS J 201 17.94 -39.69 3.72
C CYS J 201 18.82 -38.60 3.11
N ARG J 202 18.65 -37.38 3.63
CA ARG J 202 19.36 -36.21 3.11
C ARG J 202 19.96 -35.44 4.27
N ASN J 203 20.79 -34.45 3.93
CA ASN J 203 21.40 -33.53 4.88
C ASN J 203 20.60 -32.25 4.90
N ILE J 204 20.90 -31.37 5.87
CA ILE J 204 20.16 -30.12 6.05
C ILE J 204 20.35 -29.20 4.84
N LEU J 205 21.56 -29.20 4.26
CA LEU J 205 21.89 -28.20 3.24
C LEU J 205 21.33 -28.60 1.89
N GLY J 206 21.01 -29.89 1.71
CA GLY J 206 20.30 -30.32 0.52
C GLY J 206 18.80 -30.08 0.59
N VAL J 207 18.19 -30.29 1.76
CA VAL J 207 16.79 -29.98 1.95
C VAL J 207 16.56 -28.47 1.85
N THR J 208 17.51 -27.68 2.34
CA THR J 208 17.44 -26.22 2.20
C THR J 208 17.50 -25.81 0.73
N SER J 209 18.31 -26.51 -0.07
CA SER J 209 18.39 -26.23 -1.50
C SER J 209 17.10 -26.65 -2.22
N LEU J 210 16.49 -27.74 -1.77
CA LEU J 210 15.20 -28.16 -2.30
C LEU J 210 14.11 -27.12 -2.02
N ILE J 211 14.11 -26.58 -0.81
CA ILE J 211 13.12 -25.55 -0.44
C ILE J 211 13.41 -24.25 -1.20
N LYS J 212 14.69 -23.96 -1.47
CA LYS J 212 15.05 -22.85 -2.34
C LYS J 212 14.51 -23.04 -3.76
N ASN J 213 14.65 -24.23 -4.33
CA ASN J 213 14.23 -24.47 -5.69
C ASN J 213 12.72 -24.63 -5.82
N LEU J 214 12.01 -24.90 -4.72
CA LEU J 214 10.55 -24.95 -4.77
C LEU J 214 9.90 -23.58 -4.78
N GLY J 215 10.47 -22.60 -4.06
CA GLY J 215 9.94 -21.26 -4.09
C GLY J 215 9.95 -20.51 -2.77
N LEU J 216 10.24 -21.23 -1.68
CA LEU J 216 10.27 -20.60 -0.36
C LEU J 216 11.70 -20.16 -0.03
N PRO J 217 11.89 -19.00 0.64
CA PRO J 217 13.25 -18.54 0.94
C PRO J 217 14.03 -19.42 1.92
N SER J 218 15.32 -19.10 2.08
CA SER J 218 16.24 -19.97 2.82
C SER J 218 16.20 -19.69 4.32
N ASP J 219 16.16 -18.41 4.70
CA ASP J 219 16.12 -18.03 6.11
C ASP J 219 14.78 -18.43 6.71
N ARG J 220 13.73 -18.33 5.90
CA ARG J 220 12.41 -18.76 6.32
C ARG J 220 12.32 -20.28 6.39
N CYS J 221 13.17 -20.99 5.65
CA CYS J 221 13.24 -22.45 5.74
C CYS J 221 13.89 -22.91 7.04
N SER J 222 15.03 -22.31 7.39
CA SER J 222 15.70 -22.67 8.64
C SER J 222 14.93 -22.18 9.85
N LYS J 223 14.22 -21.06 9.70
CA LYS J 223 13.32 -20.61 10.75
C LYS J 223 12.13 -21.55 10.91
N ALA J 224 11.70 -22.18 9.82
CA ALA J 224 10.63 -23.17 9.89
C ALA J 224 11.07 -24.44 10.59
N MET J 225 12.37 -24.75 10.60
CA MET J 225 12.84 -25.94 11.31
C MET J 225 13.29 -25.60 12.73
N GLY J 226 13.59 -24.34 13.01
CA GLY J 226 13.95 -23.92 14.35
C GLY J 226 12.78 -23.44 15.18
N ASP J 227 12.03 -22.48 14.65
CA ASP J 227 10.88 -21.90 15.34
C ASP J 227 9.61 -22.72 15.12
N LEU J 228 9.27 -22.99 13.86
CA LEU J 228 7.94 -23.50 13.55
C LEU J 228 7.84 -25.01 13.79
N ALA J 229 8.97 -25.71 13.72
CA ALA J 229 8.96 -27.16 13.88
C ALA J 229 8.80 -27.56 15.34
N SER J 230 9.61 -26.95 16.22
CA SER J 230 9.63 -27.36 17.62
C SER J 230 8.49 -26.75 18.42
N LEU J 231 7.73 -25.81 17.87
CA LEU J 231 6.60 -25.23 18.58
C LEU J 231 5.35 -26.08 18.38
N VAL J 232 5.19 -26.68 17.19
CA VAL J 232 4.03 -27.51 16.96
C VAL J 232 4.24 -28.90 17.58
N LEU J 233 5.49 -29.24 17.90
CA LEU J 233 5.75 -30.36 18.79
C LEU J 233 5.23 -30.07 20.19
N LEU J 234 5.60 -28.91 20.74
CA LEU J 234 5.22 -28.49 22.08
C LEU J 234 3.72 -28.33 22.24
N ASN J 235 3.03 -27.91 21.17
CA ASN J 235 1.57 -27.76 21.16
C ASN J 235 0.87 -29.09 21.49
N GLY J 236 1.16 -30.13 20.71
CA GLY J 236 0.55 -31.44 20.98
C GLY J 236 1.09 -32.08 22.24
N ARG J 237 2.36 -31.80 22.58
CA ARG J 237 2.97 -32.38 23.77
C ARG J 237 2.35 -31.82 25.04
N LEU J 238 1.94 -30.56 25.01
CA LEU J 238 1.26 -29.98 26.17
C LEU J 238 -0.24 -30.29 26.13
N ARG J 239 -0.81 -30.48 24.93
CA ARG J 239 -2.23 -30.79 24.86
C ARG J 239 -2.53 -32.20 25.35
N ASN J 240 -1.66 -33.16 25.06
CA ASN J 240 -2.02 -34.54 25.35
C ASN J 240 -1.52 -35.01 26.72
N LYS J 241 -0.34 -34.56 27.15
CA LYS J 241 0.13 -34.90 28.48
C LYS J 241 -0.57 -34.04 29.53
N SER J 242 -0.48 -32.72 29.39
CA SER J 242 -1.06 -31.79 30.34
C SER J 242 -2.49 -31.42 29.97
N HIS J 243 -3.01 -30.36 30.58
CA HIS J 243 -4.31 -29.79 30.26
C HIS J 243 -4.19 -28.99 28.95
N LYS J 244 -5.25 -28.28 28.55
CA LYS J 244 -5.23 -27.58 27.27
C LYS J 244 -4.32 -26.36 27.31
N GLN J 245 -3.00 -26.61 27.27
CA GLN J 245 -1.94 -25.64 27.49
C GLN J 245 -2.13 -24.81 28.76
N THR J 246 -2.50 -25.46 29.87
CA THR J 246 -2.76 -24.71 31.10
C THR J 246 -1.84 -25.07 32.25
N ILE J 247 -1.82 -26.34 32.69
CA ILE J 247 -1.05 -26.75 33.86
C ILE J 247 -0.28 -28.02 33.53
N VAL J 248 1.04 -27.97 33.64
CA VAL J 248 1.93 -28.97 33.06
C VAL J 248 2.57 -29.82 34.15
N THR J 249 2.68 -31.12 33.91
CA THR J 249 3.37 -32.05 34.80
C THR J 249 4.85 -32.19 34.47
N GLY J 250 5.44 -31.18 33.83
CA GLY J 250 6.83 -31.25 33.40
C GLY J 250 7.76 -30.36 34.22
N GLY J 251 8.85 -30.93 34.72
CA GLY J 251 9.76 -30.20 35.58
C GLY J 251 10.60 -29.15 34.90
N GLY J 252 10.50 -27.91 35.38
CA GLY J 252 11.26 -26.80 34.86
C GLY J 252 12.62 -26.59 35.50
N SER J 253 13.59 -27.44 35.18
CA SER J 253 14.95 -27.22 35.68
C SER J 253 15.68 -26.19 34.82
N GLY J 254 16.99 -26.04 35.05
CA GLY J 254 17.78 -25.02 34.40
C GLY J 254 17.95 -25.18 32.91
N ASN J 255 18.72 -26.21 32.49
CA ASN J 255 18.90 -26.44 31.06
C ASN J 255 18.83 -27.91 30.68
N GLY J 256 18.49 -28.80 31.61
CA GLY J 256 18.45 -30.22 31.32
C GLY J 256 17.06 -30.81 31.22
N ASP J 257 16.16 -30.35 32.08
CA ASP J 257 14.80 -30.89 32.10
C ASP J 257 13.85 -29.95 31.36
N ASP J 258 13.08 -30.50 30.44
CA ASP J 258 12.09 -29.74 29.69
C ASP J 258 10.98 -30.71 29.30
N VAL J 259 9.82 -30.16 28.92
CA VAL J 259 8.71 -31.00 28.48
C VAL J 259 9.05 -31.65 27.14
N VAL J 260 9.75 -30.90 26.29
CA VAL J 260 10.22 -31.45 25.03
C VAL J 260 11.48 -32.29 25.21
N ASN J 261 12.46 -31.81 25.95
CA ASN J 261 13.78 -32.44 26.01
C ASN J 261 13.82 -33.63 26.96
N ASP J 262 13.20 -33.50 28.14
CA ASP J 262 13.21 -34.57 29.13
C ASP J 262 11.93 -35.39 29.07
N VAL J 263 11.95 -36.39 28.19
CA VAL J 263 10.83 -37.31 27.99
C VAL J 263 10.99 -38.50 28.93
N GLN J 264 12.22 -38.99 29.06
CA GLN J 264 12.51 -40.18 29.86
C GLN J 264 12.44 -39.91 31.36
N GLY J 265 12.68 -38.67 31.78
CA GLY J 265 12.62 -38.34 33.20
C GLY J 265 11.20 -38.09 33.68
N ILE J 266 10.24 -38.11 32.76
CA ILE J 266 8.83 -38.06 33.09
C ILE J 266 8.29 -39.48 33.00
N ASP J 267 7.60 -39.91 34.07
CA ASP J 267 6.97 -41.23 34.10
C ASP J 267 5.81 -41.21 33.11
N ASP J 268 6.00 -41.91 31.99
CA ASP J 268 4.99 -41.94 30.94
C ASP J 268 3.91 -42.99 31.22
N VAL J 269 3.89 -43.55 32.43
CA VAL J 269 2.80 -44.44 32.85
C VAL J 269 1.45 -43.73 32.85
N GLN J 270 1.26 -42.71 33.69
CA GLN J 270 0.04 -41.94 33.56
C GLN J 270 0.29 -40.48 33.23
N THR J 271 0.82 -39.71 34.18
CA THR J 271 1.22 -38.31 33.96
C THR J 271 2.55 -37.95 34.61
N ILE J 272 2.83 -38.53 35.78
CA ILE J 272 3.64 -37.92 36.82
C ILE J 272 5.13 -37.82 36.47
N LYS J 273 5.85 -37.04 37.27
CA LYS J 273 7.31 -36.91 37.16
C LYS J 273 7.89 -36.91 38.57
N VAL J 274 8.62 -37.96 38.92
CA VAL J 274 9.23 -38.05 40.24
C VAL J 274 10.47 -37.17 40.30
N VAL J 275 10.41 -36.12 41.11
CA VAL J 275 11.49 -35.17 41.27
C VAL J 275 11.86 -35.11 42.74
N LYS J 276 13.17 -35.16 43.04
CA LYS J 276 13.65 -35.04 44.41
C LYS J 276 13.42 -33.64 44.98
N ARG J 277 13.66 -33.48 46.29
CA ARG J 277 13.37 -32.23 46.98
C ARG J 277 14.42 -31.18 46.62
N SER J 278 14.19 -30.52 45.48
CA SER J 278 15.04 -29.42 45.03
C SER J 278 14.54 -28.05 45.50
N MET J 279 13.34 -27.98 46.09
CA MET J 279 12.76 -26.74 46.57
C MET J 279 12.52 -26.86 48.06
N ASP J 280 13.23 -26.06 48.86
CA ASP J 280 13.08 -26.02 50.31
C ASP J 280 12.67 -24.60 50.69
N ALA J 281 11.52 -24.47 51.35
CA ALA J 281 11.00 -23.17 51.73
C ALA J 281 11.63 -22.66 53.02
N GLU J 282 12.46 -23.49 53.66
CA GLU J 282 13.01 -23.13 54.95
C GLU J 282 14.14 -22.10 54.83
N GLN J 283 15.22 -22.47 54.14
CA GLN J 283 16.44 -21.66 54.13
C GLN J 283 16.96 -21.47 52.70
N LEU J 284 16.06 -21.11 51.78
CA LEU J 284 16.45 -20.79 50.41
C LEU J 284 15.83 -19.45 50.04
N GLY J 285 16.68 -18.46 49.75
CA GLY J 285 16.24 -17.14 49.36
C GLY J 285 16.39 -16.88 47.87
N HIS J 286 17.13 -15.83 47.53
CA HIS J 286 17.34 -15.46 46.13
C HIS J 286 18.32 -16.47 45.51
N ALA J 287 18.32 -16.59 44.19
CA ALA J 287 19.13 -17.58 43.50
C ALA J 287 20.61 -17.20 43.49
N SER J 288 20.91 -15.91 43.35
CA SER J 288 22.30 -15.46 43.35
C SER J 288 22.90 -15.40 44.75
N LYS J 289 22.09 -15.52 45.80
CA LYS J 289 22.58 -15.50 47.17
C LYS J 289 22.74 -16.89 47.76
N ARG J 290 22.43 -17.95 47.02
CA ARG J 290 22.59 -19.30 47.52
C ARG J 290 24.06 -19.71 47.52
N HIS J 291 24.37 -20.74 48.30
CA HIS J 291 25.72 -21.28 48.37
C HIS J 291 25.77 -22.80 48.25
N LYS J 292 24.69 -23.52 48.51
CA LYS J 292 24.67 -24.97 48.40
C LYS J 292 24.53 -25.45 46.95
N PRO J 293 23.63 -24.87 46.10
CA PRO J 293 23.76 -25.38 44.72
C PRO J 293 24.87 -24.68 43.95
N ASN K 17 -46.90 -36.94 50.09
CA ASN K 17 -46.51 -35.62 49.59
C ASN K 17 -45.66 -35.74 48.33
N GLY K 18 -44.79 -36.74 48.30
CA GLY K 18 -43.92 -36.91 47.13
C GLY K 18 -43.03 -38.13 47.27
N THR K 19 -41.90 -38.07 46.58
CA THR K 19 -40.94 -39.17 46.50
C THR K 19 -39.73 -38.86 47.37
N LEU K 20 -39.32 -39.85 48.16
CA LEU K 20 -38.19 -39.71 49.08
C LEU K 20 -36.99 -40.41 48.47
N LEU K 21 -36.05 -39.63 47.95
CA LEU K 21 -34.82 -40.14 47.36
C LEU K 21 -33.62 -39.46 48.02
N VAL K 22 -32.73 -40.27 48.58
CA VAL K 22 -31.56 -39.76 49.30
C VAL K 22 -30.30 -40.22 48.58
N PRO K 23 -29.68 -39.39 47.74
CA PRO K 23 -28.44 -39.80 47.05
C PRO K 23 -27.20 -39.42 47.84
N PRO K 24 -26.32 -40.39 48.12
CA PRO K 24 -24.96 -40.05 48.56
C PRO K 24 -23.87 -40.03 47.47
N PRO K 25 -24.16 -40.11 46.10
CA PRO K 25 -23.07 -39.69 45.19
C PRO K 25 -22.86 -38.20 45.10
N ARG K 26 -22.03 -37.66 46.01
CA ARG K 26 -21.53 -36.29 45.91
C ARG K 26 -20.76 -36.08 44.60
N THR K 27 -20.89 -34.89 44.01
CA THR K 27 -20.24 -34.62 42.74
C THR K 27 -18.86 -34.01 42.97
N ILE K 28 -17.93 -34.30 42.05
CA ILE K 28 -16.51 -33.98 42.20
C ILE K 28 -16.26 -32.49 42.05
N ALA K 29 -17.01 -31.84 41.16
CA ALA K 29 -16.82 -30.41 40.91
C ALA K 29 -17.30 -29.57 42.09
N ASN K 30 -18.42 -29.97 42.69
CA ASN K 30 -18.91 -29.27 43.89
C ASN K 30 -17.96 -29.46 45.06
N GLN K 31 -17.36 -30.65 45.18
CA GLN K 31 -16.35 -30.87 46.22
C GLN K 31 -15.11 -30.02 45.98
N ASP K 32 -14.72 -29.84 44.71
CA ASP K 32 -13.59 -28.96 44.38
C ASP K 32 -13.89 -27.51 44.74
N HIS K 33 -15.09 -27.04 44.39
CA HIS K 33 -15.47 -25.65 44.71
C HIS K 33 -15.58 -25.42 46.22
N PHE K 34 -16.17 -26.36 46.96
CA PHE K 34 -16.31 -26.14 48.40
C PHE K 34 -14.98 -26.31 49.12
N HIS K 35 -14.08 -27.15 48.59
CA HIS K 35 -12.73 -27.20 49.16
C HIS K 35 -11.97 -25.89 48.89
N ARG K 36 -12.19 -25.29 47.72
CA ARG K 36 -11.58 -23.99 47.42
C ARG K 36 -12.11 -22.90 48.36
N LEU K 37 -13.43 -22.86 48.57
CA LEU K 37 -14.04 -21.90 49.49
C LEU K 37 -13.56 -22.10 50.92
N ASN K 38 -13.47 -23.36 51.35
CA ASN K 38 -13.09 -23.65 52.73
C ASN K 38 -11.61 -23.35 52.96
N TYR K 39 -10.78 -23.59 51.93
CA TYR K 39 -9.36 -23.25 52.05
C TYR K 39 -9.15 -21.74 52.12
N LEU K 40 -9.91 -20.97 51.33
CA LEU K 40 -9.82 -19.51 51.42
C LEU K 40 -10.29 -19.00 52.77
N TYR K 41 -11.38 -19.58 53.31
CA TYR K 41 -11.87 -19.17 54.61
C TYR K 41 -10.89 -19.52 55.72
N GLN K 42 -10.27 -20.70 55.65
CA GLN K 42 -9.29 -21.11 56.66
C GLN K 42 -8.04 -20.27 56.61
N ILE K 43 -7.54 -19.93 55.41
CA ILE K 43 -6.31 -19.15 55.34
C ILE K 43 -6.58 -17.69 55.76
N SER K 44 -7.78 -17.17 55.47
CA SER K 44 -8.12 -15.82 55.92
C SER K 44 -8.27 -15.77 57.44
N ALA K 45 -8.94 -16.78 58.02
CA ALA K 45 -9.11 -16.83 59.47
C ALA K 45 -7.78 -17.03 60.19
N TYR K 46 -6.88 -17.83 59.61
CA TYR K 46 -5.62 -18.08 60.30
C TYR K 46 -4.68 -16.88 60.18
N GLN K 47 -4.72 -16.16 59.04
CA GLN K 47 -4.01 -14.89 58.94
C GLN K 47 -4.50 -13.90 59.97
N THR K 48 -5.83 -13.77 60.10
CA THR K 48 -6.42 -12.82 61.03
C THR K 48 -6.06 -13.16 62.48
N ARG K 49 -6.09 -14.44 62.84
CA ARG K 49 -5.82 -14.83 64.22
C ARG K 49 -4.33 -14.75 64.55
N ALA K 50 -3.46 -15.14 63.59
CA ALA K 50 -2.02 -15.07 63.81
C ALA K 50 -1.54 -13.63 63.88
N ARG K 51 -2.25 -12.71 63.20
CA ARG K 51 -1.94 -11.30 63.34
C ARG K 51 -2.54 -10.71 64.60
N GLN K 52 -3.70 -11.20 65.03
CA GLN K 52 -4.43 -10.55 66.12
C GLN K 52 -3.86 -10.94 67.48
N LYS K 53 -3.37 -12.18 67.60
CA LYS K 53 -2.82 -12.63 68.88
C LYS K 53 -1.50 -11.95 69.20
N ALA K 54 -0.66 -11.72 68.18
CA ALA K 54 0.68 -11.18 68.42
C ALA K 54 0.67 -9.67 68.66
N ARG K 55 0.18 -8.89 67.70
CA ARG K 55 0.27 -7.44 67.80
C ARG K 55 -0.88 -6.73 67.07
N THR K 56 -0.73 -5.42 66.86
CA THR K 56 -1.77 -4.57 66.27
C THR K 56 -2.09 -4.92 64.82
N ASP K 57 -3.07 -4.20 64.24
CA ASP K 57 -3.66 -4.51 62.94
C ASP K 57 -2.64 -4.18 61.85
N ALA K 58 -1.85 -5.17 61.46
CA ALA K 58 -0.81 -5.00 60.46
C ALA K 58 -1.35 -5.16 59.04
N HIS K 59 -1.86 -6.35 58.71
CA HIS K 59 -2.34 -6.61 57.35
C HIS K 59 -3.81 -6.98 57.32
N THR K 60 -4.63 -6.28 58.12
CA THR K 60 -6.08 -6.43 58.08
C THR K 60 -6.79 -6.10 56.75
N PRO K 61 -6.27 -5.32 55.80
CA PRO K 61 -6.90 -5.35 54.45
C PRO K 61 -6.54 -6.55 53.60
N LEU K 62 -5.63 -7.42 54.05
CA LEU K 62 -5.22 -8.58 53.27
C LEU K 62 -6.22 -9.72 53.34
N ALA K 63 -6.48 -10.25 54.55
CA ALA K 63 -7.28 -11.46 54.73
C ALA K 63 -8.71 -11.26 54.24
N ARG K 64 -9.27 -10.07 54.47
CA ARG K 64 -10.57 -9.62 53.98
C ARG K 64 -10.72 -9.85 52.48
N ASN K 65 -9.63 -9.56 51.73
CA ASN K 65 -9.57 -9.78 50.29
C ASN K 65 -9.95 -11.20 49.92
N TYR K 66 -9.37 -12.18 50.64
CA TYR K 66 -9.68 -13.59 50.41
C TYR K 66 -11.17 -13.86 50.56
N ILE K 67 -11.76 -13.32 51.63
CA ILE K 67 -13.19 -13.49 51.90
C ILE K 67 -14.02 -12.92 50.77
N LYS K 68 -13.59 -11.74 50.25
CA LYS K 68 -14.29 -11.11 49.14
C LYS K 68 -14.23 -12.00 47.91
N SER K 69 -13.03 -12.54 47.62
CA SER K 69 -12.88 -13.45 46.49
C SER K 69 -13.70 -14.70 46.72
N MET K 70 -13.76 -15.16 47.98
CA MET K 70 -14.59 -16.29 48.37
C MET K 70 -16.04 -16.05 48.02
N ASP K 71 -16.55 -14.85 48.36
CA ASP K 71 -17.94 -14.54 48.09
C ASP K 71 -18.19 -14.41 46.60
N LEU K 72 -17.17 -13.99 45.85
CA LEU K 72 -17.35 -13.88 44.41
C LEU K 72 -17.39 -15.26 43.76
N ILE K 73 -16.71 -16.24 44.37
CA ILE K 73 -16.85 -17.61 43.90
C ILE K 73 -18.25 -18.13 44.23
N SER K 74 -18.83 -17.62 45.31
CA SER K 74 -20.21 -17.95 45.64
C SER K 74 -21.19 -17.33 44.64
N LYS K 75 -20.73 -16.32 43.87
CA LYS K 75 -21.54 -15.82 42.77
C LYS K 75 -21.42 -16.73 41.55
N LYS K 76 -20.27 -17.37 41.37
CA LYS K 76 -20.02 -18.10 40.12
C LYS K 76 -20.67 -19.47 40.13
N THR K 77 -20.50 -20.23 41.21
CA THR K 77 -21.03 -21.59 41.30
C THR K 77 -22.48 -21.59 41.77
N LYS K 78 -23.01 -20.44 42.19
CA LYS K 78 -24.35 -20.22 42.75
C LYS K 78 -24.62 -21.08 43.97
N THR K 79 -23.60 -21.37 44.78
CA THR K 79 -23.79 -22.18 45.97
C THR K 79 -24.19 -21.31 47.16
N SER K 80 -24.68 -21.96 48.20
CA SER K 80 -25.15 -21.30 49.41
C SER K 80 -24.29 -21.76 50.58
N LEU K 81 -24.21 -20.93 51.63
CA LEU K 81 -23.44 -21.25 52.81
C LEU K 81 -24.36 -21.34 54.04
N LEU K 82 -23.84 -21.94 55.12
CA LEU K 82 -24.52 -21.89 56.41
C LEU K 82 -24.57 -20.45 56.93
N PRO K 83 -25.56 -20.09 57.79
CA PRO K 83 -25.57 -18.73 58.34
C PRO K 83 -24.47 -18.47 59.37
N THR K 84 -23.70 -19.49 59.76
CA THR K 84 -22.53 -19.26 60.60
C THR K 84 -21.44 -18.51 59.85
N ILE K 85 -21.19 -18.90 58.59
CA ILE K 85 -20.18 -18.23 57.77
C ILE K 85 -20.61 -16.81 57.43
N LYS K 86 -21.85 -16.64 56.97
CA LYS K 86 -22.33 -15.31 56.57
C LYS K 86 -22.55 -14.43 57.80
N ARG K 87 -22.79 -15.03 58.96
CA ARG K 87 -22.85 -14.28 60.21
C ARG K 87 -21.46 -13.86 60.66
N THR K 88 -20.45 -14.68 60.38
CA THR K 88 -19.07 -14.36 60.71
C THR K 88 -18.55 -13.24 59.81
N ILE K 89 -18.70 -13.40 58.50
CA ILE K 89 -18.19 -12.41 57.55
C ILE K 89 -19.14 -11.22 57.50
N CYS K 90 -18.68 -10.12 56.92
CA CYS K 90 -19.52 -8.94 56.80
C CYS K 90 -20.31 -9.00 55.49
N LYS K 91 -21.09 -7.94 55.24
CA LYS K 91 -21.97 -7.87 54.07
C LYS K 91 -21.47 -6.89 53.02
N LYS K 92 -20.93 -5.74 53.43
CA LYS K 92 -20.47 -4.74 52.47
C LYS K 92 -18.99 -4.87 52.17
N CYS K 93 -18.13 -4.76 53.18
CA CYS K 93 -16.70 -4.88 52.95
C CYS K 93 -16.25 -6.33 53.03
N HIS K 94 -17.10 -7.21 53.58
CA HIS K 94 -16.90 -8.65 53.70
C HIS K 94 -15.65 -9.00 54.50
N ARG K 95 -15.59 -8.56 55.75
CA ARG K 95 -14.47 -8.85 56.63
C ARG K 95 -14.91 -9.77 57.76
N LEU K 96 -13.94 -10.41 58.40
CA LEU K 96 -14.24 -11.30 59.52
C LEU K 96 -14.54 -10.51 60.78
N LEU K 97 -15.61 -10.89 61.46
CA LEU K 97 -16.01 -10.22 62.69
C LEU K 97 -15.58 -10.95 63.95
N TRP K 98 -14.39 -11.58 63.94
CA TRP K 98 -13.91 -12.25 65.14
C TRP K 98 -13.46 -11.24 66.18
N THR K 99 -13.09 -10.04 65.75
CA THR K 99 -12.80 -8.92 66.65
C THR K 99 -13.68 -7.75 66.23
N PRO K 100 -14.91 -7.66 66.73
CA PRO K 100 -15.78 -6.54 66.34
C PRO K 100 -15.55 -5.31 67.21
N LYS K 101 -16.30 -4.23 66.93
CA LYS K 101 -16.11 -2.99 67.69
C LYS K 101 -16.84 -3.04 69.02
N LYS K 102 -18.17 -3.12 68.99
CA LYS K 102 -18.97 -3.08 70.22
C LYS K 102 -20.15 -4.02 70.07
N LEU K 103 -20.64 -4.53 71.20
CA LEU K 103 -21.86 -5.33 71.24
C LEU K 103 -22.80 -4.70 72.26
N GLU K 104 -23.98 -4.28 71.81
CA GLU K 104 -24.97 -3.66 72.67
C GLU K 104 -26.28 -4.45 72.61
N ILE K 105 -26.99 -4.48 73.73
CA ILE K 105 -28.25 -5.20 73.84
C ILE K 105 -29.19 -4.37 74.72
N THR K 106 -30.49 -4.52 74.44
CA THR K 106 -31.60 -3.86 75.17
C THR K 106 -31.49 -2.34 75.18
N SER K 107 -30.93 -1.77 74.12
CA SER K 107 -30.84 -0.32 73.97
C SER K 107 -32.02 0.19 73.13
N ASP K 108 -33.23 -0.07 73.66
CA ASP K 108 -34.55 0.19 73.12
C ASP K 108 -34.85 -0.64 71.85
N GLY K 109 -33.97 -1.56 71.46
CA GLY K 109 -34.22 -2.44 70.33
C GLY K 109 -34.07 -3.89 70.71
N ALA K 110 -33.31 -4.65 69.92
CA ALA K 110 -33.08 -6.05 70.24
C ALA K 110 -31.60 -6.32 70.52
N LEU K 111 -30.74 -5.98 69.56
CA LEU K 111 -29.30 -6.27 69.64
C LEU K 111 -28.61 -5.45 68.56
N SER K 112 -27.34 -5.16 68.77
CA SER K 112 -26.54 -4.47 67.77
C SER K 112 -25.07 -4.84 67.92
N VAL K 113 -24.44 -5.12 66.78
CA VAL K 113 -23.01 -5.43 66.73
C VAL K 113 -22.34 -4.44 65.78
N MET K 114 -21.54 -3.53 66.32
CA MET K 114 -20.87 -2.53 65.50
C MET K 114 -19.52 -3.05 65.00
N CYS K 115 -19.10 -2.54 63.85
CA CYS K 115 -17.83 -2.92 63.25
C CYS K 115 -16.92 -1.69 63.12
N GLY K 116 -15.74 -1.93 62.54
CA GLY K 116 -14.80 -0.83 62.34
C GLY K 116 -15.18 0.05 61.16
N CYS K 117 -15.73 -0.55 60.11
CA CYS K 117 -16.13 0.20 58.93
C CYS K 117 -17.44 0.94 59.10
N GLY K 118 -18.25 0.58 60.08
CA GLY K 118 -19.53 1.22 60.32
C GLY K 118 -20.73 0.38 59.94
N THR K 119 -20.53 -0.73 59.23
CA THR K 119 -21.63 -1.61 58.86
C THR K 119 -21.96 -2.55 60.01
N VAL K 120 -23.21 -2.54 60.45
CA VAL K 120 -23.66 -3.31 61.60
C VAL K 120 -24.45 -4.52 61.10
N LYS K 121 -24.43 -5.60 61.89
CA LYS K 121 -25.21 -6.80 61.62
C LYS K 121 -26.02 -7.12 62.89
N ARG K 122 -27.26 -6.66 62.92
CA ARG K 122 -28.10 -6.80 64.09
C ARG K 122 -29.04 -7.98 63.95
N PHE K 123 -29.59 -8.44 65.07
CA PHE K 123 -30.45 -9.61 65.12
C PHE K 123 -31.66 -9.33 66.00
N ASN K 124 -32.83 -9.78 65.55
CA ASN K 124 -34.06 -9.63 66.33
C ASN K 124 -34.07 -10.69 67.42
N ILE K 125 -33.52 -10.35 68.59
CA ILE K 125 -33.35 -11.28 69.68
C ILE K 125 -34.30 -10.98 70.83
N GLY K 126 -34.89 -9.78 70.86
CA GLY K 126 -35.77 -9.41 71.95
C GLY K 126 -37.23 -9.79 71.72
N ALA K 127 -37.51 -10.46 70.60
CA ALA K 127 -38.89 -10.84 70.30
C ALA K 127 -39.29 -12.08 71.08
N ASP K 128 -38.60 -13.20 70.84
CA ASP K 128 -38.90 -14.48 71.48
C ASP K 128 -37.70 -15.43 71.40
N PRO K 129 -37.53 -16.32 72.38
CA PRO K 129 -36.47 -17.33 72.25
C PRO K 129 -36.92 -18.53 71.44
N ASN K 130 -36.06 -19.56 71.38
CA ASN K 130 -36.29 -20.85 70.74
C ASN K 130 -36.55 -20.67 69.24
N TYR K 131 -35.88 -19.69 68.64
CA TYR K 131 -35.93 -19.52 67.18
C TYR K 131 -34.61 -19.99 66.60
N ARG K 132 -34.66 -21.01 65.74
CA ARG K 132 -33.47 -21.57 65.12
C ARG K 132 -33.53 -21.34 63.62
N THR K 133 -32.35 -21.34 62.99
CA THR K 133 -32.26 -21.22 61.54
C THR K 133 -32.64 -22.54 60.89
N TYR K 134 -32.83 -22.52 59.57
CA TYR K 134 -33.32 -23.70 58.85
C TYR K 134 -32.28 -24.81 58.80
N SER K 135 -31.00 -24.46 58.90
CA SER K 135 -29.95 -25.47 58.93
C SER K 135 -29.67 -25.98 60.34
N GLU K 136 -30.31 -25.41 61.36
CA GLU K 136 -29.99 -25.74 62.75
C GLU K 136 -31.12 -26.54 63.37
N ARG K 137 -32.17 -26.79 62.60
CA ARG K 137 -33.34 -27.55 63.06
C ARG K 137 -32.97 -29.02 63.22
N GLU K 138 -33.82 -29.80 63.90
CA GLU K 138 -33.50 -31.16 64.31
C GLU K 138 -33.30 -32.11 63.13
N GLY K 139 -34.35 -32.43 62.38
CA GLY K 139 -34.13 -33.12 61.15
C GLY K 139 -34.35 -32.27 59.91
N ASN K 140 -33.28 -31.65 59.42
CA ASN K 140 -33.22 -31.05 58.09
C ASN K 140 -31.83 -31.24 57.50
N LEU K 141 -30.93 -31.83 58.28
CA LEU K 141 -29.51 -31.77 58.02
C LEU K 141 -28.87 -33.15 58.18
N LEU K 142 -27.97 -33.48 57.25
CA LEU K 142 -27.22 -34.74 57.30
C LEU K 142 -25.76 -34.37 57.04
N ASN K 143 -24.90 -34.70 58.01
CA ASN K 143 -23.49 -34.35 57.94
C ASN K 143 -22.76 -35.22 56.92
N SER K 144 -21.68 -34.67 56.35
CA SER K 144 -20.82 -35.31 55.34
C SER K 144 -21.60 -35.79 54.11
#